data_7RFD
# 
_entry.id   7RFD 
# 
_audit_conform.dict_name       mmcif_pdbx.dic 
_audit_conform.dict_version    5.398 
_audit_conform.dict_location   http://mmcif.pdb.org/dictionaries/ascii/mmcif_pdbx.dic 
# 
loop_
_database_2.database_id 
_database_2.database_code 
_database_2.pdbx_database_accession 
_database_2.pdbx_DOI 
PDB   7RFD         pdb_00007rfd 10.2210/pdb7rfd/pdb 
WWPDB D_1000258017 ?            ?                   
# 
loop_
_pdbx_audit_revision_history.ordinal 
_pdbx_audit_revision_history.data_content_type 
_pdbx_audit_revision_history.major_revision 
_pdbx_audit_revision_history.minor_revision 
_pdbx_audit_revision_history.revision_date 
1 'Structure model' 1 0 2021-09-29 
2 'Structure model' 1 1 2021-11-24 
3 'Structure model' 1 2 2021-12-01 
4 'Structure model' 1 3 2021-12-08 
5 'Structure model' 1 4 2023-10-18 
6 'Structure model' 1 5 2023-11-15 
7 'Structure model' 1 6 2024-11-06 
# 
_pdbx_audit_revision_details.ordinal             1 
_pdbx_audit_revision_details.revision_ordinal    1 
_pdbx_audit_revision_details.data_content_type   'Structure model' 
_pdbx_audit_revision_details.provider            repository 
_pdbx_audit_revision_details.type                'Initial release' 
_pdbx_audit_revision_details.description         ? 
_pdbx_audit_revision_details.details             ? 
# 
loop_
_pdbx_audit_revision_group.ordinal 
_pdbx_audit_revision_group.revision_ordinal 
_pdbx_audit_revision_group.data_content_type 
_pdbx_audit_revision_group.group 
1 2 'Structure model' 'Database references'    
2 3 'Structure model' 'Database references'    
3 4 'Structure model' 'Database references'    
4 5 'Structure model' 'Data collection'        
5 5 'Structure model' 'Refinement description' 
6 6 'Structure model' 'Data collection'        
7 7 'Structure model' 'Structure summary'      
# 
loop_
_pdbx_audit_revision_category.ordinal 
_pdbx_audit_revision_category.revision_ordinal 
_pdbx_audit_revision_category.data_content_type 
_pdbx_audit_revision_category.category 
1  2 'Structure model' citation                      
2  2 'Structure model' citation_author               
3  3 'Structure model' citation                      
4  4 'Structure model' citation                      
5  5 'Structure model' chem_comp_atom                
6  5 'Structure model' chem_comp_bond                
7  5 'Structure model' pdbx_initial_refinement_model 
8  6 'Structure model' chem_comp_atom                
9  6 'Structure model' chem_comp_bond                
10 7 'Structure model' pdbx_entry_details            
11 7 'Structure model' pdbx_modification_feature     
# 
loop_
_pdbx_audit_revision_item.ordinal 
_pdbx_audit_revision_item.revision_ordinal 
_pdbx_audit_revision_item.data_content_type 
_pdbx_audit_revision_item.item 
1  2 'Structure model' '_citation.country'                            
2  2 'Structure model' '_citation.journal_abbrev'                     
3  2 'Structure model' '_citation.journal_id_ASTM'                    
4  2 'Structure model' '_citation.journal_id_CSD'                     
5  2 'Structure model' '_citation.journal_id_ISSN'                    
6  2 'Structure model' '_citation.pdbx_database_id_DOI'               
7  2 'Structure model' '_citation.title'                              
8  2 'Structure model' '_citation.year'                               
9  3 'Structure model' '_citation.pdbx_database_id_PubMed'            
10 3 'Structure model' '_citation.title'                              
11 4 'Structure model' '_citation.journal_volume'                     
12 4 'Structure model' '_citation.page_first'                         
13 4 'Structure model' '_citation.page_last'                          
14 6 'Structure model' '_chem_comp_atom.atom_id'                      
15 6 'Structure model' '_chem_comp_bond.atom_id_2'                    
16 7 'Structure model' '_pdbx_entry_details.has_protein_modification' 
# 
_pdbx_database_status.status_code                     REL 
_pdbx_database_status.status_code_sf                  REL 
_pdbx_database_status.status_code_mr                  ? 
_pdbx_database_status.entry_id                        7RFD 
_pdbx_database_status.recvd_initial_deposition_date   2021-07-14 
_pdbx_database_status.SG_entry                        N 
_pdbx_database_status.deposit_site                    RCSB 
_pdbx_database_status.process_site                    RCSB 
_pdbx_database_status.status_code_cs                  ? 
_pdbx_database_status.status_code_nmr_data            ? 
_pdbx_database_status.methods_development_category    ? 
_pdbx_database_status.pdb_format_compatible           Y 
# 
_pdbx_database_related.db_name        PDB 
_pdbx_database_related.details        . 
_pdbx_database_related.db_id          7N3J 
_pdbx_database_related.content_type   unspecified 
# 
loop_
_audit_author.name 
_audit_author.pdbx_ordinal 
_audit_author.identifier_ORCID 
'Frkic, R.L.'   1 0000-0003-0071-9018 
'Otting, G.'    2 0000-0002-0563-0146 
'Jackson, C.J.' 3 0000-0001-6150-3822 
# 
_citation.abstract                  ? 
_citation.abstract_id_CAS           ? 
_citation.book_id_ISBN              ? 
_citation.book_publisher            ? 
_citation.book_publisher_city       ? 
_citation.book_title                ? 
_citation.coordinate_linkage        ? 
_citation.country                   US 
_citation.database_id_Medline       ? 
_citation.details                   ? 
_citation.id                        primary 
_citation.journal_abbrev            J.Am.Chem.Soc. 
_citation.journal_id_ASTM           JACSAT 
_citation.journal_id_CSD            ? 
_citation.journal_id_ISSN           1520-5126 
_citation.journal_full              ? 
_citation.journal_issue             ? 
_citation.journal_volume            143 
_citation.language                  ? 
_citation.page_first                19587 
_citation.page_last                 19598 
_citation.title                     
;Through-Space Scalar 19 F- 19 F Couplings between Fluorinated Noncanonical Amino Acids for the Detection of Specific Contacts in Proteins.
;
_citation.year                      2021 
_citation.database_id_CSD           ? 
_citation.pdbx_database_id_DOI      10.1021/jacs.1c10104 
_citation.pdbx_database_id_PubMed   34780162 
_citation.pdbx_database_id_patent   ? 
_citation.unpublished_flag          ? 
# 
loop_
_citation_author.citation_id 
_citation_author.name 
_citation_author.ordinal 
_citation_author.identifier_ORCID 
primary 'Orton, H.W.'      1 ? 
primary 'Qianzhu, H.'      2 ? 
primary 'Abdelkader, E.H.' 3 ? 
primary 'Habel, E.I.'      4 ? 
primary 'Tan, Y.J.'        5 ? 
primary 'Frkic, R.L.'      6 ? 
primary 'Jackson, C.J.'    7 ? 
primary 'Huber, T.'        8 ? 
primary 'Otting, G.'       9 ? 
# 
loop_
_entity.id 
_entity.type 
_entity.src_method 
_entity.pdbx_description 
_entity.formula_weight 
_entity.pdbx_number_of_molecules 
_entity.pdbx_ec 
_entity.pdbx_mutation 
_entity.pdbx_fragment 
_entity.details 
1 polymer man 'Peptidyl-prolyl cis-trans isomerase' 19063.230 1   5.2.1.8 'F4A, F27CF3-Phe, F98CF3-Phe' ? ? 
2 water   nat water                                 18.015    189 ?       ?                             ? ? 
# 
_entity_name_com.entity_id   1 
_entity_name_com.name        PPIase 
# 
_entity_poly.entity_id                      1 
_entity_poly.type                           'polypeptide(L)' 
_entity_poly.nstd_linkage                   no 
_entity_poly.nstd_monomer                   yes 
_entity_poly.pdbx_seq_one_letter_code       
;MVTAHTNHGDIVIKTFDDKAPETVKN(55I)LDYCREGFYNNTIFHRVINGFMIQGGGFEPGMKQKATKEPIKNEANNGL
KNTRGTLAMARTQAPHSATAQ(55I)FINVVDNDFLNFSGESLQGWGYCVFAEVVDGMDVVDKIKGVATGRSGMHQDVPK
EDVIIESVTVSEHHHHHH
;
_entity_poly.pdbx_seq_one_letter_code_can   
;MVTAHTNHGDIVIKTFDDKAPETVKNFLDYCREGFYNNTIFHRVINGFMIQGGGFEPGMKQKATKEPIKNEANNGLKNTR
GTLAMARTQAPHSATAQFFINVVDNDFLNFSGESLQGWGYCVFAEVVDGMDVVDKIKGVATGRSGMHQDVPKEDVIIESV
TVSEHHHHHH
;
_entity_poly.pdbx_strand_id                 A 
_entity_poly.pdbx_target_identifier         ? 
# 
_pdbx_entity_nonpoly.entity_id   2 
_pdbx_entity_nonpoly.name        water 
_pdbx_entity_nonpoly.comp_id     HOH 
# 
loop_
_entity_poly_seq.entity_id 
_entity_poly_seq.num 
_entity_poly_seq.mon_id 
_entity_poly_seq.hetero 
1 1   MET n 
1 2   VAL n 
1 3   THR n 
1 4   ALA n 
1 5   HIS n 
1 6   THR n 
1 7   ASN n 
1 8   HIS n 
1 9   GLY n 
1 10  ASP n 
1 11  ILE n 
1 12  VAL n 
1 13  ILE n 
1 14  LYS n 
1 15  THR n 
1 16  PHE n 
1 17  ASP n 
1 18  ASP n 
1 19  LYS n 
1 20  ALA n 
1 21  PRO n 
1 22  GLU n 
1 23  THR n 
1 24  VAL n 
1 25  LYS n 
1 26  ASN n 
1 27  55I n 
1 28  LEU n 
1 29  ASP n 
1 30  TYR n 
1 31  CYS n 
1 32  ARG n 
1 33  GLU n 
1 34  GLY n 
1 35  PHE n 
1 36  TYR n 
1 37  ASN n 
1 38  ASN n 
1 39  THR n 
1 40  ILE n 
1 41  PHE n 
1 42  HIS n 
1 43  ARG n 
1 44  VAL n 
1 45  ILE n 
1 46  ASN n 
1 47  GLY n 
1 48  PHE n 
1 49  MET n 
1 50  ILE n 
1 51  GLN n 
1 52  GLY n 
1 53  GLY n 
1 54  GLY n 
1 55  PHE n 
1 56  GLU n 
1 57  PRO n 
1 58  GLY n 
1 59  MET n 
1 60  LYS n 
1 61  GLN n 
1 62  LYS n 
1 63  ALA n 
1 64  THR n 
1 65  LYS n 
1 66  GLU n 
1 67  PRO n 
1 68  ILE n 
1 69  LYS n 
1 70  ASN n 
1 71  GLU n 
1 72  ALA n 
1 73  ASN n 
1 74  ASN n 
1 75  GLY n 
1 76  LEU n 
1 77  LYS n 
1 78  ASN n 
1 79  THR n 
1 80  ARG n 
1 81  GLY n 
1 82  THR n 
1 83  LEU n 
1 84  ALA n 
1 85  MET n 
1 86  ALA n 
1 87  ARG n 
1 88  THR n 
1 89  GLN n 
1 90  ALA n 
1 91  PRO n 
1 92  HIS n 
1 93  SER n 
1 94  ALA n 
1 95  THR n 
1 96  ALA n 
1 97  GLN n 
1 98  55I n 
1 99  PHE n 
1 100 ILE n 
1 101 ASN n 
1 102 VAL n 
1 103 VAL n 
1 104 ASP n 
1 105 ASN n 
1 106 ASP n 
1 107 PHE n 
1 108 LEU n 
1 109 ASN n 
1 110 PHE n 
1 111 SER n 
1 112 GLY n 
1 113 GLU n 
1 114 SER n 
1 115 LEU n 
1 116 GLN n 
1 117 GLY n 
1 118 TRP n 
1 119 GLY n 
1 120 TYR n 
1 121 CYS n 
1 122 VAL n 
1 123 PHE n 
1 124 ALA n 
1 125 GLU n 
1 126 VAL n 
1 127 VAL n 
1 128 ASP n 
1 129 GLY n 
1 130 MET n 
1 131 ASP n 
1 132 VAL n 
1 133 VAL n 
1 134 ASP n 
1 135 LYS n 
1 136 ILE n 
1 137 LYS n 
1 138 GLY n 
1 139 VAL n 
1 140 ALA n 
1 141 THR n 
1 142 GLY n 
1 143 ARG n 
1 144 SER n 
1 145 GLY n 
1 146 MET n 
1 147 HIS n 
1 148 GLN n 
1 149 ASP n 
1 150 VAL n 
1 151 PRO n 
1 152 LYS n 
1 153 GLU n 
1 154 ASP n 
1 155 VAL n 
1 156 ILE n 
1 157 ILE n 
1 158 GLU n 
1 159 SER n 
1 160 VAL n 
1 161 THR n 
1 162 VAL n 
1 163 SER n 
1 164 GLU n 
1 165 HIS n 
1 166 HIS n 
1 167 HIS n 
1 168 HIS n 
1 169 HIS n 
1 170 HIS n 
# 
_entity_src_gen.entity_id                          1 
_entity_src_gen.pdbx_src_id                        1 
_entity_src_gen.pdbx_alt_source_flag               sample 
_entity_src_gen.pdbx_seq_type                      'Biological sequence' 
_entity_src_gen.pdbx_beg_seq_num                   1 
_entity_src_gen.pdbx_end_seq_num                   170 
_entity_src_gen.gene_src_common_name               ? 
_entity_src_gen.gene_src_genus                     ? 
_entity_src_gen.pdbx_gene_src_gene                 'ppiB, ppiA' 
_entity_src_gen.gene_src_species                   ? 
_entity_src_gen.gene_src_strain                    ? 
_entity_src_gen.gene_src_tissue                    ? 
_entity_src_gen.gene_src_tissue_fraction           ? 
_entity_src_gen.gene_src_details                   ? 
_entity_src_gen.pdbx_gene_src_fragment             ? 
_entity_src_gen.pdbx_gene_src_scientific_name      'Escherichia coli' 
_entity_src_gen.pdbx_gene_src_ncbi_taxonomy_id     562 
_entity_src_gen.pdbx_gene_src_variant              ? 
_entity_src_gen.pdbx_gene_src_cell_line            ? 
_entity_src_gen.pdbx_gene_src_atcc                 ? 
_entity_src_gen.pdbx_gene_src_organ                ? 
_entity_src_gen.pdbx_gene_src_organelle            ? 
_entity_src_gen.pdbx_gene_src_cell                 ? 
_entity_src_gen.pdbx_gene_src_cellular_location    ? 
_entity_src_gen.host_org_common_name               ? 
_entity_src_gen.pdbx_host_org_scientific_name      'Escherichia coli B' 
_entity_src_gen.pdbx_host_org_ncbi_taxonomy_id     37762 
_entity_src_gen.host_org_genus                     ? 
_entity_src_gen.pdbx_host_org_gene                 ? 
_entity_src_gen.pdbx_host_org_organ                ? 
_entity_src_gen.host_org_species                   ? 
_entity_src_gen.pdbx_host_org_tissue               ? 
_entity_src_gen.pdbx_host_org_tissue_fraction      ? 
_entity_src_gen.pdbx_host_org_strain               ? 
_entity_src_gen.pdbx_host_org_variant              ? 
_entity_src_gen.pdbx_host_org_cell_line            ? 
_entity_src_gen.pdbx_host_org_atcc                 ? 
_entity_src_gen.pdbx_host_org_culture_collection   ? 
_entity_src_gen.pdbx_host_org_cell                 ? 
_entity_src_gen.pdbx_host_org_organelle            ? 
_entity_src_gen.pdbx_host_org_cellular_location    ? 
_entity_src_gen.pdbx_host_org_vector_type          ? 
_entity_src_gen.pdbx_host_org_vector               ? 
_entity_src_gen.host_org_details                   ? 
_entity_src_gen.expression_system_id               ? 
_entity_src_gen.plasmid_name                       ? 
_entity_src_gen.plasmid_details                    ? 
_entity_src_gen.pdbx_description                   ? 
# 
loop_
_chem_comp.id 
_chem_comp.type 
_chem_comp.mon_nstd_flag 
_chem_comp.name 
_chem_comp.pdbx_synonyms 
_chem_comp.formula 
_chem_comp.formula_weight 
55I 'L-peptide linking' n '4-(trifluoromethyl)-L-phenylalanine' ? 'C10 H10 F3 N O2' 233.187 
ALA 'L-peptide linking' y ALANINE                               ? 'C3 H7 N O2'      89.093  
ARG 'L-peptide linking' y ARGININE                              ? 'C6 H15 N4 O2 1'  175.209 
ASN 'L-peptide linking' y ASPARAGINE                            ? 'C4 H8 N2 O3'     132.118 
ASP 'L-peptide linking' y 'ASPARTIC ACID'                       ? 'C4 H7 N O4'      133.103 
CYS 'L-peptide linking' y CYSTEINE                              ? 'C3 H7 N O2 S'    121.158 
GLN 'L-peptide linking' y GLUTAMINE                             ? 'C5 H10 N2 O3'    146.144 
GLU 'L-peptide linking' y 'GLUTAMIC ACID'                       ? 'C5 H9 N O4'      147.129 
GLY 'peptide linking'   y GLYCINE                               ? 'C2 H5 N O2'      75.067  
HIS 'L-peptide linking' y HISTIDINE                             ? 'C6 H10 N3 O2 1'  156.162 
HOH non-polymer         . WATER                                 ? 'H2 O'            18.015  
ILE 'L-peptide linking' y ISOLEUCINE                            ? 'C6 H13 N O2'     131.173 
LEU 'L-peptide linking' y LEUCINE                               ? 'C6 H13 N O2'     131.173 
LYS 'L-peptide linking' y LYSINE                                ? 'C6 H15 N2 O2 1'  147.195 
MET 'L-peptide linking' y METHIONINE                            ? 'C5 H11 N O2 S'   149.211 
PHE 'L-peptide linking' y PHENYLALANINE                         ? 'C9 H11 N O2'     165.189 
PRO 'L-peptide linking' y PROLINE                               ? 'C5 H9 N O2'      115.130 
SER 'L-peptide linking' y SERINE                                ? 'C3 H7 N O3'      105.093 
THR 'L-peptide linking' y THREONINE                             ? 'C4 H9 N O3'      119.119 
TRP 'L-peptide linking' y TRYPTOPHAN                            ? 'C11 H12 N2 O2'   204.225 
TYR 'L-peptide linking' y TYROSINE                              ? 'C9 H11 N O3'     181.189 
VAL 'L-peptide linking' y VALINE                                ? 'C5 H11 N O2'     117.146 
# 
loop_
_pdbx_poly_seq_scheme.asym_id 
_pdbx_poly_seq_scheme.entity_id 
_pdbx_poly_seq_scheme.seq_id 
_pdbx_poly_seq_scheme.mon_id 
_pdbx_poly_seq_scheme.ndb_seq_num 
_pdbx_poly_seq_scheme.pdb_seq_num 
_pdbx_poly_seq_scheme.auth_seq_num 
_pdbx_poly_seq_scheme.pdb_mon_id 
_pdbx_poly_seq_scheme.auth_mon_id 
_pdbx_poly_seq_scheme.pdb_strand_id 
_pdbx_poly_seq_scheme.pdb_ins_code 
_pdbx_poly_seq_scheme.hetero 
A 1 1   MET 1   1   1   MET MET A . n 
A 1 2   VAL 2   2   2   VAL VAL A . n 
A 1 3   THR 3   3   3   THR THR A . n 
A 1 4   ALA 4   4   4   ALA ALA A . n 
A 1 5   HIS 5   5   5   HIS HIS A . n 
A 1 6   THR 6   6   6   THR THR A . n 
A 1 7   ASN 7   7   7   ASN ASN A . n 
A 1 8   HIS 8   8   8   HIS HIS A . n 
A 1 9   GLY 9   9   9   GLY GLY A . n 
A 1 10  ASP 10  10  10  ASP ASP A . n 
A 1 11  ILE 11  11  11  ILE ILE A . n 
A 1 12  VAL 12  12  12  VAL VAL A . n 
A 1 13  ILE 13  13  13  ILE ILE A . n 
A 1 14  LYS 14  14  14  LYS LYS A . n 
A 1 15  THR 15  15  15  THR THR A . n 
A 1 16  PHE 16  16  16  PHE PHE A . n 
A 1 17  ASP 17  17  17  ASP ASP A . n 
A 1 18  ASP 18  18  18  ASP ASP A . n 
A 1 19  LYS 19  19  19  LYS LYS A . n 
A 1 20  ALA 20  20  20  ALA ALA A . n 
A 1 21  PRO 21  21  21  PRO PRO A . n 
A 1 22  GLU 22  22  22  GLU GLU A . n 
A 1 23  THR 23  23  23  THR THR A . n 
A 1 24  VAL 24  24  24  VAL VAL A . n 
A 1 25  LYS 25  25  25  LYS LYS A . n 
A 1 26  ASN 26  26  26  ASN ASN A . n 
A 1 27  55I 27  27  27  55I TFF A . n 
A 1 28  LEU 28  28  28  LEU LEU A . n 
A 1 29  ASP 29  29  29  ASP ASP A . n 
A 1 30  TYR 30  30  30  TYR TYR A . n 
A 1 31  CYS 31  31  31  CYS CYS A . n 
A 1 32  ARG 32  32  32  ARG ARG A . n 
A 1 33  GLU 33  33  33  GLU GLU A . n 
A 1 34  GLY 34  34  34  GLY GLY A . n 
A 1 35  PHE 35  35  35  PHE PHE A . n 
A 1 36  TYR 36  36  36  TYR TYR A . n 
A 1 37  ASN 37  37  37  ASN ASN A . n 
A 1 38  ASN 38  38  38  ASN ASN A . n 
A 1 39  THR 39  39  39  THR THR A . n 
A 1 40  ILE 40  40  40  ILE ILE A . n 
A 1 41  PHE 41  41  41  PHE PHE A . n 
A 1 42  HIS 42  42  42  HIS HIS A . n 
A 1 43  ARG 43  43  43  ARG ARG A . n 
A 1 44  VAL 44  44  44  VAL VAL A . n 
A 1 45  ILE 45  45  45  ILE ILE A . n 
A 1 46  ASN 46  46  46  ASN ASN A . n 
A 1 47  GLY 47  47  47  GLY GLY A . n 
A 1 48  PHE 48  48  48  PHE PHE A . n 
A 1 49  MET 49  49  49  MET MET A . n 
A 1 50  ILE 50  50  50  ILE ILE A . n 
A 1 51  GLN 51  51  51  GLN GLN A . n 
A 1 52  GLY 52  52  52  GLY GLY A . n 
A 1 53  GLY 53  53  53  GLY GLY A . n 
A 1 54  GLY 54  54  54  GLY GLY A . n 
A 1 55  PHE 55  55  55  PHE PHE A . n 
A 1 56  GLU 56  56  56  GLU GLU A . n 
A 1 57  PRO 57  57  57  PRO PRO A . n 
A 1 58  GLY 58  58  58  GLY GLY A . n 
A 1 59  MET 59  59  59  MET MET A . n 
A 1 60  LYS 60  60  60  LYS LYS A . n 
A 1 61  GLN 61  61  61  GLN GLN A . n 
A 1 62  LYS 62  62  62  LYS LYS A . n 
A 1 63  ALA 63  63  63  ALA ALA A . n 
A 1 64  THR 64  64  64  THR THR A . n 
A 1 65  LYS 65  65  65  LYS LYS A . n 
A 1 66  GLU 66  66  66  GLU GLU A . n 
A 1 67  PRO 67  67  67  PRO PRO A . n 
A 1 68  ILE 68  68  68  ILE ILE A . n 
A 1 69  LYS 69  69  69  LYS LYS A . n 
A 1 70  ASN 70  70  70  ASN ASN A . n 
A 1 71  GLU 71  71  71  GLU GLU A . n 
A 1 72  ALA 72  72  72  ALA ALA A . n 
A 1 73  ASN 73  73  73  ASN ASN A . n 
A 1 74  ASN 74  74  74  ASN ASN A . n 
A 1 75  GLY 75  75  75  GLY GLY A . n 
A 1 76  LEU 76  76  76  LEU LEU A . n 
A 1 77  LYS 77  77  77  LYS LYS A . n 
A 1 78  ASN 78  78  78  ASN ASN A . n 
A 1 79  THR 79  79  79  THR THR A . n 
A 1 80  ARG 80  80  80  ARG ARG A . n 
A 1 81  GLY 81  81  81  GLY GLY A . n 
A 1 82  THR 82  82  82  THR THR A . n 
A 1 83  LEU 83  83  83  LEU LEU A . n 
A 1 84  ALA 84  84  84  ALA ALA A . n 
A 1 85  MET 85  85  85  MET MET A . n 
A 1 86  ALA 86  86  86  ALA ALA A . n 
A 1 87  ARG 87  87  87  ARG ARG A . n 
A 1 88  THR 88  88  88  THR THR A . n 
A 1 89  GLN 89  89  89  GLN GLN A . n 
A 1 90  ALA 90  90  90  ALA ALA A . n 
A 1 91  PRO 91  91  91  PRO PRO A . n 
A 1 92  HIS 92  92  92  HIS HIS A . n 
A 1 93  SER 93  93  93  SER SER A . n 
A 1 94  ALA 94  94  94  ALA ALA A . n 
A 1 95  THR 95  95  95  THR THR A . n 
A 1 96  ALA 96  96  96  ALA ALA A . n 
A 1 97  GLN 97  97  97  GLN GLN A . n 
A 1 98  55I 98  98  98  55I TFF A . n 
A 1 99  PHE 99  99  99  PHE PHE A . n 
A 1 100 ILE 100 100 100 ILE ILE A . n 
A 1 101 ASN 101 101 101 ASN ASN A . n 
A 1 102 VAL 102 102 102 VAL VAL A . n 
A 1 103 VAL 103 103 103 VAL VAL A . n 
A 1 104 ASP 104 104 104 ASP ASP A . n 
A 1 105 ASN 105 105 105 ASN ASN A . n 
A 1 106 ASP 106 106 106 ASP ASP A . n 
A 1 107 PHE 107 107 107 PHE PHE A . n 
A 1 108 LEU 108 108 108 LEU LEU A . n 
A 1 109 ASN 109 109 109 ASN ASN A . n 
A 1 110 PHE 110 110 110 PHE PHE A . n 
A 1 111 SER 111 111 111 SER SER A . n 
A 1 112 GLY 112 112 112 GLY GLY A . n 
A 1 113 GLU 113 113 113 GLU GLU A . n 
A 1 114 SER 114 114 114 SER SER A . n 
A 1 115 LEU 115 115 115 LEU LEU A . n 
A 1 116 GLN 116 116 116 GLN GLN A . n 
A 1 117 GLY 117 117 117 GLY GLY A . n 
A 1 118 TRP 118 118 118 TRP TRP A . n 
A 1 119 GLY 119 119 119 GLY GLY A . n 
A 1 120 TYR 120 120 120 TYR TYR A . n 
A 1 121 CYS 121 121 121 CYS CYS A . n 
A 1 122 VAL 122 122 122 VAL VAL A . n 
A 1 123 PHE 123 123 123 PHE PHE A . n 
A 1 124 ALA 124 124 124 ALA ALA A . n 
A 1 125 GLU 125 125 125 GLU GLU A . n 
A 1 126 VAL 126 126 126 VAL VAL A . n 
A 1 127 VAL 127 127 127 VAL VAL A . n 
A 1 128 ASP 128 128 128 ASP ASP A . n 
A 1 129 GLY 129 129 129 GLY GLY A . n 
A 1 130 MET 130 130 130 MET MET A . n 
A 1 131 ASP 131 131 131 ASP ASP A . n 
A 1 132 VAL 132 132 132 VAL VAL A . n 
A 1 133 VAL 133 133 133 VAL VAL A . n 
A 1 134 ASP 134 134 134 ASP ASP A . n 
A 1 135 LYS 135 135 135 LYS LYS A . n 
A 1 136 ILE 136 136 136 ILE ILE A . n 
A 1 137 LYS 137 137 137 LYS LYS A . n 
A 1 138 GLY 138 138 138 GLY GLY A . n 
A 1 139 VAL 139 139 139 VAL VAL A . n 
A 1 140 ALA 140 140 140 ALA ALA A . n 
A 1 141 THR 141 141 141 THR THR A . n 
A 1 142 GLY 142 142 142 GLY GLY A . n 
A 1 143 ARG 143 143 143 ARG ARG A . n 
A 1 144 SER 144 144 144 SER SER A . n 
A 1 145 GLY 145 145 145 GLY GLY A . n 
A 1 146 MET 146 146 146 MET MET A . n 
A 1 147 HIS 147 147 147 HIS HIS A . n 
A 1 148 GLN 148 148 148 GLN GLN A . n 
A 1 149 ASP 149 149 149 ASP ASP A . n 
A 1 150 VAL 150 150 150 VAL VAL A . n 
A 1 151 PRO 151 151 151 PRO PRO A . n 
A 1 152 LYS 152 152 152 LYS LYS A . n 
A 1 153 GLU 153 153 153 GLU GLU A . n 
A 1 154 ASP 154 154 154 ASP ASP A . n 
A 1 155 VAL 155 155 155 VAL VAL A . n 
A 1 156 ILE 156 156 156 ILE ILE A . n 
A 1 157 ILE 157 157 157 ILE ILE A . n 
A 1 158 GLU 158 158 158 GLU GLU A . n 
A 1 159 SER 159 159 159 SER SER A . n 
A 1 160 VAL 160 160 160 VAL VAL A . n 
A 1 161 THR 161 161 161 THR THR A . n 
A 1 162 VAL 162 162 162 VAL VAL A . n 
A 1 163 SER 163 163 163 SER SER A . n 
A 1 164 GLU 164 164 164 GLU GLU A . n 
A 1 165 HIS 165 165 165 HIS HIS A . n 
A 1 166 HIS 166 166 166 HIS HIS A . n 
A 1 167 HIS 167 167 167 HIS HIS A . n 
A 1 168 HIS 168 168 168 HIS HIS A . n 
A 1 169 HIS 169 169 169 HIS HIS A . n 
A 1 170 HIS 170 170 170 HIS HIS A . n 
# 
loop_
_pdbx_nonpoly_scheme.asym_id 
_pdbx_nonpoly_scheme.entity_id 
_pdbx_nonpoly_scheme.mon_id 
_pdbx_nonpoly_scheme.ndb_seq_num 
_pdbx_nonpoly_scheme.pdb_seq_num 
_pdbx_nonpoly_scheme.auth_seq_num 
_pdbx_nonpoly_scheme.pdb_mon_id 
_pdbx_nonpoly_scheme.auth_mon_id 
_pdbx_nonpoly_scheme.pdb_strand_id 
_pdbx_nonpoly_scheme.pdb_ins_code 
B 2 HOH 1   201 150 HOH HOH A . 
B 2 HOH 2   202 74  HOH HOH A . 
B 2 HOH 3   203 73  HOH HOH A . 
B 2 HOH 4   204 97  HOH HOH A . 
B 2 HOH 5   205 37  HOH HOH A . 
B 2 HOH 6   206 64  HOH HOH A . 
B 2 HOH 7   207 130 HOH HOH A . 
B 2 HOH 8   208 147 HOH HOH A . 
B 2 HOH 9   209 173 HOH HOH A . 
B 2 HOH 10  210 159 HOH HOH A . 
B 2 HOH 11  211 168 HOH HOH A . 
B 2 HOH 12  212 31  HOH HOH A . 
B 2 HOH 13  213 164 HOH HOH A . 
B 2 HOH 14  214 54  HOH HOH A . 
B 2 HOH 15  215 33  HOH HOH A . 
B 2 HOH 16  216 100 HOH HOH A . 
B 2 HOH 17  217 181 HOH HOH A . 
B 2 HOH 18  218 180 HOH HOH A . 
B 2 HOH 19  219 107 HOH HOH A . 
B 2 HOH 20  220 5   HOH HOH A . 
B 2 HOH 21  221 40  HOH HOH A . 
B 2 HOH 22  222 1   HOH HOH A . 
B 2 HOH 23  223 71  HOH HOH A . 
B 2 HOH 24  224 154 HOH HOH A . 
B 2 HOH 25  225 109 HOH HOH A . 
B 2 HOH 26  226 122 HOH HOH A . 
B 2 HOH 27  227 157 HOH HOH A . 
B 2 HOH 28  228 103 HOH HOH A . 
B 2 HOH 29  229 17  HOH HOH A . 
B 2 HOH 30  230 6   HOH HOH A . 
B 2 HOH 31  231 111 HOH HOH A . 
B 2 HOH 32  232 86  HOH HOH A . 
B 2 HOH 33  233 178 HOH HOH A . 
B 2 HOH 34  234 98  HOH HOH A . 
B 2 HOH 35  235 75  HOH HOH A . 
B 2 HOH 36  236 156 HOH HOH A . 
B 2 HOH 37  237 15  HOH HOH A . 
B 2 HOH 38  238 81  HOH HOH A . 
B 2 HOH 39  239 78  HOH HOH A . 
B 2 HOH 40  240 155 HOH HOH A . 
B 2 HOH 41  241 84  HOH HOH A . 
B 2 HOH 42  242 77  HOH HOH A . 
B 2 HOH 43  243 18  HOH HOH A . 
B 2 HOH 44  244 91  HOH HOH A . 
B 2 HOH 45  245 162 HOH HOH A . 
B 2 HOH 46  246 11  HOH HOH A . 
B 2 HOH 47  247 141 HOH HOH A . 
B 2 HOH 48  248 67  HOH HOH A . 
B 2 HOH 49  249 79  HOH HOH A . 
B 2 HOH 50  250 82  HOH HOH A . 
B 2 HOH 51  251 13  HOH HOH A . 
B 2 HOH 52  252 60  HOH HOH A . 
B 2 HOH 53  253 185 HOH HOH A . 
B 2 HOH 54  254 58  HOH HOH A . 
B 2 HOH 55  255 12  HOH HOH A . 
B 2 HOH 56  256 19  HOH HOH A . 
B 2 HOH 57  257 131 HOH HOH A . 
B 2 HOH 58  258 61  HOH HOH A . 
B 2 HOH 59  259 55  HOH HOH A . 
B 2 HOH 60  260 151 HOH HOH A . 
B 2 HOH 61  261 95  HOH HOH A . 
B 2 HOH 62  262 2   HOH HOH A . 
B 2 HOH 63  263 51  HOH HOH A . 
B 2 HOH 64  264 32  HOH HOH A . 
B 2 HOH 65  265 7   HOH HOH A . 
B 2 HOH 66  266 132 HOH HOH A . 
B 2 HOH 67  267 143 HOH HOH A . 
B 2 HOH 68  268 69  HOH HOH A . 
B 2 HOH 69  269 101 HOH HOH A . 
B 2 HOH 70  270 42  HOH HOH A . 
B 2 HOH 71  271 3   HOH HOH A . 
B 2 HOH 72  272 50  HOH HOH A . 
B 2 HOH 73  273 34  HOH HOH A . 
B 2 HOH 74  274 117 HOH HOH A . 
B 2 HOH 75  275 188 HOH HOH A . 
B 2 HOH 76  276 35  HOH HOH A . 
B 2 HOH 77  277 112 HOH HOH A . 
B 2 HOH 78  278 30  HOH HOH A . 
B 2 HOH 79  279 9   HOH HOH A . 
B 2 HOH 80  280 63  HOH HOH A . 
B 2 HOH 81  281 105 HOH HOH A . 
B 2 HOH 82  282 92  HOH HOH A . 
B 2 HOH 83  283 8   HOH HOH A . 
B 2 HOH 84  284 135 HOH HOH A . 
B 2 HOH 85  285 45  HOH HOH A . 
B 2 HOH 86  286 39  HOH HOH A . 
B 2 HOH 87  287 119 HOH HOH A . 
B 2 HOH 88  288 16  HOH HOH A . 
B 2 HOH 89  289 21  HOH HOH A . 
B 2 HOH 90  290 25  HOH HOH A . 
B 2 HOH 91  291 28  HOH HOH A . 
B 2 HOH 92  292 52  HOH HOH A . 
B 2 HOH 93  293 47  HOH HOH A . 
B 2 HOH 94  294 176 HOH HOH A . 
B 2 HOH 95  295 125 HOH HOH A . 
B 2 HOH 96  296 26  HOH HOH A . 
B 2 HOH 97  297 20  HOH HOH A . 
B 2 HOH 98  298 126 HOH HOH A . 
B 2 HOH 99  299 46  HOH HOH A . 
B 2 HOH 100 300 174 HOH HOH A . 
B 2 HOH 101 301 171 HOH HOH A . 
B 2 HOH 102 302 53  HOH HOH A . 
B 2 HOH 103 303 133 HOH HOH A . 
B 2 HOH 104 304 49  HOH HOH A . 
B 2 HOH 105 305 57  HOH HOH A . 
B 2 HOH 106 306 104 HOH HOH A . 
B 2 HOH 107 307 87  HOH HOH A . 
B 2 HOH 108 308 187 HOH HOH A . 
B 2 HOH 109 309 56  HOH HOH A . 
B 2 HOH 110 310 167 HOH HOH A . 
B 2 HOH 111 311 48  HOH HOH A . 
B 2 HOH 112 312 4   HOH HOH A . 
B 2 HOH 113 313 158 HOH HOH A . 
B 2 HOH 114 314 62  HOH HOH A . 
B 2 HOH 115 315 65  HOH HOH A . 
B 2 HOH 116 316 99  HOH HOH A . 
B 2 HOH 117 317 44  HOH HOH A . 
B 2 HOH 118 318 27  HOH HOH A . 
B 2 HOH 119 319 106 HOH HOH A . 
B 2 HOH 120 320 120 HOH HOH A . 
B 2 HOH 121 321 36  HOH HOH A . 
B 2 HOH 122 322 41  HOH HOH A . 
B 2 HOH 123 323 182 HOH HOH A . 
B 2 HOH 124 324 43  HOH HOH A . 
B 2 HOH 125 325 23  HOH HOH A . 
B 2 HOH 126 326 128 HOH HOH A . 
B 2 HOH 127 327 14  HOH HOH A . 
B 2 HOH 128 328 80  HOH HOH A . 
B 2 HOH 129 329 153 HOH HOH A . 
B 2 HOH 130 330 24  HOH HOH A . 
B 2 HOH 131 331 165 HOH HOH A . 
B 2 HOH 132 332 110 HOH HOH A . 
B 2 HOH 133 333 88  HOH HOH A . 
B 2 HOH 134 334 93  HOH HOH A . 
B 2 HOH 135 335 89  HOH HOH A . 
B 2 HOH 136 336 152 HOH HOH A . 
B 2 HOH 137 337 22  HOH HOH A . 
B 2 HOH 138 338 137 HOH HOH A . 
B 2 HOH 139 339 90  HOH HOH A . 
B 2 HOH 140 340 175 HOH HOH A . 
B 2 HOH 141 341 83  HOH HOH A . 
B 2 HOH 142 342 108 HOH HOH A . 
B 2 HOH 143 343 127 HOH HOH A . 
B 2 HOH 144 344 160 HOH HOH A . 
B 2 HOH 145 345 124 HOH HOH A . 
B 2 HOH 146 346 29  HOH HOH A . 
B 2 HOH 147 347 38  HOH HOH A . 
B 2 HOH 148 348 66  HOH HOH A . 
B 2 HOH 149 349 116 HOH HOH A . 
B 2 HOH 150 350 85  HOH HOH A . 
B 2 HOH 151 351 161 HOH HOH A . 
B 2 HOH 152 352 96  HOH HOH A . 
B 2 HOH 153 353 76  HOH HOH A . 
B 2 HOH 154 354 114 HOH HOH A . 
B 2 HOH 155 355 172 HOH HOH A . 
B 2 HOH 156 356 59  HOH HOH A . 
B 2 HOH 157 357 163 HOH HOH A . 
B 2 HOH 158 358 70  HOH HOH A . 
B 2 HOH 159 359 129 HOH HOH A . 
B 2 HOH 160 360 148 HOH HOH A . 
B 2 HOH 161 361 136 HOH HOH A . 
B 2 HOH 162 362 170 HOH HOH A . 
B 2 HOH 163 363 177 HOH HOH A . 
B 2 HOH 164 364 139 HOH HOH A . 
B 2 HOH 165 365 102 HOH HOH A . 
B 2 HOH 166 366 123 HOH HOH A . 
B 2 HOH 167 367 113 HOH HOH A . 
B 2 HOH 168 368 186 HOH HOH A . 
B 2 HOH 169 369 10  HOH HOH A . 
B 2 HOH 170 370 144 HOH HOH A . 
B 2 HOH 171 371 68  HOH HOH A . 
B 2 HOH 172 372 145 HOH HOH A . 
B 2 HOH 173 373 166 HOH HOH A . 
B 2 HOH 174 374 115 HOH HOH A . 
B 2 HOH 175 375 94  HOH HOH A . 
B 2 HOH 176 376 183 HOH HOH A . 
B 2 HOH 177 377 179 HOH HOH A . 
B 2 HOH 178 378 142 HOH HOH A . 
B 2 HOH 179 379 189 HOH HOH A . 
B 2 HOH 180 380 72  HOH HOH A . 
B 2 HOH 181 381 138 HOH HOH A . 
B 2 HOH 182 382 184 HOH HOH A . 
B 2 HOH 183 383 146 HOH HOH A . 
B 2 HOH 184 384 140 HOH HOH A . 
B 2 HOH 185 385 118 HOH HOH A . 
B 2 HOH 186 386 121 HOH HOH A . 
B 2 HOH 187 387 169 HOH HOH A . 
B 2 HOH 188 388 149 HOH HOH A . 
B 2 HOH 189 389 134 HOH HOH A . 
# 
loop_
_software.citation_id 
_software.classification 
_software.compiler_name 
_software.compiler_version 
_software.contact_author 
_software.contact_author_email 
_software.date 
_software.description 
_software.dependencies 
_software.hardware 
_software.language 
_software.location 
_software.mods 
_software.name 
_software.os 
_software.os_version 
_software.type 
_software.version 
_software.pdbx_ordinal 
? refinement        ? ? ? ? ? ? ? ? ? ? ? REFMAC      ? ? ? 5.8.0267 1 
? 'data scaling'    ? ? ? ? ? ? ? ? ? ? ? Aimless     ? ? ? 0.7.7    2 
? 'data extraction' ? ? ? ? ? ? ? ? ? ? ? PDB_EXTRACT ? ? ? 3.27     3 
? 'data reduction'  ? ? ? ? ? ? ? ? ? ? ? XDS         ? ? ? .        4 
? phasing           ? ? ? ? ? ? ? ? ? ? ? PHASER      ? ? ? .        5 
# 
_cell.angle_alpha                  90.000 
_cell.angle_alpha_esd              ? 
_cell.angle_beta                   90.000 
_cell.angle_beta_esd               ? 
_cell.angle_gamma                  120.000 
_cell.angle_gamma_esd              ? 
_cell.entry_id                     7RFD 
_cell.details                      ? 
_cell.formula_units_Z              ? 
_cell.length_a                     34.891 
_cell.length_a_esd                 ? 
_cell.length_b                     34.891 
_cell.length_b_esd                 ? 
_cell.length_c                     210.047 
_cell.length_c_esd                 ? 
_cell.volume                       ? 
_cell.volume_esd                   ? 
_cell.Z_PDB                        6 
_cell.reciprocal_angle_alpha       ? 
_cell.reciprocal_angle_beta        ? 
_cell.reciprocal_angle_gamma       ? 
_cell.reciprocal_angle_alpha_esd   ? 
_cell.reciprocal_angle_beta_esd    ? 
_cell.reciprocal_angle_gamma_esd   ? 
_cell.reciprocal_length_a          ? 
_cell.reciprocal_length_b          ? 
_cell.reciprocal_length_c          ? 
_cell.reciprocal_length_a_esd      ? 
_cell.reciprocal_length_b_esd      ? 
_cell.reciprocal_length_c_esd      ? 
_cell.pdbx_unique_axis             ? 
# 
_symmetry.entry_id                         7RFD 
_symmetry.cell_setting                     ? 
_symmetry.Int_Tables_number                169 
_symmetry.space_group_name_Hall            ? 
_symmetry.space_group_name_H-M             'P 61' 
_symmetry.pdbx_full_space_group_name_H-M   ? 
# 
_exptl.absorpt_coefficient_mu     ? 
_exptl.absorpt_correction_T_max   ? 
_exptl.absorpt_correction_T_min   ? 
_exptl.absorpt_correction_type    ? 
_exptl.absorpt_process_details    ? 
_exptl.entry_id                   7RFD 
_exptl.crystals_number            1 
_exptl.details                    ? 
_exptl.method                     'X-RAY DIFFRACTION' 
_exptl.method_details             ? 
# 
_exptl_crystal.colour                      ? 
_exptl_crystal.density_diffrn              ? 
_exptl_crystal.density_Matthews            1.95 
_exptl_crystal.density_method              ? 
_exptl_crystal.density_percent_sol         36.82 
_exptl_crystal.description                 ? 
_exptl_crystal.F_000                       ? 
_exptl_crystal.id                          1 
_exptl_crystal.preparation                 ? 
_exptl_crystal.size_max                    ? 
_exptl_crystal.size_mid                    ? 
_exptl_crystal.size_min                    ? 
_exptl_crystal.size_rad                    ? 
_exptl_crystal.colour_lustre               ? 
_exptl_crystal.colour_modifier             ? 
_exptl_crystal.colour_primary              ? 
_exptl_crystal.density_meas                ? 
_exptl_crystal.density_meas_esd            ? 
_exptl_crystal.density_meas_gt             ? 
_exptl_crystal.density_meas_lt             ? 
_exptl_crystal.density_meas_temp           ? 
_exptl_crystal.density_meas_temp_esd       ? 
_exptl_crystal.density_meas_temp_gt        ? 
_exptl_crystal.density_meas_temp_lt        ? 
_exptl_crystal.pdbx_crystal_image_url      ? 
_exptl_crystal.pdbx_crystal_image_format   ? 
_exptl_crystal.pdbx_mosaicity              ? 
_exptl_crystal.pdbx_mosaicity_esd          ? 
# 
_exptl_crystal_grow.apparatus       ? 
_exptl_crystal_grow.atmosphere      ? 
_exptl_crystal_grow.crystal_id      1 
_exptl_crystal_grow.details         ? 
_exptl_crystal_grow.method          'VAPOR DIFFUSION, HANGING DROP' 
_exptl_crystal_grow.method_ref      ? 
_exptl_crystal_grow.pH              8.0 
_exptl_crystal_grow.pressure        ? 
_exptl_crystal_grow.pressure_esd    ? 
_exptl_crystal_grow.seeding         ? 
_exptl_crystal_grow.seeding_ref     ? 
_exptl_crystal_grow.temp            291 
_exptl_crystal_grow.temp_details    ? 
_exptl_crystal_grow.temp_esd        ? 
_exptl_crystal_grow.time            ? 
_exptl_crystal_grow.pdbx_details    '40% PEG 3350, 0.1M Tris-HCl (pH 8.0), 0.2M Sodium Acetate' 
_exptl_crystal_grow.pdbx_pH_range   ? 
# 
_diffrn.ambient_environment              ? 
_diffrn.ambient_temp                     100 
_diffrn.ambient_temp_details             ? 
_diffrn.ambient_temp_esd                 ? 
_diffrn.crystal_id                       1 
_diffrn.crystal_support                  ? 
_diffrn.crystal_treatment                ? 
_diffrn.details                          ? 
_diffrn.id                               1 
_diffrn.ambient_pressure                 ? 
_diffrn.ambient_pressure_esd             ? 
_diffrn.ambient_pressure_gt              ? 
_diffrn.ambient_pressure_lt              ? 
_diffrn.ambient_temp_gt                  ? 
_diffrn.ambient_temp_lt                  ? 
_diffrn.pdbx_serial_crystal_experiment   N 
# 
_diffrn_detector.details                      ? 
_diffrn_detector.detector                     PIXEL 
_diffrn_detector.diffrn_id                    1 
_diffrn_detector.type                         'DECTRIS EIGER X 16M' 
_diffrn_detector.area_resol_mean              ? 
_diffrn_detector.dtime                        ? 
_diffrn_detector.pdbx_frames_total            ? 
_diffrn_detector.pdbx_collection_time_total   ? 
_diffrn_detector.pdbx_collection_date         2021-06-13 
_diffrn_detector.pdbx_frequency               ? 
# 
_diffrn_radiation.collimation                      ? 
_diffrn_radiation.diffrn_id                        1 
_diffrn_radiation.filter_edge                      ? 
_diffrn_radiation.inhomogeneity                    ? 
_diffrn_radiation.monochromator                    ? 
_diffrn_radiation.polarisn_norm                    ? 
_diffrn_radiation.polarisn_ratio                   ? 
_diffrn_radiation.probe                            ? 
_diffrn_radiation.type                             ? 
_diffrn_radiation.xray_symbol                      ? 
_diffrn_radiation.wavelength_id                    1 
_diffrn_radiation.pdbx_monochromatic_or_laue_m_l   M 
_diffrn_radiation.pdbx_wavelength_list             ? 
_diffrn_radiation.pdbx_wavelength                  ? 
_diffrn_radiation.pdbx_diffrn_protocol             'SINGLE WAVELENGTH' 
_diffrn_radiation.pdbx_analyzer                    ? 
_diffrn_radiation.pdbx_scattering_type             x-ray 
# 
_diffrn_radiation_wavelength.id           1 
_diffrn_radiation_wavelength.wavelength   0.9537 
_diffrn_radiation_wavelength.wt           1.0 
# 
_diffrn_source.current                     ? 
_diffrn_source.details                     ? 
_diffrn_source.diffrn_id                   1 
_diffrn_source.power                       ? 
_diffrn_source.size                        ? 
_diffrn_source.source                      SYNCHROTRON 
_diffrn_source.target                      ? 
_diffrn_source.type                        'AUSTRALIAN SYNCHROTRON BEAMLINE MX2' 
_diffrn_source.voltage                     ? 
_diffrn_source.take-off_angle              ? 
_diffrn_source.pdbx_wavelength_list        0.9537 
_diffrn_source.pdbx_wavelength             ? 
_diffrn_source.pdbx_synchrotron_beamline   MX2 
_diffrn_source.pdbx_synchrotron_site       'Australian Synchrotron' 
# 
_reflns.B_iso_Wilson_estimate                          ? 
_reflns.entry_id                                       7RFD 
_reflns.data_reduction_details                         ? 
_reflns.data_reduction_method                          ? 
_reflns.d_resolution_high                              1.350 
_reflns.d_resolution_low                               35.010 
_reflns.details                                        ? 
_reflns.limit_h_max                                    ? 
_reflns.limit_h_min                                    ? 
_reflns.limit_k_max                                    ? 
_reflns.limit_k_min                                    ? 
_reflns.limit_l_max                                    ? 
_reflns.limit_l_min                                    ? 
_reflns.number_all                                     ? 
_reflns.number_obs                                     31687 
_reflns.observed_criterion                             ? 
_reflns.observed_criterion_F_max                       ? 
_reflns.observed_criterion_F_min                       ? 
_reflns.observed_criterion_I_max                       ? 
_reflns.observed_criterion_I_min                       ? 
_reflns.observed_criterion_sigma_F                     ? 
_reflns.observed_criterion_sigma_I                     ? 
_reflns.percent_possible_obs                           100.000 
_reflns.R_free_details                                 ? 
_reflns.Rmerge_F_all                                   ? 
_reflns.Rmerge_F_obs                                   ? 
_reflns.Friedel_coverage                               ? 
_reflns.number_gt                                      ? 
_reflns.threshold_expression                           ? 
_reflns.pdbx_redundancy                                17.200 
_reflns.pdbx_Rmerge_I_obs                              0.249 
_reflns.pdbx_Rmerge_I_all                              ? 
_reflns.pdbx_Rsym_value                                ? 
_reflns.pdbx_netI_over_av_sigmaI                       ? 
_reflns.pdbx_netI_over_sigmaI                          13.100 
_reflns.pdbx_res_netI_over_av_sigmaI_2                 ? 
_reflns.pdbx_res_netI_over_sigmaI_2                    ? 
_reflns.pdbx_chi_squared                               ? 
_reflns.pdbx_scaling_rejects                           160 
_reflns.pdbx_d_res_high_opt                            ? 
_reflns.pdbx_d_res_low_opt                             ? 
_reflns.pdbx_d_res_opt_method                          ? 
_reflns.phase_calculation_details                      ? 
_reflns.pdbx_Rrim_I_all                                0.257 
_reflns.pdbx_Rpim_I_all                                0.060 
_reflns.pdbx_d_opt                                     ? 
_reflns.pdbx_number_measured_all                       545282 
_reflns.pdbx_diffrn_id                                 1 
_reflns.pdbx_ordinal                                   1 
_reflns.pdbx_CC_half                                   0.998 
_reflns.pdbx_CC_star                                   ? 
_reflns.pdbx_R_split                                   ? 
_reflns.pdbx_aniso_diffraction_limit_axis_1_ortho[1]   ? 
_reflns.pdbx_aniso_diffraction_limit_axis_1_ortho[2]   ? 
_reflns.pdbx_aniso_diffraction_limit_axis_1_ortho[3]   ? 
_reflns.pdbx_aniso_diffraction_limit_axis_2_ortho[1]   ? 
_reflns.pdbx_aniso_diffraction_limit_axis_2_ortho[2]   ? 
_reflns.pdbx_aniso_diffraction_limit_axis_2_ortho[3]   ? 
_reflns.pdbx_aniso_diffraction_limit_axis_3_ortho[1]   ? 
_reflns.pdbx_aniso_diffraction_limit_axis_3_ortho[2]   ? 
_reflns.pdbx_aniso_diffraction_limit_axis_3_ortho[3]   ? 
_reflns.pdbx_aniso_diffraction_limit_1                 ? 
_reflns.pdbx_aniso_diffraction_limit_2                 ? 
_reflns.pdbx_aniso_diffraction_limit_3                 ? 
_reflns.pdbx_aniso_B_tensor_eigenvector_1_ortho[1]     ? 
_reflns.pdbx_aniso_B_tensor_eigenvector_1_ortho[2]     ? 
_reflns.pdbx_aniso_B_tensor_eigenvector_1_ortho[3]     ? 
_reflns.pdbx_aniso_B_tensor_eigenvector_2_ortho[1]     ? 
_reflns.pdbx_aniso_B_tensor_eigenvector_2_ortho[2]     ? 
_reflns.pdbx_aniso_B_tensor_eigenvector_2_ortho[3]     ? 
_reflns.pdbx_aniso_B_tensor_eigenvector_3_ortho[1]     ? 
_reflns.pdbx_aniso_B_tensor_eigenvector_3_ortho[2]     ? 
_reflns.pdbx_aniso_B_tensor_eigenvector_3_ortho[3]     ? 
_reflns.pdbx_aniso_B_tensor_eigenvalue_1               ? 
_reflns.pdbx_aniso_B_tensor_eigenvalue_2               ? 
_reflns.pdbx_aniso_B_tensor_eigenvalue_3               ? 
_reflns.pdbx_orthogonalization_convention              ? 
_reflns.pdbx_percent_possible_ellipsoidal              ? 
_reflns.pdbx_percent_possible_spherical                ? 
_reflns.pdbx_percent_possible_ellipsoidal_anomalous    ? 
_reflns.pdbx_percent_possible_spherical_anomalous      ? 
_reflns.pdbx_redundancy_anomalous                      ? 
_reflns.pdbx_CC_half_anomalous                         ? 
_reflns.pdbx_absDiff_over_sigma_anomalous              ? 
_reflns.pdbx_percent_possible_anomalous                ? 
_reflns.pdbx_observed_signal_threshold                 ? 
_reflns.pdbx_signal_type                               ? 
_reflns.pdbx_signal_details                            ? 
_reflns.pdbx_signal_software_id                        ? 
# 
loop_
_reflns_shell.d_res_high 
_reflns_shell.d_res_low 
_reflns_shell.meanI_over_sigI_all 
_reflns_shell.meanI_over_sigI_obs 
_reflns_shell.number_measured_all 
_reflns_shell.number_measured_obs 
_reflns_shell.number_possible 
_reflns_shell.number_unique_all 
_reflns_shell.number_unique_obs 
_reflns_shell.percent_possible_all 
_reflns_shell.percent_possible_obs 
_reflns_shell.Rmerge_F_all 
_reflns_shell.Rmerge_F_obs 
_reflns_shell.Rmerge_I_all 
_reflns_shell.Rmerge_I_obs 
_reflns_shell.meanI_over_sigI_gt 
_reflns_shell.meanI_over_uI_all 
_reflns_shell.meanI_over_uI_gt 
_reflns_shell.number_measured_gt 
_reflns_shell.number_unique_gt 
_reflns_shell.percent_possible_gt 
_reflns_shell.Rmerge_F_gt 
_reflns_shell.Rmerge_I_gt 
_reflns_shell.pdbx_redundancy 
_reflns_shell.pdbx_Rsym_value 
_reflns_shell.pdbx_chi_squared 
_reflns_shell.pdbx_netI_over_sigmaI_all 
_reflns_shell.pdbx_netI_over_sigmaI_obs 
_reflns_shell.pdbx_Rrim_I_all 
_reflns_shell.pdbx_Rpim_I_all 
_reflns_shell.pdbx_rejects 
_reflns_shell.pdbx_ordinal 
_reflns_shell.pdbx_diffrn_id 
_reflns_shell.pdbx_CC_half 
_reflns_shell.pdbx_CC_star 
_reflns_shell.pdbx_R_split 
_reflns_shell.pdbx_percent_possible_ellipsoidal 
_reflns_shell.pdbx_percent_possible_spherical 
_reflns_shell.pdbx_percent_possible_ellipsoidal_anomalous 
_reflns_shell.pdbx_percent_possible_spherical_anomalous 
_reflns_shell.pdbx_redundancy_anomalous 
_reflns_shell.pdbx_CC_half_anomalous 
_reflns_shell.pdbx_absDiff_over_sigma_anomalous 
_reflns_shell.pdbx_percent_possible_anomalous 
1.350 1.370  ? ? 14540 ? ? ? 1539 100.000 ? ? ? ? 3.832 ? ? ? ? ? ? ? ? 9.400  ? ? ? 1.300  4.041 1.253 ? 1 1 0.426 ? ? ? ? ? ? ? 
? ? ? 
7.390 35.010 ? ? 4122  ? ? ? 216  99.900  ? ? ? ? 0.055 ? ? ? ? ? ? ? ? 19.100 ? ? ? 43.200 0.057 0.013 ? 2 1 0.998 ? ? ? ? ? ? ? 
? ? ? 
# 
_refine.aniso_B[1][1]                            -1.7700 
_refine.aniso_B[1][2]                            -0.0000 
_refine.aniso_B[1][3]                            -0.0000 
_refine.aniso_B[2][2]                            -1.7700 
_refine.aniso_B[2][3]                            -0.0000 
_refine.aniso_B[3][3]                            3.5400 
_refine.B_iso_max                                44.780 
_refine.B_iso_mean                               13.1810 
_refine.B_iso_min                                6.440 
_refine.correlation_coeff_Fo_to_Fc               0.9790 
_refine.correlation_coeff_Fo_to_Fc_free          0.9730 
_refine.details                                  
'HYDROGENS HAVE BEEN ADDED IN THE RIDING POSITIONS U VALUES      : REFINED INDIVIDUALLY' 
_refine.diff_density_max                         ? 
_refine.diff_density_max_esd                     ? 
_refine.diff_density_min                         ? 
_refine.diff_density_min_esd                     ? 
_refine.diff_density_rms                         ? 
_refine.diff_density_rms_esd                     ? 
_refine.entry_id                                 7RFD 
_refine.pdbx_refine_id                           'X-RAY DIFFRACTION' 
_refine.ls_abs_structure_details                 ? 
_refine.ls_abs_structure_Flack                   ? 
_refine.ls_abs_structure_Flack_esd               ? 
_refine.ls_abs_structure_Rogers                  ? 
_refine.ls_abs_structure_Rogers_esd              ? 
_refine.ls_d_res_high                            1.3500 
_refine.ls_d_res_low                             35.0100 
_refine.ls_extinction_coef                       ? 
_refine.ls_extinction_coef_esd                   ? 
_refine.ls_extinction_expression                 ? 
_refine.ls_extinction_method                     ? 
_refine.ls_goodness_of_fit_all                   ? 
_refine.ls_goodness_of_fit_all_esd               ? 
_refine.ls_goodness_of_fit_obs                   ? 
_refine.ls_goodness_of_fit_obs_esd               ? 
_refine.ls_hydrogen_treatment                    ? 
_refine.ls_matrix_type                           ? 
_refine.ls_number_constraints                    ? 
_refine.ls_number_parameters                     ? 
_refine.ls_number_reflns_all                     ? 
_refine.ls_number_reflns_obs                     29926 
_refine.ls_number_reflns_R_free                  1632 
_refine.ls_number_reflns_R_work                  ? 
_refine.ls_number_restraints                     ? 
_refine.ls_percent_reflns_obs                    99.9800 
_refine.ls_percent_reflns_R_free                 5.2000 
_refine.ls_R_factor_all                          ? 
_refine.ls_R_factor_obs                          0.1232 
_refine.ls_R_factor_R_free                       0.1490 
_refine.ls_R_factor_R_free_error                 ? 
_refine.ls_R_factor_R_free_error_details         ? 
_refine.ls_R_factor_R_work                       0.1218 
_refine.ls_R_Fsqd_factor_obs                     ? 
_refine.ls_R_I_factor_obs                        ? 
_refine.ls_redundancy_reflns_all                 ? 
_refine.ls_redundancy_reflns_obs                 ? 
_refine.ls_restrained_S_all                      ? 
_refine.ls_restrained_S_obs                      ? 
_refine.ls_shift_over_esd_max                    ? 
_refine.ls_shift_over_esd_mean                   ? 
_refine.ls_structure_factor_coef                 ? 
_refine.ls_weighting_details                     ? 
_refine.ls_weighting_scheme                      ? 
_refine.ls_wR_factor_all                         ? 
_refine.ls_wR_factor_obs                         ? 
_refine.ls_wR_factor_R_free                      ? 
_refine.ls_wR_factor_R_work                      ? 
_refine.occupancy_max                            ? 
_refine.occupancy_min                            ? 
_refine.solvent_model_details                    MASK 
_refine.solvent_model_param_bsol                 ? 
_refine.solvent_model_param_ksol                 ? 
_refine.pdbx_R_complete                          ? 
_refine.ls_R_factor_gt                           ? 
_refine.ls_goodness_of_fit_gt                    ? 
_refine.ls_goodness_of_fit_ref                   ? 
_refine.ls_shift_over_su_max                     ? 
_refine.ls_shift_over_su_max_lt                  ? 
_refine.ls_shift_over_su_mean                    ? 
_refine.ls_shift_over_su_mean_lt                 ? 
_refine.pdbx_ls_sigma_I                          ? 
_refine.pdbx_ls_sigma_F                          0.000 
_refine.pdbx_ls_sigma_Fsqd                       ? 
_refine.pdbx_data_cutoff_high_absF               ? 
_refine.pdbx_data_cutoff_high_rms_absF           ? 
_refine.pdbx_data_cutoff_low_absF                ? 
_refine.pdbx_isotropic_thermal_model             ? 
_refine.pdbx_ls_cross_valid_method               THROUGHOUT 
_refine.pdbx_method_to_determine_struct          'MOLECULAR REPLACEMENT' 
_refine.pdbx_starting_model                      7N3J 
_refine.pdbx_stereochemistry_target_values       'MAXIMUM LIKELIHOOD' 
_refine.pdbx_R_Free_selection_details            RANDOM 
_refine.pdbx_stereochem_target_val_spec_case     ? 
_refine.pdbx_overall_ESU_R                       0.0090 
_refine.pdbx_overall_ESU_R_Free                  0.0100 
_refine.pdbx_solvent_vdw_probe_radii             1.2000 
_refine.pdbx_solvent_ion_probe_radii             0.8000 
_refine.pdbx_solvent_shrinkage_radii             0.8000 
_refine.pdbx_real_space_R                        ? 
_refine.pdbx_density_correlation                 ? 
_refine.pdbx_pd_number_of_powder_patterns        ? 
_refine.pdbx_pd_number_of_points                 ? 
_refine.pdbx_pd_meas_number_of_points            ? 
_refine.pdbx_pd_proc_ls_prof_R_factor            ? 
_refine.pdbx_pd_proc_ls_prof_wR_factor           ? 
_refine.pdbx_pd_Marquardt_correlation_coeff      ? 
_refine.pdbx_pd_Fsqrd_R_factor                   ? 
_refine.pdbx_pd_ls_matrix_band_width             ? 
_refine.pdbx_overall_phase_error                 ? 
_refine.pdbx_overall_SU_R_free_Cruickshank_DPI   ? 
_refine.pdbx_overall_SU_R_free_Blow_DPI          ? 
_refine.pdbx_overall_SU_R_Blow_DPI               ? 
_refine.pdbx_TLS_residual_ADP_flag               ? 
_refine.pdbx_diffrn_id                           1 
_refine.overall_SU_B                             0.4060 
_refine.overall_SU_ML                            0.0180 
_refine.overall_SU_R_Cruickshank_DPI             ? 
_refine.overall_SU_R_free                        ? 
_refine.overall_FOM_free_R_set                   ? 
_refine.overall_FOM_work_R_set                   ? 
_refine.pdbx_average_fsc_overall                 ? 
_refine.pdbx_average_fsc_work                    ? 
_refine.pdbx_average_fsc_free                    ? 
# 
_refine_hist.pdbx_refine_id                   'X-RAY DIFFRACTION' 
_refine_hist.cycle_id                         final 
_refine_hist.details                          ? 
_refine_hist.d_res_high                       1.3500 
_refine_hist.d_res_low                        35.0100 
_refine_hist.number_atoms_solvent             189 
_refine_hist.number_atoms_total               1526 
_refine_hist.number_reflns_all                ? 
_refine_hist.number_reflns_obs                ? 
_refine_hist.number_reflns_R_free             ? 
_refine_hist.number_reflns_R_work             ? 
_refine_hist.R_factor_all                     ? 
_refine_hist.R_factor_obs                     ? 
_refine_hist.R_factor_R_free                  ? 
_refine_hist.R_factor_R_work                  ? 
_refine_hist.pdbx_number_residues_total       170 
_refine_hist.pdbx_B_iso_mean_ligand           ? 
_refine_hist.pdbx_B_iso_mean_solvent          24.29 
_refine_hist.pdbx_number_atoms_protein        1337 
_refine_hist.pdbx_number_atoms_nucleic_acid   0 
_refine_hist.pdbx_number_atoms_ligand         0 
_refine_hist.pdbx_number_atoms_lipid          ? 
_refine_hist.pdbx_number_atoms_carb           ? 
_refine_hist.pdbx_pseudo_atom_details         ? 
# 
loop_
_refine_ls_restr.pdbx_refine_id 
_refine_ls_restr.criterion 
_refine_ls_restr.dev_ideal 
_refine_ls_restr.dev_ideal_target 
_refine_ls_restr.number 
_refine_ls_restr.rejects 
_refine_ls_restr.type 
_refine_ls_restr.weight 
_refine_ls_restr.pdbx_restraint_function 
'X-RAY DIFFRACTION' ? 0.018  0.013  1380 ? r_bond_refined_d       ? ? 
'X-RAY DIFFRACTION' ? 0.001  0.017  1249 ? r_bond_other_d         ? ? 
'X-RAY DIFFRACTION' ? 2.191  1.637  1870 ? r_angle_refined_deg    ? ? 
'X-RAY DIFFRACTION' ? 1.590  1.588  2876 ? r_angle_other_deg      ? ? 
'X-RAY DIFFRACTION' ? 7.203  5.000  171  ? r_dihedral_angle_1_deg ? ? 
'X-RAY DIFFRACTION' ? 32.399 23.600 75   ? r_dihedral_angle_2_deg ? ? 
'X-RAY DIFFRACTION' ? 14.072 15.000 225  ? r_dihedral_angle_3_deg ? ? 
'X-RAY DIFFRACTION' ? 21.555 15.000 6    ? r_dihedral_angle_4_deg ? ? 
'X-RAY DIFFRACTION' ? 0.122  0.200  179  ? r_chiral_restr         ? ? 
'X-RAY DIFFRACTION' ? 0.014  0.020  1603 ? r_gen_planes_refined   ? ? 
'X-RAY DIFFRACTION' ? 0.001  0.020  325  ? r_gen_planes_other     ? ? 
# 
_refine_ls_shell.pdbx_refine_id                   'X-RAY DIFFRACTION' 
_refine_ls_shell.d_res_high                       1.3500 
_refine_ls_shell.d_res_low                        1.3850 
_refine_ls_shell.number_reflns_all                2310 
_refine_ls_shell.number_reflns_obs                ? 
_refine_ls_shell.number_reflns_R_free             112 
_refine_ls_shell.number_reflns_R_work             2198 
_refine_ls_shell.percent_reflns_obs               99.8300 
_refine_ls_shell.percent_reflns_R_free            ? 
_refine_ls_shell.R_factor_all                     ? 
_refine_ls_shell.R_factor_obs                     ? 
_refine_ls_shell.R_factor_R_free                  0.2540 
_refine_ls_shell.R_factor_R_free_error            0.0000 
_refine_ls_shell.R_factor_R_work                  0.2050 
_refine_ls_shell.redundancy_reflns_all            ? 
_refine_ls_shell.redundancy_reflns_obs            ? 
_refine_ls_shell.wR_factor_all                    ? 
_refine_ls_shell.wR_factor_obs                    ? 
_refine_ls_shell.wR_factor_R_free                 ? 
_refine_ls_shell.wR_factor_R_work                 ? 
_refine_ls_shell.pdbx_R_complete                  ? 
_refine_ls_shell.pdbx_total_number_of_bins_used   20 
_refine_ls_shell.pdbx_phase_error                 ? 
_refine_ls_shell.pdbx_fsc_work                    ? 
_refine_ls_shell.pdbx_fsc_free                    ? 
# 
_struct.entry_id                     7RFD 
_struct.title                        'E. coli peptidyl-prolyl cis-trans isomerase, mutant Phe4Ala Phe27CF3-Phe/Phe98CF3-Phe' 
_struct.pdbx_model_details           ? 
_struct.pdbx_formula_weight          ? 
_struct.pdbx_formula_weight_method   ? 
_struct.pdbx_model_type_details      ? 
_struct.pdbx_CASP_flag               N 
# 
_struct_keywords.entry_id        7RFD 
_struct_keywords.text            
'Peptidyl-prolyl cis-trans isomerase, Non-canonical amino acids, Trifluoromethyl-phenylalanine, ISOMERASE' 
_struct_keywords.pdbx_keywords   ISOMERASE 
# 
loop_
_struct_asym.id 
_struct_asym.pdbx_blank_PDB_chainid_flag 
_struct_asym.pdbx_modified 
_struct_asym.entity_id 
_struct_asym.details 
A N N 1 ? 
B N N 2 ? 
# 
_struct_ref.id                         1 
_struct_ref.db_name                    UNP 
_struct_ref.db_code                    J7QN08_ECOLX 
_struct_ref.pdbx_db_accession          J7QN08 
_struct_ref.pdbx_db_isoform            ? 
_struct_ref.entity_id                  1 
_struct_ref.pdbx_seq_one_letter_code   
;MVTFHTNHGDIVIKTFDDKAPETVKNFLDYCREGFYNNTIFHRVINGFMIQGGGFEPGMKQKATKEPIKNEANNGLKNTR
GTLAMARTQAPHSATAQFFINVVDNDFLNFSGESLQGWGYCVFAEVVDGMDVVDKIKGVATGRSGMHQDVPKEDVIIESV
TVSE
;
_struct_ref.pdbx_align_begin           1 
# 
_struct_ref_seq.align_id                      1 
_struct_ref_seq.ref_id                        1 
_struct_ref_seq.pdbx_PDB_id_code              7RFD 
_struct_ref_seq.pdbx_strand_id                A 
_struct_ref_seq.seq_align_beg                 1 
_struct_ref_seq.pdbx_seq_align_beg_ins_code   ? 
_struct_ref_seq.seq_align_end                 164 
_struct_ref_seq.pdbx_seq_align_end_ins_code   ? 
_struct_ref_seq.pdbx_db_accession             J7QN08 
_struct_ref_seq.db_align_beg                  1 
_struct_ref_seq.pdbx_db_align_beg_ins_code    ? 
_struct_ref_seq.db_align_end                  164 
_struct_ref_seq.pdbx_db_align_end_ins_code    ? 
_struct_ref_seq.pdbx_auth_seq_align_beg       1 
_struct_ref_seq.pdbx_auth_seq_align_end       164 
# 
loop_
_struct_ref_seq_dif.align_id 
_struct_ref_seq_dif.pdbx_pdb_id_code 
_struct_ref_seq_dif.mon_id 
_struct_ref_seq_dif.pdbx_pdb_strand_id 
_struct_ref_seq_dif.seq_num 
_struct_ref_seq_dif.pdbx_pdb_ins_code 
_struct_ref_seq_dif.pdbx_seq_db_name 
_struct_ref_seq_dif.pdbx_seq_db_accession_code 
_struct_ref_seq_dif.db_mon_id 
_struct_ref_seq_dif.pdbx_seq_db_seq_num 
_struct_ref_seq_dif.details 
_struct_ref_seq_dif.pdbx_auth_seq_num 
_struct_ref_seq_dif.pdbx_ordinal 
1 7RFD ALA A 4   ? UNP J7QN08 PHE 4 'engineered mutation' 4   1 
1 7RFD HIS A 165 ? UNP J7QN08 ?   ? 'expression tag'      165 2 
1 7RFD HIS A 166 ? UNP J7QN08 ?   ? 'expression tag'      166 3 
1 7RFD HIS A 167 ? UNP J7QN08 ?   ? 'expression tag'      167 4 
1 7RFD HIS A 168 ? UNP J7QN08 ?   ? 'expression tag'      168 5 
1 7RFD HIS A 169 ? UNP J7QN08 ?   ? 'expression tag'      169 6 
1 7RFD HIS A 170 ? UNP J7QN08 ?   ? 'expression tag'      170 7 
# 
_pdbx_struct_assembly.id                   1 
_pdbx_struct_assembly.details              author_and_software_defined_assembly 
_pdbx_struct_assembly.method_details       PISA 
_pdbx_struct_assembly.oligomeric_details   monomeric 
_pdbx_struct_assembly.oligomeric_count     1 
# 
_pdbx_struct_assembly_gen.assembly_id       1 
_pdbx_struct_assembly_gen.oper_expression   1 
_pdbx_struct_assembly_gen.asym_id_list      A,B 
# 
_pdbx_struct_assembly_auth_evidence.id                     1 
_pdbx_struct_assembly_auth_evidence.assembly_id            1 
_pdbx_struct_assembly_auth_evidence.experimental_support   none 
_pdbx_struct_assembly_auth_evidence.details                ? 
# 
_pdbx_struct_oper_list.id                   1 
_pdbx_struct_oper_list.type                 'identity operation' 
_pdbx_struct_oper_list.name                 1_555 
_pdbx_struct_oper_list.symmetry_operation   x,y,z 
_pdbx_struct_oper_list.matrix[1][1]         1.0000000000 
_pdbx_struct_oper_list.matrix[1][2]         0.0000000000 
_pdbx_struct_oper_list.matrix[1][3]         0.0000000000 
_pdbx_struct_oper_list.vector[1]            0.0000000000 
_pdbx_struct_oper_list.matrix[2][1]         0.0000000000 
_pdbx_struct_oper_list.matrix[2][2]         1.0000000000 
_pdbx_struct_oper_list.matrix[2][3]         0.0000000000 
_pdbx_struct_oper_list.vector[2]            0.0000000000 
_pdbx_struct_oper_list.matrix[3][1]         0.0000000000 
_pdbx_struct_oper_list.matrix[3][2]         0.0000000000 
_pdbx_struct_oper_list.matrix[3][3]         1.0000000000 
_pdbx_struct_oper_list.vector[3]            0.0000000000 
# 
loop_
_struct_conf.conf_type_id 
_struct_conf.id 
_struct_conf.pdbx_PDB_helix_id 
_struct_conf.beg_label_comp_id 
_struct_conf.beg_label_asym_id 
_struct_conf.beg_label_seq_id 
_struct_conf.pdbx_beg_PDB_ins_code 
_struct_conf.end_label_comp_id 
_struct_conf.end_label_asym_id 
_struct_conf.end_label_seq_id 
_struct_conf.pdbx_end_PDB_ins_code 
_struct_conf.beg_auth_comp_id 
_struct_conf.beg_auth_asym_id 
_struct_conf.beg_auth_seq_id 
_struct_conf.end_auth_comp_id 
_struct_conf.end_auth_asym_id 
_struct_conf.end_auth_seq_id 
_struct_conf.pdbx_PDB_helix_class 
_struct_conf.details 
_struct_conf.pdbx_PDB_helix_length 
HELX_P HELX_P1 AA1 ALA A 20  ? GLU A 33  ? ALA A 20  GLU A 33  1 ? 14 
HELX_P HELX_P2 AA2 ASN A 105 ? ASN A 109 ? ASN A 105 ASN A 109 5 ? 5  
HELX_P HELX_P3 AA3 GLY A 129 ? GLY A 138 ? GLY A 129 GLY A 138 1 ? 10 
# 
_struct_conf_type.id          HELX_P 
_struct_conf_type.criteria    ? 
_struct_conf_type.reference   ? 
# 
loop_
_struct_conn.id 
_struct_conn.conn_type_id 
_struct_conn.pdbx_leaving_atom_flag 
_struct_conn.pdbx_PDB_id 
_struct_conn.ptnr1_label_asym_id 
_struct_conn.ptnr1_label_comp_id 
_struct_conn.ptnr1_label_seq_id 
_struct_conn.ptnr1_label_atom_id 
_struct_conn.pdbx_ptnr1_label_alt_id 
_struct_conn.pdbx_ptnr1_PDB_ins_code 
_struct_conn.pdbx_ptnr1_standard_comp_id 
_struct_conn.ptnr1_symmetry 
_struct_conn.ptnr2_label_asym_id 
_struct_conn.ptnr2_label_comp_id 
_struct_conn.ptnr2_label_seq_id 
_struct_conn.ptnr2_label_atom_id 
_struct_conn.pdbx_ptnr2_label_alt_id 
_struct_conn.pdbx_ptnr2_PDB_ins_code 
_struct_conn.ptnr1_auth_asym_id 
_struct_conn.ptnr1_auth_comp_id 
_struct_conn.ptnr1_auth_seq_id 
_struct_conn.ptnr2_auth_asym_id 
_struct_conn.ptnr2_auth_comp_id 
_struct_conn.ptnr2_auth_seq_id 
_struct_conn.ptnr2_symmetry 
_struct_conn.pdbx_ptnr3_label_atom_id 
_struct_conn.pdbx_ptnr3_label_seq_id 
_struct_conn.pdbx_ptnr3_label_comp_id 
_struct_conn.pdbx_ptnr3_label_asym_id 
_struct_conn.pdbx_ptnr3_label_alt_id 
_struct_conn.pdbx_ptnr3_PDB_ins_code 
_struct_conn.details 
_struct_conn.pdbx_dist_value 
_struct_conn.pdbx_value_order 
_struct_conn.pdbx_role 
covale1 covale both ? A ASN 26 C ? ? ? 1_555 A 55I 27 N ? ? A ASN 26 A 55I 27 1_555 ? ? ? ? ? ? ? 1.321 ? ? 
covale2 covale both ? A 55I 27 C ? ? ? 1_555 A LEU 28 N ? ? A 55I 27 A LEU 28 1_555 ? ? ? ? ? ? ? 1.318 ? ? 
covale3 covale both ? A GLN 97 C ? ? ? 1_555 A 55I 98 N ? ? A GLN 97 A 55I 98 1_555 ? ? ? ? ? ? ? 1.352 ? ? 
covale4 covale both ? A 55I 98 C ? ? ? 1_555 A PHE 99 N ? ? A 55I 98 A PHE 99 1_555 ? ? ? ? ? ? ? 1.339 ? ? 
# 
_struct_conn_type.id          covale 
_struct_conn_type.criteria    ? 
_struct_conn_type.reference   ? 
# 
loop_
_pdbx_modification_feature.ordinal 
_pdbx_modification_feature.label_comp_id 
_pdbx_modification_feature.label_asym_id 
_pdbx_modification_feature.label_seq_id 
_pdbx_modification_feature.label_alt_id 
_pdbx_modification_feature.modified_residue_label_comp_id 
_pdbx_modification_feature.modified_residue_label_asym_id 
_pdbx_modification_feature.modified_residue_label_seq_id 
_pdbx_modification_feature.modified_residue_label_alt_id 
_pdbx_modification_feature.auth_comp_id 
_pdbx_modification_feature.auth_asym_id 
_pdbx_modification_feature.auth_seq_id 
_pdbx_modification_feature.PDB_ins_code 
_pdbx_modification_feature.symmetry 
_pdbx_modification_feature.modified_residue_auth_comp_id 
_pdbx_modification_feature.modified_residue_auth_asym_id 
_pdbx_modification_feature.modified_residue_auth_seq_id 
_pdbx_modification_feature.modified_residue_PDB_ins_code 
_pdbx_modification_feature.modified_residue_symmetry 
_pdbx_modification_feature.comp_id_linking_atom 
_pdbx_modification_feature.modified_residue_id_linking_atom 
_pdbx_modification_feature.modified_residue_id 
_pdbx_modification_feature.ref_pcm_id 
_pdbx_modification_feature.ref_comp_id 
_pdbx_modification_feature.type 
_pdbx_modification_feature.category 
1 55I A 27 ? . . . . 55I A 27 ? 1_555 . . . . . . . PHE 1 55I None 'Non-standard residue' 
2 55I A 98 ? . . . . 55I A 98 ? 1_555 . . . . . . . PHE 1 55I None 'Non-standard residue' 
# 
loop_
_struct_sheet.id 
_struct_sheet.type 
_struct_sheet.number_strands 
_struct_sheet.details 
AA1 ? 9 ? 
AA2 ? 2 ? 
AA3 ? 2 ? 
# 
loop_
_struct_sheet_order.sheet_id 
_struct_sheet_order.range_id_1 
_struct_sheet_order.range_id_2 
_struct_sheet_order.offset 
_struct_sheet_order.sense 
AA1 1 2 ? anti-parallel 
AA1 2 3 ? anti-parallel 
AA1 3 4 ? anti-parallel 
AA1 4 5 ? anti-parallel 
AA1 5 6 ? anti-parallel 
AA1 6 7 ? anti-parallel 
AA1 7 8 ? anti-parallel 
AA1 8 9 ? anti-parallel 
AA2 1 2 ? anti-parallel 
AA3 1 2 ? anti-parallel 
# 
loop_
_struct_sheet_range.sheet_id 
_struct_sheet_range.id 
_struct_sheet_range.beg_label_comp_id 
_struct_sheet_range.beg_label_asym_id 
_struct_sheet_range.beg_label_seq_id 
_struct_sheet_range.pdbx_beg_PDB_ins_code 
_struct_sheet_range.end_label_comp_id 
_struct_sheet_range.end_label_asym_id 
_struct_sheet_range.end_label_seq_id 
_struct_sheet_range.pdbx_end_PDB_ins_code 
_struct_sheet_range.beg_auth_comp_id 
_struct_sheet_range.beg_auth_asym_id 
_struct_sheet_range.beg_auth_seq_id 
_struct_sheet_range.end_auth_comp_id 
_struct_sheet_range.end_auth_asym_id 
_struct_sheet_range.end_auth_seq_id 
AA1 1 VAL A 2   ? THR A 6   ? VAL A 2   THR A 6   
AA1 2 GLY A 9   ? THR A 15  ? GLY A 9   THR A 15  
AA1 3 VAL A 122 ? ASP A 128 ? VAL A 122 ASP A 128 
AA1 4 THR A 82  ? MET A 85  ? THR A 82  MET A 85  
AA1 5 55I A 98  ? ASN A 101 ? 55I A 98  ASN A 101 
AA1 6 MET A 49  ? GLY A 52  ? MET A 49  GLY A 52  
AA1 7 THR A 39  ? ILE A 45  ? THR A 39  ILE A 45  
AA1 8 ILE A 156 ? VAL A 162 ? ILE A 156 VAL A 162 
AA1 9 VAL A 2   ? THR A 6   ? VAL A 2   THR A 6   
AA2 1 PHE A 55  ? GLU A 56  ? PHE A 55  GLU A 56  
AA2 2 LYS A 60  ? GLN A 61  ? LYS A 60  GLN A 61  
AA3 1 THR A 141 ? SER A 144 ? THR A 141 SER A 144 
AA3 2 HIS A 147 ? PRO A 151 ? HIS A 147 PRO A 151 
# 
loop_
_pdbx_struct_sheet_hbond.sheet_id 
_pdbx_struct_sheet_hbond.range_id_1 
_pdbx_struct_sheet_hbond.range_id_2 
_pdbx_struct_sheet_hbond.range_1_label_atom_id 
_pdbx_struct_sheet_hbond.range_1_label_comp_id 
_pdbx_struct_sheet_hbond.range_1_label_asym_id 
_pdbx_struct_sheet_hbond.range_1_label_seq_id 
_pdbx_struct_sheet_hbond.range_1_PDB_ins_code 
_pdbx_struct_sheet_hbond.range_1_auth_atom_id 
_pdbx_struct_sheet_hbond.range_1_auth_comp_id 
_pdbx_struct_sheet_hbond.range_1_auth_asym_id 
_pdbx_struct_sheet_hbond.range_1_auth_seq_id 
_pdbx_struct_sheet_hbond.range_2_label_atom_id 
_pdbx_struct_sheet_hbond.range_2_label_comp_id 
_pdbx_struct_sheet_hbond.range_2_label_asym_id 
_pdbx_struct_sheet_hbond.range_2_label_seq_id 
_pdbx_struct_sheet_hbond.range_2_PDB_ins_code 
_pdbx_struct_sheet_hbond.range_2_auth_atom_id 
_pdbx_struct_sheet_hbond.range_2_auth_comp_id 
_pdbx_struct_sheet_hbond.range_2_auth_asym_id 
_pdbx_struct_sheet_hbond.range_2_auth_seq_id 
AA1 1 2 N VAL A 2   ? N VAL A 2   O ILE A 13  ? O ILE A 13  
AA1 2 3 N VAL A 12  ? N VAL A 12  O VAL A 127 ? O VAL A 127 
AA1 3 4 O ALA A 124 ? O ALA A 124 N LEU A 83  ? N LEU A 83  
AA1 4 5 N THR A 82  ? N THR A 82  O ASN A 101 ? O ASN A 101 
AA1 5 6 O ILE A 100 ? O ILE A 100 N ILE A 50  ? N ILE A 50  
AA1 6 7 O GLN A 51  ? O GLN A 51  N ARG A 43  ? N ARG A 43  
AA1 7 8 N THR A 39  ? N THR A 39  O ILE A 157 ? O ILE A 157 
AA1 8 9 O SER A 159 ? O SER A 159 N HIS A 5   ? N HIS A 5   
AA2 1 2 N GLU A 56  ? N GLU A 56  O LYS A 60  ? O LYS A 60  
AA3 1 2 N GLY A 142 ? N GLY A 142 O VAL A 150 ? O VAL A 150 
# 
_pdbx_entry_details.entry_id                   7RFD 
_pdbx_entry_details.has_ligand_of_interest     N 
_pdbx_entry_details.compound_details           ? 
_pdbx_entry_details.source_details             ? 
_pdbx_entry_details.nonpolymer_details         ? 
_pdbx_entry_details.sequence_details           ? 
_pdbx_entry_details.has_protein_modification   Y 
# 
loop_
_pdbx_validate_torsion.id 
_pdbx_validate_torsion.PDB_model_num 
_pdbx_validate_torsion.auth_comp_id 
_pdbx_validate_torsion.auth_asym_id 
_pdbx_validate_torsion.auth_seq_id 
_pdbx_validate_torsion.PDB_ins_code 
_pdbx_validate_torsion.label_alt_id 
_pdbx_validate_torsion.phi 
_pdbx_validate_torsion.psi 
1 1 PHE A 48  ? ? -140.97 -79.93  
2 1 MET A 59  ? ? 74.97   34.13   
3 1 THR A 88  ? ? -104.95 -161.18 
4 1 HIS A 92  ? ? -93.83  41.68   
5 1 THR A 95  ? ? -122.96 -94.36  
6 1 ASN A 105 ? ? -119.83 70.64   
7 1 PHE A 123 ? ? -140.43 -1.67   
8 1 ASP A 149 ? ? 74.34   34.50   
# 
loop_
_pdbx_struct_mod_residue.id 
_pdbx_struct_mod_residue.label_asym_id 
_pdbx_struct_mod_residue.label_comp_id 
_pdbx_struct_mod_residue.label_seq_id 
_pdbx_struct_mod_residue.auth_asym_id 
_pdbx_struct_mod_residue.auth_comp_id 
_pdbx_struct_mod_residue.auth_seq_id 
_pdbx_struct_mod_residue.PDB_ins_code 
_pdbx_struct_mod_residue.parent_comp_id 
_pdbx_struct_mod_residue.details 
1 A 55I 27 A 55I 27 ? PHE 'modified residue' 
2 A 55I 98 A 55I 98 ? PHE 'modified residue' 
# 
loop_
_chem_comp_atom.comp_id 
_chem_comp_atom.atom_id 
_chem_comp_atom.type_symbol 
_chem_comp_atom.pdbx_aromatic_flag 
_chem_comp_atom.pdbx_stereo_config 
_chem_comp_atom.pdbx_ordinal 
55I C    C N N 1   
55I N    N N N 2   
55I O    O N N 3   
55I CA   C N S 4   
55I CB   C N N 5   
55I CG   C Y N 6   
55I CZ   C Y N 7   
55I C13  C N N 8   
55I F19  F N N 9   
55I F20  F N N 10  
55I F21  F N N 11  
55I CD1  C Y N 12  
55I CD2  C Y N 13  
55I CE1  C Y N 14  
55I CE2  C Y N 15  
55I OXT  O N N 16  
55I H    H N N 17  
55I H2   H N N 18  
55I HA   H N N 19  
55I H5   H N N 20  
55I H6   H N N 21  
55I H7   H N N 22  
55I H8   H N N 23  
55I H9   H N N 24  
55I H10  H N N 25  
55I HXT  H N N 26  
ALA N    N N N 27  
ALA CA   C N S 28  
ALA C    C N N 29  
ALA O    O N N 30  
ALA CB   C N N 31  
ALA OXT  O N N 32  
ALA H    H N N 33  
ALA H2   H N N 34  
ALA HA   H N N 35  
ALA HB1  H N N 36  
ALA HB2  H N N 37  
ALA HB3  H N N 38  
ALA HXT  H N N 39  
ARG N    N N N 40  
ARG CA   C N S 41  
ARG C    C N N 42  
ARG O    O N N 43  
ARG CB   C N N 44  
ARG CG   C N N 45  
ARG CD   C N N 46  
ARG NE   N N N 47  
ARG CZ   C N N 48  
ARG NH1  N N N 49  
ARG NH2  N N N 50  
ARG OXT  O N N 51  
ARG H    H N N 52  
ARG H2   H N N 53  
ARG HA   H N N 54  
ARG HB2  H N N 55  
ARG HB3  H N N 56  
ARG HG2  H N N 57  
ARG HG3  H N N 58  
ARG HD2  H N N 59  
ARG HD3  H N N 60  
ARG HE   H N N 61  
ARG HH11 H N N 62  
ARG HH12 H N N 63  
ARG HH21 H N N 64  
ARG HH22 H N N 65  
ARG HXT  H N N 66  
ASN N    N N N 67  
ASN CA   C N S 68  
ASN C    C N N 69  
ASN O    O N N 70  
ASN CB   C N N 71  
ASN CG   C N N 72  
ASN OD1  O N N 73  
ASN ND2  N N N 74  
ASN OXT  O N N 75  
ASN H    H N N 76  
ASN H2   H N N 77  
ASN HA   H N N 78  
ASN HB2  H N N 79  
ASN HB3  H N N 80  
ASN HD21 H N N 81  
ASN HD22 H N N 82  
ASN HXT  H N N 83  
ASP N    N N N 84  
ASP CA   C N S 85  
ASP C    C N N 86  
ASP O    O N N 87  
ASP CB   C N N 88  
ASP CG   C N N 89  
ASP OD1  O N N 90  
ASP OD2  O N N 91  
ASP OXT  O N N 92  
ASP H    H N N 93  
ASP H2   H N N 94  
ASP HA   H N N 95  
ASP HB2  H N N 96  
ASP HB3  H N N 97  
ASP HD2  H N N 98  
ASP HXT  H N N 99  
CYS N    N N N 100 
CYS CA   C N R 101 
CYS C    C N N 102 
CYS O    O N N 103 
CYS CB   C N N 104 
CYS SG   S N N 105 
CYS OXT  O N N 106 
CYS H    H N N 107 
CYS H2   H N N 108 
CYS HA   H N N 109 
CYS HB2  H N N 110 
CYS HB3  H N N 111 
CYS HG   H N N 112 
CYS HXT  H N N 113 
GLN N    N N N 114 
GLN CA   C N S 115 
GLN C    C N N 116 
GLN O    O N N 117 
GLN CB   C N N 118 
GLN CG   C N N 119 
GLN CD   C N N 120 
GLN OE1  O N N 121 
GLN NE2  N N N 122 
GLN OXT  O N N 123 
GLN H    H N N 124 
GLN H2   H N N 125 
GLN HA   H N N 126 
GLN HB2  H N N 127 
GLN HB3  H N N 128 
GLN HG2  H N N 129 
GLN HG3  H N N 130 
GLN HE21 H N N 131 
GLN HE22 H N N 132 
GLN HXT  H N N 133 
GLU N    N N N 134 
GLU CA   C N S 135 
GLU C    C N N 136 
GLU O    O N N 137 
GLU CB   C N N 138 
GLU CG   C N N 139 
GLU CD   C N N 140 
GLU OE1  O N N 141 
GLU OE2  O N N 142 
GLU OXT  O N N 143 
GLU H    H N N 144 
GLU H2   H N N 145 
GLU HA   H N N 146 
GLU HB2  H N N 147 
GLU HB3  H N N 148 
GLU HG2  H N N 149 
GLU HG3  H N N 150 
GLU HE2  H N N 151 
GLU HXT  H N N 152 
GLY N    N N N 153 
GLY CA   C N N 154 
GLY C    C N N 155 
GLY O    O N N 156 
GLY OXT  O N N 157 
GLY H    H N N 158 
GLY H2   H N N 159 
GLY HA2  H N N 160 
GLY HA3  H N N 161 
GLY HXT  H N N 162 
HIS N    N N N 163 
HIS CA   C N S 164 
HIS C    C N N 165 
HIS O    O N N 166 
HIS CB   C N N 167 
HIS CG   C Y N 168 
HIS ND1  N Y N 169 
HIS CD2  C Y N 170 
HIS CE1  C Y N 171 
HIS NE2  N Y N 172 
HIS OXT  O N N 173 
HIS H    H N N 174 
HIS H2   H N N 175 
HIS HA   H N N 176 
HIS HB2  H N N 177 
HIS HB3  H N N 178 
HIS HD1  H N N 179 
HIS HD2  H N N 180 
HIS HE1  H N N 181 
HIS HE2  H N N 182 
HIS HXT  H N N 183 
HOH O    O N N 184 
HOH H1   H N N 185 
HOH H2   H N N 186 
ILE N    N N N 187 
ILE CA   C N S 188 
ILE C    C N N 189 
ILE O    O N N 190 
ILE CB   C N S 191 
ILE CG1  C N N 192 
ILE CG2  C N N 193 
ILE CD1  C N N 194 
ILE OXT  O N N 195 
ILE H    H N N 196 
ILE H2   H N N 197 
ILE HA   H N N 198 
ILE HB   H N N 199 
ILE HG12 H N N 200 
ILE HG13 H N N 201 
ILE HG21 H N N 202 
ILE HG22 H N N 203 
ILE HG23 H N N 204 
ILE HD11 H N N 205 
ILE HD12 H N N 206 
ILE HD13 H N N 207 
ILE HXT  H N N 208 
LEU N    N N N 209 
LEU CA   C N S 210 
LEU C    C N N 211 
LEU O    O N N 212 
LEU CB   C N N 213 
LEU CG   C N N 214 
LEU CD1  C N N 215 
LEU CD2  C N N 216 
LEU OXT  O N N 217 
LEU H    H N N 218 
LEU H2   H N N 219 
LEU HA   H N N 220 
LEU HB2  H N N 221 
LEU HB3  H N N 222 
LEU HG   H N N 223 
LEU HD11 H N N 224 
LEU HD12 H N N 225 
LEU HD13 H N N 226 
LEU HD21 H N N 227 
LEU HD22 H N N 228 
LEU HD23 H N N 229 
LEU HXT  H N N 230 
LYS N    N N N 231 
LYS CA   C N S 232 
LYS C    C N N 233 
LYS O    O N N 234 
LYS CB   C N N 235 
LYS CG   C N N 236 
LYS CD   C N N 237 
LYS CE   C N N 238 
LYS NZ   N N N 239 
LYS OXT  O N N 240 
LYS H    H N N 241 
LYS H2   H N N 242 
LYS HA   H N N 243 
LYS HB2  H N N 244 
LYS HB3  H N N 245 
LYS HG2  H N N 246 
LYS HG3  H N N 247 
LYS HD2  H N N 248 
LYS HD3  H N N 249 
LYS HE2  H N N 250 
LYS HE3  H N N 251 
LYS HZ1  H N N 252 
LYS HZ2  H N N 253 
LYS HZ3  H N N 254 
LYS HXT  H N N 255 
MET N    N N N 256 
MET CA   C N S 257 
MET C    C N N 258 
MET O    O N N 259 
MET CB   C N N 260 
MET CG   C N N 261 
MET SD   S N N 262 
MET CE   C N N 263 
MET OXT  O N N 264 
MET H    H N N 265 
MET H2   H N N 266 
MET HA   H N N 267 
MET HB2  H N N 268 
MET HB3  H N N 269 
MET HG2  H N N 270 
MET HG3  H N N 271 
MET HE1  H N N 272 
MET HE2  H N N 273 
MET HE3  H N N 274 
MET HXT  H N N 275 
PHE N    N N N 276 
PHE CA   C N S 277 
PHE C    C N N 278 
PHE O    O N N 279 
PHE CB   C N N 280 
PHE CG   C Y N 281 
PHE CD1  C Y N 282 
PHE CD2  C Y N 283 
PHE CE1  C Y N 284 
PHE CE2  C Y N 285 
PHE CZ   C Y N 286 
PHE OXT  O N N 287 
PHE H    H N N 288 
PHE H2   H N N 289 
PHE HA   H N N 290 
PHE HB2  H N N 291 
PHE HB3  H N N 292 
PHE HD1  H N N 293 
PHE HD2  H N N 294 
PHE HE1  H N N 295 
PHE HE2  H N N 296 
PHE HZ   H N N 297 
PHE HXT  H N N 298 
PRO N    N N N 299 
PRO CA   C N S 300 
PRO C    C N N 301 
PRO O    O N N 302 
PRO CB   C N N 303 
PRO CG   C N N 304 
PRO CD   C N N 305 
PRO OXT  O N N 306 
PRO H    H N N 307 
PRO HA   H N N 308 
PRO HB2  H N N 309 
PRO HB3  H N N 310 
PRO HG2  H N N 311 
PRO HG3  H N N 312 
PRO HD2  H N N 313 
PRO HD3  H N N 314 
PRO HXT  H N N 315 
SER N    N N N 316 
SER CA   C N S 317 
SER C    C N N 318 
SER O    O N N 319 
SER CB   C N N 320 
SER OG   O N N 321 
SER OXT  O N N 322 
SER H    H N N 323 
SER H2   H N N 324 
SER HA   H N N 325 
SER HB2  H N N 326 
SER HB3  H N N 327 
SER HG   H N N 328 
SER HXT  H N N 329 
THR N    N N N 330 
THR CA   C N S 331 
THR C    C N N 332 
THR O    O N N 333 
THR CB   C N R 334 
THR OG1  O N N 335 
THR CG2  C N N 336 
THR OXT  O N N 337 
THR H    H N N 338 
THR H2   H N N 339 
THR HA   H N N 340 
THR HB   H N N 341 
THR HG1  H N N 342 
THR HG21 H N N 343 
THR HG22 H N N 344 
THR HG23 H N N 345 
THR HXT  H N N 346 
TRP N    N N N 347 
TRP CA   C N S 348 
TRP C    C N N 349 
TRP O    O N N 350 
TRP CB   C N N 351 
TRP CG   C Y N 352 
TRP CD1  C Y N 353 
TRP CD2  C Y N 354 
TRP NE1  N Y N 355 
TRP CE2  C Y N 356 
TRP CE3  C Y N 357 
TRP CZ2  C Y N 358 
TRP CZ3  C Y N 359 
TRP CH2  C Y N 360 
TRP OXT  O N N 361 
TRP H    H N N 362 
TRP H2   H N N 363 
TRP HA   H N N 364 
TRP HB2  H N N 365 
TRP HB3  H N N 366 
TRP HD1  H N N 367 
TRP HE1  H N N 368 
TRP HE3  H N N 369 
TRP HZ2  H N N 370 
TRP HZ3  H N N 371 
TRP HH2  H N N 372 
TRP HXT  H N N 373 
TYR N    N N N 374 
TYR CA   C N S 375 
TYR C    C N N 376 
TYR O    O N N 377 
TYR CB   C N N 378 
TYR CG   C Y N 379 
TYR CD1  C Y N 380 
TYR CD2  C Y N 381 
TYR CE1  C Y N 382 
TYR CE2  C Y N 383 
TYR CZ   C Y N 384 
TYR OH   O N N 385 
TYR OXT  O N N 386 
TYR H    H N N 387 
TYR H2   H N N 388 
TYR HA   H N N 389 
TYR HB2  H N N 390 
TYR HB3  H N N 391 
TYR HD1  H N N 392 
TYR HD2  H N N 393 
TYR HE1  H N N 394 
TYR HE2  H N N 395 
TYR HH   H N N 396 
TYR HXT  H N N 397 
VAL N    N N N 398 
VAL CA   C N S 399 
VAL C    C N N 400 
VAL O    O N N 401 
VAL CB   C N N 402 
VAL CG1  C N N 403 
VAL CG2  C N N 404 
VAL OXT  O N N 405 
VAL H    H N N 406 
VAL H2   H N N 407 
VAL HA   H N N 408 
VAL HB   H N N 409 
VAL HG11 H N N 410 
VAL HG12 H N N 411 
VAL HG13 H N N 412 
VAL HG21 H N N 413 
VAL HG22 H N N 414 
VAL HG23 H N N 415 
VAL HXT  H N N 416 
# 
loop_
_chem_comp_bond.comp_id 
_chem_comp_bond.atom_id_1 
_chem_comp_bond.atom_id_2 
_chem_comp_bond.value_order 
_chem_comp_bond.pdbx_aromatic_flag 
_chem_comp_bond.pdbx_stereo_config 
_chem_comp_bond.pdbx_ordinal 
55I N   CA   sing N N 1   
55I CB  CA   sing N N 2   
55I CB  CG   sing N N 3   
55I CA  C    sing N N 4   
55I C   O    doub N N 5   
55I CG  CD2  doub Y N 6   
55I CG  CD1  sing Y N 7   
55I CD2 CE2  sing Y N 8   
55I CD1 CE1  doub Y N 9   
55I CE2 CZ   doub Y N 10  
55I CE1 CZ   sing Y N 11  
55I CZ  C13  sing N N 12  
55I F20 C13  sing N N 13  
55I C13 F21  sing N N 14  
55I C13 F19  sing N N 15  
55I C   OXT  sing N N 16  
55I N   H    sing N N 17  
55I N   H2   sing N N 18  
55I CA  HA   sing N N 19  
55I CB  H5   sing N N 20  
55I CB  H6   sing N N 21  
55I CD1 H7   sing N N 22  
55I CD2 H8   sing N N 23  
55I CE1 H9   sing N N 24  
55I CE2 H10  sing N N 25  
55I OXT HXT  sing N N 26  
ALA N   CA   sing N N 27  
ALA N   H    sing N N 28  
ALA N   H2   sing N N 29  
ALA CA  C    sing N N 30  
ALA CA  CB   sing N N 31  
ALA CA  HA   sing N N 32  
ALA C   O    doub N N 33  
ALA C   OXT  sing N N 34  
ALA CB  HB1  sing N N 35  
ALA CB  HB2  sing N N 36  
ALA CB  HB3  sing N N 37  
ALA OXT HXT  sing N N 38  
ARG N   CA   sing N N 39  
ARG N   H    sing N N 40  
ARG N   H2   sing N N 41  
ARG CA  C    sing N N 42  
ARG CA  CB   sing N N 43  
ARG CA  HA   sing N N 44  
ARG C   O    doub N N 45  
ARG C   OXT  sing N N 46  
ARG CB  CG   sing N N 47  
ARG CB  HB2  sing N N 48  
ARG CB  HB3  sing N N 49  
ARG CG  CD   sing N N 50  
ARG CG  HG2  sing N N 51  
ARG CG  HG3  sing N N 52  
ARG CD  NE   sing N N 53  
ARG CD  HD2  sing N N 54  
ARG CD  HD3  sing N N 55  
ARG NE  CZ   sing N N 56  
ARG NE  HE   sing N N 57  
ARG CZ  NH1  sing N N 58  
ARG CZ  NH2  doub N N 59  
ARG NH1 HH11 sing N N 60  
ARG NH1 HH12 sing N N 61  
ARG NH2 HH21 sing N N 62  
ARG NH2 HH22 sing N N 63  
ARG OXT HXT  sing N N 64  
ASN N   CA   sing N N 65  
ASN N   H    sing N N 66  
ASN N   H2   sing N N 67  
ASN CA  C    sing N N 68  
ASN CA  CB   sing N N 69  
ASN CA  HA   sing N N 70  
ASN C   O    doub N N 71  
ASN C   OXT  sing N N 72  
ASN CB  CG   sing N N 73  
ASN CB  HB2  sing N N 74  
ASN CB  HB3  sing N N 75  
ASN CG  OD1  doub N N 76  
ASN CG  ND2  sing N N 77  
ASN ND2 HD21 sing N N 78  
ASN ND2 HD22 sing N N 79  
ASN OXT HXT  sing N N 80  
ASP N   CA   sing N N 81  
ASP N   H    sing N N 82  
ASP N   H2   sing N N 83  
ASP CA  C    sing N N 84  
ASP CA  CB   sing N N 85  
ASP CA  HA   sing N N 86  
ASP C   O    doub N N 87  
ASP C   OXT  sing N N 88  
ASP CB  CG   sing N N 89  
ASP CB  HB2  sing N N 90  
ASP CB  HB3  sing N N 91  
ASP CG  OD1  doub N N 92  
ASP CG  OD2  sing N N 93  
ASP OD2 HD2  sing N N 94  
ASP OXT HXT  sing N N 95  
CYS N   CA   sing N N 96  
CYS N   H    sing N N 97  
CYS N   H2   sing N N 98  
CYS CA  C    sing N N 99  
CYS CA  CB   sing N N 100 
CYS CA  HA   sing N N 101 
CYS C   O    doub N N 102 
CYS C   OXT  sing N N 103 
CYS CB  SG   sing N N 104 
CYS CB  HB2  sing N N 105 
CYS CB  HB3  sing N N 106 
CYS SG  HG   sing N N 107 
CYS OXT HXT  sing N N 108 
GLN N   CA   sing N N 109 
GLN N   H    sing N N 110 
GLN N   H2   sing N N 111 
GLN CA  C    sing N N 112 
GLN CA  CB   sing N N 113 
GLN CA  HA   sing N N 114 
GLN C   O    doub N N 115 
GLN C   OXT  sing N N 116 
GLN CB  CG   sing N N 117 
GLN CB  HB2  sing N N 118 
GLN CB  HB3  sing N N 119 
GLN CG  CD   sing N N 120 
GLN CG  HG2  sing N N 121 
GLN CG  HG3  sing N N 122 
GLN CD  OE1  doub N N 123 
GLN CD  NE2  sing N N 124 
GLN NE2 HE21 sing N N 125 
GLN NE2 HE22 sing N N 126 
GLN OXT HXT  sing N N 127 
GLU N   CA   sing N N 128 
GLU N   H    sing N N 129 
GLU N   H2   sing N N 130 
GLU CA  C    sing N N 131 
GLU CA  CB   sing N N 132 
GLU CA  HA   sing N N 133 
GLU C   O    doub N N 134 
GLU C   OXT  sing N N 135 
GLU CB  CG   sing N N 136 
GLU CB  HB2  sing N N 137 
GLU CB  HB3  sing N N 138 
GLU CG  CD   sing N N 139 
GLU CG  HG2  sing N N 140 
GLU CG  HG3  sing N N 141 
GLU CD  OE1  doub N N 142 
GLU CD  OE2  sing N N 143 
GLU OE2 HE2  sing N N 144 
GLU OXT HXT  sing N N 145 
GLY N   CA   sing N N 146 
GLY N   H    sing N N 147 
GLY N   H2   sing N N 148 
GLY CA  C    sing N N 149 
GLY CA  HA2  sing N N 150 
GLY CA  HA3  sing N N 151 
GLY C   O    doub N N 152 
GLY C   OXT  sing N N 153 
GLY OXT HXT  sing N N 154 
HIS N   CA   sing N N 155 
HIS N   H    sing N N 156 
HIS N   H2   sing N N 157 
HIS CA  C    sing N N 158 
HIS CA  CB   sing N N 159 
HIS CA  HA   sing N N 160 
HIS C   O    doub N N 161 
HIS C   OXT  sing N N 162 
HIS CB  CG   sing N N 163 
HIS CB  HB2  sing N N 164 
HIS CB  HB3  sing N N 165 
HIS CG  ND1  sing Y N 166 
HIS CG  CD2  doub Y N 167 
HIS ND1 CE1  doub Y N 168 
HIS ND1 HD1  sing N N 169 
HIS CD2 NE2  sing Y N 170 
HIS CD2 HD2  sing N N 171 
HIS CE1 NE2  sing Y N 172 
HIS CE1 HE1  sing N N 173 
HIS NE2 HE2  sing N N 174 
HIS OXT HXT  sing N N 175 
HOH O   H1   sing N N 176 
HOH O   H2   sing N N 177 
ILE N   CA   sing N N 178 
ILE N   H    sing N N 179 
ILE N   H2   sing N N 180 
ILE CA  C    sing N N 181 
ILE CA  CB   sing N N 182 
ILE CA  HA   sing N N 183 
ILE C   O    doub N N 184 
ILE C   OXT  sing N N 185 
ILE CB  CG1  sing N N 186 
ILE CB  CG2  sing N N 187 
ILE CB  HB   sing N N 188 
ILE CG1 CD1  sing N N 189 
ILE CG1 HG12 sing N N 190 
ILE CG1 HG13 sing N N 191 
ILE CG2 HG21 sing N N 192 
ILE CG2 HG22 sing N N 193 
ILE CG2 HG23 sing N N 194 
ILE CD1 HD11 sing N N 195 
ILE CD1 HD12 sing N N 196 
ILE CD1 HD13 sing N N 197 
ILE OXT HXT  sing N N 198 
LEU N   CA   sing N N 199 
LEU N   H    sing N N 200 
LEU N   H2   sing N N 201 
LEU CA  C    sing N N 202 
LEU CA  CB   sing N N 203 
LEU CA  HA   sing N N 204 
LEU C   O    doub N N 205 
LEU C   OXT  sing N N 206 
LEU CB  CG   sing N N 207 
LEU CB  HB2  sing N N 208 
LEU CB  HB3  sing N N 209 
LEU CG  CD1  sing N N 210 
LEU CG  CD2  sing N N 211 
LEU CG  HG   sing N N 212 
LEU CD1 HD11 sing N N 213 
LEU CD1 HD12 sing N N 214 
LEU CD1 HD13 sing N N 215 
LEU CD2 HD21 sing N N 216 
LEU CD2 HD22 sing N N 217 
LEU CD2 HD23 sing N N 218 
LEU OXT HXT  sing N N 219 
LYS N   CA   sing N N 220 
LYS N   H    sing N N 221 
LYS N   H2   sing N N 222 
LYS CA  C    sing N N 223 
LYS CA  CB   sing N N 224 
LYS CA  HA   sing N N 225 
LYS C   O    doub N N 226 
LYS C   OXT  sing N N 227 
LYS CB  CG   sing N N 228 
LYS CB  HB2  sing N N 229 
LYS CB  HB3  sing N N 230 
LYS CG  CD   sing N N 231 
LYS CG  HG2  sing N N 232 
LYS CG  HG3  sing N N 233 
LYS CD  CE   sing N N 234 
LYS CD  HD2  sing N N 235 
LYS CD  HD3  sing N N 236 
LYS CE  NZ   sing N N 237 
LYS CE  HE2  sing N N 238 
LYS CE  HE3  sing N N 239 
LYS NZ  HZ1  sing N N 240 
LYS NZ  HZ2  sing N N 241 
LYS NZ  HZ3  sing N N 242 
LYS OXT HXT  sing N N 243 
MET N   CA   sing N N 244 
MET N   H    sing N N 245 
MET N   H2   sing N N 246 
MET CA  C    sing N N 247 
MET CA  CB   sing N N 248 
MET CA  HA   sing N N 249 
MET C   O    doub N N 250 
MET C   OXT  sing N N 251 
MET CB  CG   sing N N 252 
MET CB  HB2  sing N N 253 
MET CB  HB3  sing N N 254 
MET CG  SD   sing N N 255 
MET CG  HG2  sing N N 256 
MET CG  HG3  sing N N 257 
MET SD  CE   sing N N 258 
MET CE  HE1  sing N N 259 
MET CE  HE2  sing N N 260 
MET CE  HE3  sing N N 261 
MET OXT HXT  sing N N 262 
PHE N   CA   sing N N 263 
PHE N   H    sing N N 264 
PHE N   H2   sing N N 265 
PHE CA  C    sing N N 266 
PHE CA  CB   sing N N 267 
PHE CA  HA   sing N N 268 
PHE C   O    doub N N 269 
PHE C   OXT  sing N N 270 
PHE CB  CG   sing N N 271 
PHE CB  HB2  sing N N 272 
PHE CB  HB3  sing N N 273 
PHE CG  CD1  doub Y N 274 
PHE CG  CD2  sing Y N 275 
PHE CD1 CE1  sing Y N 276 
PHE CD1 HD1  sing N N 277 
PHE CD2 CE2  doub Y N 278 
PHE CD2 HD2  sing N N 279 
PHE CE1 CZ   doub Y N 280 
PHE CE1 HE1  sing N N 281 
PHE CE2 CZ   sing Y N 282 
PHE CE2 HE2  sing N N 283 
PHE CZ  HZ   sing N N 284 
PHE OXT HXT  sing N N 285 
PRO N   CA   sing N N 286 
PRO N   CD   sing N N 287 
PRO N   H    sing N N 288 
PRO CA  C    sing N N 289 
PRO CA  CB   sing N N 290 
PRO CA  HA   sing N N 291 
PRO C   O    doub N N 292 
PRO C   OXT  sing N N 293 
PRO CB  CG   sing N N 294 
PRO CB  HB2  sing N N 295 
PRO CB  HB3  sing N N 296 
PRO CG  CD   sing N N 297 
PRO CG  HG2  sing N N 298 
PRO CG  HG3  sing N N 299 
PRO CD  HD2  sing N N 300 
PRO CD  HD3  sing N N 301 
PRO OXT HXT  sing N N 302 
SER N   CA   sing N N 303 
SER N   H    sing N N 304 
SER N   H2   sing N N 305 
SER CA  C    sing N N 306 
SER CA  CB   sing N N 307 
SER CA  HA   sing N N 308 
SER C   O    doub N N 309 
SER C   OXT  sing N N 310 
SER CB  OG   sing N N 311 
SER CB  HB2  sing N N 312 
SER CB  HB3  sing N N 313 
SER OG  HG   sing N N 314 
SER OXT HXT  sing N N 315 
THR N   CA   sing N N 316 
THR N   H    sing N N 317 
THR N   H2   sing N N 318 
THR CA  C    sing N N 319 
THR CA  CB   sing N N 320 
THR CA  HA   sing N N 321 
THR C   O    doub N N 322 
THR C   OXT  sing N N 323 
THR CB  OG1  sing N N 324 
THR CB  CG2  sing N N 325 
THR CB  HB   sing N N 326 
THR OG1 HG1  sing N N 327 
THR CG2 HG21 sing N N 328 
THR CG2 HG22 sing N N 329 
THR CG2 HG23 sing N N 330 
THR OXT HXT  sing N N 331 
TRP N   CA   sing N N 332 
TRP N   H    sing N N 333 
TRP N   H2   sing N N 334 
TRP CA  C    sing N N 335 
TRP CA  CB   sing N N 336 
TRP CA  HA   sing N N 337 
TRP C   O    doub N N 338 
TRP C   OXT  sing N N 339 
TRP CB  CG   sing N N 340 
TRP CB  HB2  sing N N 341 
TRP CB  HB3  sing N N 342 
TRP CG  CD1  doub Y N 343 
TRP CG  CD2  sing Y N 344 
TRP CD1 NE1  sing Y N 345 
TRP CD1 HD1  sing N N 346 
TRP CD2 CE2  doub Y N 347 
TRP CD2 CE3  sing Y N 348 
TRP NE1 CE2  sing Y N 349 
TRP NE1 HE1  sing N N 350 
TRP CE2 CZ2  sing Y N 351 
TRP CE3 CZ3  doub Y N 352 
TRP CE3 HE3  sing N N 353 
TRP CZ2 CH2  doub Y N 354 
TRP CZ2 HZ2  sing N N 355 
TRP CZ3 CH2  sing Y N 356 
TRP CZ3 HZ3  sing N N 357 
TRP CH2 HH2  sing N N 358 
TRP OXT HXT  sing N N 359 
TYR N   CA   sing N N 360 
TYR N   H    sing N N 361 
TYR N   H2   sing N N 362 
TYR CA  C    sing N N 363 
TYR CA  CB   sing N N 364 
TYR CA  HA   sing N N 365 
TYR C   O    doub N N 366 
TYR C   OXT  sing N N 367 
TYR CB  CG   sing N N 368 
TYR CB  HB2  sing N N 369 
TYR CB  HB3  sing N N 370 
TYR CG  CD1  doub Y N 371 
TYR CG  CD2  sing Y N 372 
TYR CD1 CE1  sing Y N 373 
TYR CD1 HD1  sing N N 374 
TYR CD2 CE2  doub Y N 375 
TYR CD2 HD2  sing N N 376 
TYR CE1 CZ   doub Y N 377 
TYR CE1 HE1  sing N N 378 
TYR CE2 CZ   sing Y N 379 
TYR CE2 HE2  sing N N 380 
TYR CZ  OH   sing N N 381 
TYR OH  HH   sing N N 382 
TYR OXT HXT  sing N N 383 
VAL N   CA   sing N N 384 
VAL N   H    sing N N 385 
VAL N   H2   sing N N 386 
VAL CA  C    sing N N 387 
VAL CA  CB   sing N N 388 
VAL CA  HA   sing N N 389 
VAL C   O    doub N N 390 
VAL C   OXT  sing N N 391 
VAL CB  CG1  sing N N 392 
VAL CB  CG2  sing N N 393 
VAL CB  HB   sing N N 394 
VAL CG1 HG11 sing N N 395 
VAL CG1 HG12 sing N N 396 
VAL CG1 HG13 sing N N 397 
VAL CG2 HG21 sing N N 398 
VAL CG2 HG22 sing N N 399 
VAL CG2 HG23 sing N N 400 
VAL OXT HXT  sing N N 401 
# 
loop_
_pdbx_audit_support.funding_organization 
_pdbx_audit_support.country 
_pdbx_audit_support.grant_number 
_pdbx_audit_support.ordinal 
'Australian Research Council (ARC)' Australia FL170100019 1 
'Australian Research Council (ARC)' Australia DP210100088 2 
# 
_pdbx_initial_refinement_model.id               1 
_pdbx_initial_refinement_model.entity_id_list   ? 
_pdbx_initial_refinement_model.type             'experimental model' 
_pdbx_initial_refinement_model.source_name      PDB 
_pdbx_initial_refinement_model.accession_code   7N3J 
_pdbx_initial_refinement_model.details          ? 
# 
loop_
_pdbx_reflns_twin.domain_id 
_pdbx_reflns_twin.crystal_id 
_pdbx_reflns_twin.diffrn_id 
_pdbx_reflns_twin.fraction 
_pdbx_reflns_twin.operator 
_pdbx_reflns_twin.type 
_pdbx_reflns_twin.mean_F_square_over_mean_F2 
_pdbx_reflns_twin.mean_I2_over_mean_I_square 
1 1 1 0.549 'H,  K,  L'  ? ? ? 
2 1 1 0.451 '-K, -H, -L' ? ? ? 
# 
_atom_sites.entry_id                    7RFD 
_atom_sites.Cartn_transf_matrix[1][1]   ? 
_atom_sites.Cartn_transf_matrix[1][2]   ? 
_atom_sites.Cartn_transf_matrix[1][3]   ? 
_atom_sites.Cartn_transf_matrix[2][1]   ? 
_atom_sites.Cartn_transf_matrix[2][2]   ? 
_atom_sites.Cartn_transf_matrix[2][3]   ? 
_atom_sites.Cartn_transf_matrix[3][1]   ? 
_atom_sites.Cartn_transf_matrix[3][2]   ? 
_atom_sites.Cartn_transf_matrix[3][3]   ? 
_atom_sites.Cartn_transf_vector[1]      ? 
_atom_sites.Cartn_transf_vector[2]      ? 
_atom_sites.Cartn_transf_vector[3]      ? 
_atom_sites.fract_transf_matrix[1][1]   -0.00488215 
_atom_sites.fract_transf_matrix[1][2]   -0.02971371 
_atom_sites.fract_transf_matrix[1][3]   0.01373012 
_atom_sites.fract_transf_matrix[2][1]   0.00315505 
_atom_sites.fract_transf_matrix[2][2]   -0.02740020 
_atom_sites.fract_transf_matrix[2][3]   -0.01829081 
_atom_sites.fract_transf_matrix[3][1]   0.00461624 
_atom_sites.fract_transf_matrix[3][2]   -0.00023079 
_atom_sites.fract_transf_matrix[3][3]   0.00114200 
_atom_sites.fract_transf_vector[1]      0.349069 
_atom_sites.fract_transf_vector[2]      -0.306284 
_atom_sites.fract_transf_vector[3]      0.029988 
_atom_sites.solution_primary            ? 
_atom_sites.solution_secondary          ? 
_atom_sites.solution_hydrogens          ? 
_atom_sites.special_details             ? 
# 
loop_
_atom_type.symbol 
C 
F 
N 
O 
S 
# 
loop_
_atom_site.group_PDB 
_atom_site.id 
_atom_site.type_symbol 
_atom_site.label_atom_id 
_atom_site.label_alt_id 
_atom_site.label_comp_id 
_atom_site.label_asym_id 
_atom_site.label_entity_id 
_atom_site.label_seq_id 
_atom_site.pdbx_PDB_ins_code 
_atom_site.Cartn_x 
_atom_site.Cartn_y 
_atom_site.Cartn_z 
_atom_site.occupancy 
_atom_site.B_iso_or_equiv 
_atom_site.pdbx_formal_charge 
_atom_site.auth_seq_id 
_atom_site.auth_comp_id 
_atom_site.auth_asym_id 
_atom_site.auth_atom_id 
_atom_site.pdbx_PDB_model_num 
ATOM   1    N N   . MET A 1 1   ? -3.235  -14.894 -2.332  1.00 14.42 ? 1   MET A N   1 
ATOM   2    C CA  . MET A 1 1   ? -2.379  -14.400 -1.183  1.00 13.70 ? 1   MET A CA  1 
ATOM   3    C C   . MET A 1 1   ? -1.154  -13.716 -1.784  1.00 12.55 ? 1   MET A C   1 
ATOM   4    O O   . MET A 1 1   ? -0.603  -14.166 -2.791  1.00 15.26 ? 1   MET A O   1 
ATOM   5    C CB  . MET A 1 1   ? -1.910  -15.477 -0.192  1.00 15.03 ? 1   MET A CB  1 
ATOM   6    C CG  . MET A 1 1   ? -1.461  -14.941 1.177   1.00 20.45 ? 1   MET A CG  1 
ATOM   7    S SD  . MET A 1 1   ? -2.818  -14.425 2.275   1.00 26.12 ? 1   MET A SD  1 
ATOM   8    C CE  . MET A 1 1   ? -4.156  -15.326 1.513   1.00 10.80 ? 1   MET A CE  1 
ATOM   9    N N   . VAL A 1 2   ? -0.749  -12.629 -1.180  1.00 11.25 ? 2   VAL A N   1 
ATOM   10   C CA  . VAL A 1 2   ? 0.435   -11.882 -1.655  1.00 10.94 ? 2   VAL A CA  1 
ATOM   11   C C   . VAL A 1 2   ? 1.392   -11.773 -0.487  1.00 11.12 ? 2   VAL A C   1 
ATOM   12   O O   . VAL A 1 2   ? 0.931   -11.375 0.617   1.00 13.30 ? 2   VAL A O   1 
ATOM   13   C CB  . VAL A 1 2   ? 0.059   -10.518 -2.230  1.00 13.74 ? 2   VAL A CB  1 
ATOM   14   C CG1 . VAL A 1 2   ? 1.300   -9.810  -2.737  1.00 13.91 ? 2   VAL A CG1 1 
ATOM   15   C CG2 . VAL A 1 2   ? -1.032  -10.613 -3.275  1.00 15.10 ? 2   VAL A CG2 1 
ATOM   16   N N   . THR A 1 3   ? 2.672   -11.892 -0.711  1.00 10.48 ? 3   THR A N   1 
ATOM   17   C CA  . THR A 1 3   ? 3.721   -11.659 0.312   1.00 9.29  ? 3   THR A CA  1 
ATOM   18   C C   . THR A 1 3   ? 4.682   -10.553 -0.177  1.00 8.51  ? 3   THR A C   1 
ATOM   19   O O   . THR A 1 3   ? 5.343   -10.742 -1.206  1.00 10.54 ? 3   THR A O   1 
ATOM   20   C CB  . THR A 1 3   ? 4.463   -12.934 0.717   1.00 12.02 ? 3   THR A CB  1 
ATOM   21   O OG1 . THR A 1 3   ? 3.439   -13.862 1.039   1.00 13.89 ? 3   THR A OG1 1 
ATOM   22   C CG2 . THR A 1 3   ? 5.358   -12.739 1.923   1.00 12.73 ? 3   THR A CG2 1 
ATOM   23   N N   . ALA A 1 4   ? 4.779   -9.433  0.559   1.00 8.76  ? 4   ALA A N   1 
ATOM   24   C CA  . ALA A 1 4   ? 5.860   -8.464  0.347   1.00 9.47  ? 4   ALA A CA  1 
ATOM   25   C C   . ALA A 1 4   ? 7.052   -8.883  1.167   1.00 8.09  ? 4   ALA A C   1 
ATOM   26   O O   . ALA A 1 4   ? 6.969   -8.933  2.436   1.00 10.29 ? 4   ALA A O   1 
ATOM   27   C CB  . ALA A 1 4   ? 5.359   -7.101  0.683   1.00 9.74  ? 4   ALA A CB  1 
ATOM   28   N N   . HIS A 1 5   ? 8.138   -9.190  0.514   1.00 9.53  ? 5   HIS A N   1 
ATOM   29   C CA  . HIS A 1 5   ? 9.371   -9.641  1.159   1.00 9.47  ? 5   HIS A CA  1 
ATOM   30   C C   . HIS A 1 5   ? 10.230  -8.429  1.390   1.00 9.39  ? 5   HIS A C   1 
ATOM   31   O O   . HIS A 1 5   ? 10.923  -7.975  0.419   1.00 10.62 ? 5   HIS A O   1 
ATOM   32   C CB  . HIS A 1 5   ? 10.052  -10.701 0.279   1.00 10.49 ? 5   HIS A CB  1 
ATOM   33   C CG  . HIS A 1 5   ? 9.147   -11.823 -0.127  1.00 9.90  ? 5   HIS A CG  1 
ATOM   34   N ND1 . HIS A 1 5   ? 8.809   -12.863 0.714   1.00 11.12 ? 5   HIS A ND1 1 
ATOM   35   C CD2 . HIS A 1 5   ? 8.568   -12.114 -1.339  1.00 10.51 ? 5   HIS A CD2 1 
ATOM   36   C CE1 . HIS A 1 5   ? 8.076   -13.741 -0.028  1.00 8.98  ? 5   HIS A CE1 1 
ATOM   37   N NE2 . HIS A 1 5   ? 7.923   -13.318 -1.203  1.00 10.88 ? 5   HIS A NE2 1 
ATOM   38   N N   . THR A 1 6   ? 10.295  -7.938  2.623   1.00 9.23  ? 6   THR A N   1 
ATOM   39   C CA  . THR A 1 6   ? 11.129  -6.736  2.896   1.00 9.15  ? 6   THR A CA  1 
ATOM   40   C C   . THR A 1 6   ? 12.453  -7.165  3.459   1.00 9.53  ? 6   THR A C   1 
ATOM   41   O O   . THR A 1 6   ? 12.582  -8.322  3.960   1.00 10.31 ? 6   THR A O   1 
ATOM   42   C CB  . THR A 1 6   ? 10.414  -5.755  3.799   1.00 10.25 ? 6   THR A CB  1 
ATOM   43   O OG1 . THR A 1 6   ? 10.592  -6.069  5.162   1.00 10.73 ? 6   THR A OG1 1 
ATOM   44   C CG2 . THR A 1 6   ? 8.956   -5.590  3.459   1.00 10.52 ? 6   THR A CG2 1 
ATOM   45   N N   . ASN A 1 7   ? 13.351  -6.194  3.572   1.00 11.16 ? 7   ASN A N   1 
ATOM   46   C CA  . ASN A 1 7   ? 14.657  -6.457  4.219   1.00 11.56 ? 7   ASN A CA  1 
ATOM   47   C C   . ASN A 1 7   ? 14.484  -6.665  5.730   1.00 11.68 ? 7   ASN A C   1 
ATOM   48   O O   . ASN A 1 7   ? 15.461  -7.068  6.395   1.00 13.28 ? 7   ASN A O   1 
ATOM   49   C CB  . ASN A 1 7   ? 15.700  -5.377  3.843   1.00 11.77 ? 7   ASN A CB  1 
ATOM   50   C CG  . ASN A 1 7   ? 15.370  -3.921  4.129   1.00 16.57 ? 7   ASN A CG  1 
ATOM   51   O OD1 . ASN A 1 7   ? 14.227  -3.507  4.266   1.00 15.93 ? 7   ASN A OD1 1 
ATOM   52   N ND2 . ASN A 1 7   ? 16.361  -3.042  4.172   1.00 20.59 ? 7   ASN A ND2 1 
ATOM   53   N N   . HIS A 1 8   ? 13.322  -6.363  6.297   1.00 12.20 ? 8   HIS A N   1 
ATOM   54   C CA  . HIS A 1 8   ? 12.989  -6.544  7.743   1.00 11.87 ? 8   HIS A CA  1 
ATOM   55   C C   . HIS A 1 8   ? 12.090  -7.762  7.940   1.00 10.80 ? 8   HIS A C   1 
ATOM   56   O O   . HIS A 1 8   ? 11.689  -7.994  9.073   1.00 12.85 ? 8   HIS A O   1 
ATOM   57   C CB  . HIS A 1 8   ? 12.276  -5.280  8.275   1.00 13.73 ? 8   HIS A CB  1 
ATOM   58   C CG  . HIS A 1 8   ? 13.094  -4.044  8.341   1.00 17.49 ? 8   HIS A CG  1 
ATOM   59   N ND1 . HIS A 1 8   ? 13.500  -3.494  9.525   1.00 23.37 ? 8   HIS A ND1 1 
ATOM   60   C CD2 . HIS A 1 8   ? 13.520  -3.228  7.373   1.00 18.48 ? 8   HIS A CD2 1 
ATOM   61   C CE1 . HIS A 1 8   ? 14.195  -2.405  9.281   1.00 23.65 ? 8   HIS A CE1 1 
ATOM   62   N NE2 . HIS A 1 8   ? 14.215  -2.213  7.976   1.00 23.18 ? 8   HIS A NE2 1 
ATOM   63   N N   . GLY A 1 9   ? 11.745  -8.474  6.870   1.00 10.47 ? 9   GLY A N   1 
ATOM   64   C CA  . GLY A 1 9   ? 10.880  -9.648  7.027   1.00 12.00 ? 9   GLY A CA  1 
ATOM   65   C C   . GLY A 1 9   ? 9.660   -9.561  6.132   1.00 9.66  ? 9   GLY A C   1 
ATOM   66   O O   . GLY A 1 9   ? 9.506   -8.602  5.355   1.00 10.85 ? 9   GLY A O   1 
ATOM   67   N N   . ASP A 1 10  ? 8.835   -10.591 6.140   1.00 9.60  ? 10  ASP A N   1 
ATOM   68   C CA  . ASP A 1 10  ? 7.703   -10.812 5.217   1.00 11.04 ? 10  ASP A CA  1 
ATOM   69   C C   . ASP A 1 10  ? 6.421   -10.242 5.769   1.00 9.03  ? 10  ASP A C   1 
ATOM   70   O O   . ASP A 1 10  ? 6.231   -10.158 6.978   1.00 11.71 ? 10  ASP A O   1 
ATOM   71   C CB  . ASP A 1 10  ? 7.411   -12.266 5.006   1.00 10.14 ? 10  ASP A CB  1 
ATOM   72   C CG  . ASP A 1 10  ? 8.408   -12.915 4.108   1.00 11.90 ? 10  ASP A CG  1 
ATOM   73   O OD1 . ASP A 1 10  ? 9.243   -12.288 3.445   1.00 12.43 ? 10  ASP A OD1 1 
ATOM   74   O OD2 . ASP A 1 10  ? 8.255   -14.134 3.967   1.00 15.58 ? 10  ASP A OD2 1 
ATOM   75   N N   . ILE A 1 11  ? 5.626   -9.604  4.909   1.00 8.87  ? 11  ILE A N   1 
ATOM   76   C CA  . ILE A 1 11  ? 4.267   -9.058  5.195   1.00 8.90  ? 11  ILE A CA  1 
ATOM   77   C C   . ILE A 1 11  ? 3.342   -9.850  4.318   1.00 8.70  ? 11  ILE A C   1 
ATOM   78   O O   . ILE A 1 11  ? 3.373   -9.701  3.068   1.00 9.53  ? 11  ILE A O   1 
ATOM   79   C CB  . ILE A 1 11  ? 4.192   -7.543  4.915   1.00 10.55 ? 11  ILE A CB  1 
ATOM   80   C CG1 . ILE A 1 11  ? 5.265   -6.738  5.647   1.00 11.55 ? 11  ILE A CG1 1 
ATOM   81   C CG2 . ILE A 1 11  ? 2.825   -6.971  5.295   1.00 10.00 ? 11  ILE A CG2 1 
ATOM   82   C CD1 . ILE A 1 11  ? 5.341   -5.296  5.282   1.00 12.32 ? 11  ILE A CD1 1 
ATOM   83   N N   . VAL A 1 12  ? 2.494   -10.677 4.922   1.00 8.91  ? 12  VAL A N   1 
ATOM   84   C CA  . VAL A 1 12  ? 1.584   -11.541 4.160   1.00 8.37  ? 12  VAL A CA  1 
ATOM   85   C C   . VAL A 1 12  ? 0.207   -10.919 4.124   1.00 8.92  ? 12  VAL A C   1 
ATOM   86   O O   . VAL A 1 12  ? -0.234  -10.539 5.226   1.00 10.27 ? 12  VAL A O   1 
ATOM   87   C CB  . VAL A 1 12  ? 1.511   -12.918 4.834   1.00 10.04 ? 12  VAL A CB  1 
ATOM   88   C CG1 . VAL A 1 12  ? 0.654   -13.892 4.095   1.00 10.30 ? 12  VAL A CG1 1 
ATOM   89   C CG2 . VAL A 1 12  ? 2.910   -13.498 5.133   1.00 11.10 ? 12  VAL A CG2 1 
ATOM   90   N N   . ILE A 1 13  ? -0.388  -10.852 2.930   1.00 8.06  ? 13  ILE A N   1 
ATOM   91   C CA  . ILE A 1 13  ? -1.536  -9.996  2.685   1.00 9.33  ? 13  ILE A CA  1 
ATOM   92   C C   . ILE A 1 13  ? -2.573  -10.826 1.989   1.00 9.31  ? 13  ILE A C   1 
ATOM   93   O O   . ILE A 1 13  ? -2.279  -11.538 1.038   1.00 10.65 ? 13  ILE A O   1 
ATOM   94   C CB  . ILE A 1 13  ? -1.010  -8.783  1.899   1.00 9.73  ? 13  ILE A CB  1 
ATOM   95   C CG1 . ILE A 1 13  ? -0.101  -7.885  2.726   1.00 9.70  ? 13  ILE A CG1 1 
ATOM   96   C CG2 . ILE A 1 13  ? -2.121  -7.982  1.245   1.00 9.71  ? 13  ILE A CG2 1 
ATOM   97   C CD1 . ILE A 1 13  ? 0.893   -7.143  1.898   1.00 9.95  ? 13  ILE A CD1 1 
ATOM   98   N N   . LYS A 1 14  ? -3.802  -10.613 2.428   1.00 9.93  ? 14  LYS A N   1 
ATOM   99   C CA  . LYS A 1 14  ? -5.010  -11.151 1.763   1.00 9.98  ? 14  LYS A CA  1 
ATOM   100  C C   . LYS A 1 14  ? -5.772  -10.043 1.015   1.00 10.55 ? 14  LYS A C   1 
ATOM   101  O O   . LYS A 1 14  ? -5.987  -9.000  1.605   1.00 12.71 ? 14  LYS A O   1 
ATOM   102  C CB  . LYS A 1 14  ? -5.917  -11.848 2.784   1.00 13.25 ? 14  LYS A CB  1 
ATOM   103  C CG  . LYS A 1 14  ? -7.153  -12.517 2.214   1.00 18.37 ? 14  LYS A CG  1 
ATOM   104  C CD  . LYS A 1 14  ? -8.218  -12.854 3.286   1.00 23.03 ? 14  LYS A CD  1 
ATOM   105  C CE  . LYS A 1 14  ? -7.744  -13.786 4.405   1.00 25.30 ? 14  LYS A CE  1 
ATOM   106  N NZ  . LYS A 1 14  ? -8.844  -14.204 5.320   1.00 30.76 ? 14  LYS A NZ  1 
ATOM   107  N N   . THR A 1 15  ? -6.211  -10.343 -0.213  1.00 10.21 ? 15  THR A N   1 
ATOM   108  C CA  . THR A 1 15  ? -6.897  -9.349  -1.063  1.00 10.73 ? 15  THR A CA  1 
ATOM   109  C C   . THR A 1 15  ? -8.390  -9.506  -0.931  1.00 11.14 ? 15  THR A C   1 
ATOM   110  O O   . THR A 1 15  ? -8.841  -10.627 -0.685  1.00 14.15 ? 15  THR A O   1 
ATOM   111  C CB  . THR A 1 15  ? -6.340  -9.415  -2.487  1.00 11.91 ? 15  THR A CB  1 
ATOM   112  O OG1 . THR A 1 15  ? -6.537  -10.757 -2.931  1.00 13.67 ? 15  THR A OG1 1 
ATOM   113  C CG2 . THR A 1 15  ? -4.885  -9.020  -2.591  1.00 14.20 ? 15  THR A CG2 1 
ATOM   114  N N   . PHE A 1 16  ? -9.090  -8.392  -1.008  1.00 13.57 ? 16  PHE A N   1 
ATOM   115  C CA  . PHE A 1 16  ? -10.560 -8.348  -0.977  1.00 12.89 ? 16  PHE A CA  1 
ATOM   116  C C   . PHE A 1 16  ? -11.039 -8.277  -2.414  1.00 13.87 ? 16  PHE A C   1 
ATOM   117  O O   . PHE A 1 16  ? -11.602 -7.310  -2.808  1.00 11.84 ? 16  PHE A O   1 
ATOM   118  C CB  . PHE A 1 16  ? -11.039 -7.181  -0.087  1.00 13.30 ? 16  PHE A CB  1 
ATOM   119  C CG  . PHE A 1 16  ? -10.545 -7.203  1.346   1.00 13.90 ? 16  PHE A CG  1 
ATOM   120  C CD1 . PHE A 1 16  ? -10.457 -8.400  2.064   1.00 19.22 ? 16  PHE A CD1 1 
ATOM   121  C CD2 . PHE A 1 16  ? -10.060 -6.057  1.951   1.00 15.32 ? 16  PHE A CD2 1 
ATOM   122  C CE1 . PHE A 1 16  ? -9.980  -8.393  3.380   1.00 19.64 ? 16  PHE A CE1 1 
ATOM   123  C CE2 . PHE A 1 16  ? -9.696  -6.046  3.285   1.00 16.99 ? 16  PHE A CE2 1 
ATOM   124  C CZ  . PHE A 1 16  ? -9.586  -7.212  3.979   1.00 20.40 ? 16  PHE A CZ  1 
ATOM   125  N N   . ASP A 1 17  ? -10.879 -9.374  -3.175  1.00 16.97 ? 17  ASP A N   1 
ATOM   126  C CA  . ASP A 1 17  ? -11.224 -9.459  -4.627  1.00 16.95 ? 17  ASP A CA  1 
ATOM   127  C C   . ASP A 1 17  ? -12.687 -9.087  -4.920  1.00 17.35 ? 17  ASP A C   1 
ATOM   128  O O   . ASP A 1 17  ? -12.955 -8.428  -5.963  1.00 19.44 ? 17  ASP A O   1 
ATOM   129  C CB  . ASP A 1 17  ? -10.918 -10.879 -5.114  1.00 18.70 ? 17  ASP A CB  1 
ATOM   130  C CG  . ASP A 1 17  ? -9.438  -11.226 -5.040  1.00 24.31 ? 17  ASP A CG  1 
ATOM   131  O OD1 . ASP A 1 17  ? -8.836  -11.061 -3.952  1.00 20.94 ? 17  ASP A OD1 1 
ATOM   132  O OD2 . ASP A 1 17  ? -8.889  -11.694 -6.053  1.00 28.65 ? 17  ASP A OD2 1 
ATOM   133  N N   . ASP A 1 18  ? -13.596 -9.444  -4.024  1.00 16.63 ? 18  ASP A N   1 
ATOM   134  C CA  . ASP A 1 18  ? -15.046 -9.296  -4.246  1.00 19.42 ? 18  ASP A CA  1 
ATOM   135  C C   . ASP A 1 18  ? -15.445 -7.833  -4.023  1.00 18.36 ? 18  ASP A C   1 
ATOM   136  O O   . ASP A 1 18  ? -16.327 -7.385  -4.767  1.00 22.83 ? 18  ASP A O   1 
ATOM   137  C CB  . ASP A 1 18  ? -15.828 -10.274 -3.350  1.00 21.15 ? 18  ASP A CB  1 
ATOM   138  C CG  . ASP A 1 18  ? -17.325 -10.241 -3.626  1.00 27.50 ? 18  ASP A CG  1 
ATOM   139  O OD1 . ASP A 1 18  ? -18.086 -9.626  -2.820  1.00 34.19 ? 18  ASP A OD1 1 
ATOM   140  O OD2 . ASP A 1 18  ? -17.703 -10.765 -4.687  1.00 33.17 ? 18  ASP A OD2 1 
ATOM   141  N N   . LYS A 1 19  ? -14.828 -7.125  -3.066  1.00 14.56 ? 19  LYS A N   1 
ATOM   142  C CA  . LYS A 1 19  ? -15.227 -5.755  -2.718  1.00 17.38 ? 19  LYS A CA  1 
ATOM   143  C C   . LYS A 1 19  ? -14.383 -4.722  -3.462  1.00 14.19 ? 19  LYS A C   1 
ATOM   144  O O   . LYS A 1 19  ? -14.843 -3.548  -3.482  1.00 14.02 ? 19  LYS A O   1 
ATOM   145  C CB  . LYS A 1 19  ? -15.246 -5.604  -1.200  1.00 18.37 ? 19  LYS A CB  1 
ATOM   146  C CG  . LYS A 1 19  ? -16.490 -6.243  -0.574  1.00 22.81 ? 19  LYS A CG  1 
ATOM   147  C CD  . LYS A 1 19  ? -17.806 -5.732  -1.129  1.00 30.17 ? 19  LYS A CD  1 
ATOM   148  C CE  . LYS A 1 19  ? -18.991 -6.627  -0.833  1.00 31.63 ? 19  LYS A CE  1 
ATOM   149  N NZ  . LYS A 1 19  ? -19.357 -6.615  0.600   1.00 34.09 ? 19  LYS A NZ  1 
ATOM   150  N N   . ALA A 1 20  ? -13.205 -5.043  -4.003  1.00 12.67 ? 20  ALA A N   1 
ATOM   151  C CA  . ALA A 1 20  ? -12.402 -4.057  -4.724  1.00 12.50 ? 20  ALA A CA  1 
ATOM   152  C C   . ALA A 1 20  ? -11.830 -4.761  -5.932  1.00 12.25 ? 20  ALA A C   1 
ATOM   153  O O   . ALA A 1 20  ? -10.611 -4.917  -6.063  1.00 10.85 ? 20  ALA A O   1 
ATOM   154  C CB  . ALA A 1 20  ? -11.363 -3.465  -3.798  1.00 14.22 ? 20  ALA A CB  1 
ATOM   155  N N   . PRO A 1 21  ? -12.690 -5.329  -6.822  1.00 13.11 ? 21  PRO A N   1 
ATOM   156  C CA  . PRO A 1 21  ? -12.184 -6.179  -7.893  1.00 13.14 ? 21  PRO A CA  1 
ATOM   157  C C   . PRO A 1 21  ? -11.193 -5.476  -8.845  1.00 12.35 ? 21  PRO A C   1 
ATOM   158  O O   . PRO A 1 21  ? -10.147 -6.052  -9.198  1.00 13.67 ? 21  PRO A O   1 
ATOM   159  C CB  . PRO A 1 21  ? -13.522 -6.577  -8.595  1.00 12.45 ? 21  PRO A CB  1 
ATOM   160  C CG  . PRO A 1 21  ? -14.551 -5.554  -8.279  1.00 13.93 ? 21  PRO A CG  1 
ATOM   161  C CD  . PRO A 1 21  ? -14.149 -5.068  -6.898  1.00 13.78 ? 21  PRO A CD  1 
ATOM   162  N N   . GLU A 1 22  ? -11.391 -4.232  -9.243  1.00 11.75 ? 22  GLU A N   1 
ATOM   163  C CA  . GLU A 1 22  ? -10.483 -3.622  -10.226 1.00 12.60 ? 22  GLU A CA  1 
ATOM   164  C C   . GLU A 1 22  ? -9.216  -3.127  -9.529  1.00 11.09 ? 22  GLU A C   1 
ATOM   165  O O   . GLU A 1 22  ? -8.109  -3.206  -10.069 1.00 11.12 ? 22  GLU A O   1 
ATOM   166  C CB  . GLU A 1 22  ? -11.174 -2.464  -10.914 1.00 15.51 ? 22  GLU A CB  1 
ATOM   167  C CG  . GLU A 1 22  ? -12.401 -2.866  -11.725 1.00 18.74 ? 22  GLU A CG  1 
ATOM   168  C CD  . GLU A 1 22  ? -13.034 -1.806  -12.632 1.00 24.76 ? 22  GLU A CD  1 
ATOM   169  O OE1 . GLU A 1 22  ? -12.714 -0.581  -12.486 1.00 32.37 ? 22  GLU A OE1 1 
ATOM   170  O OE2 . GLU A 1 22  ? -13.889 -2.241  -13.505 1.00 31.77 ? 22  GLU A OE2 1 
ATOM   171  N N   . THR A 1 23  ? -9.348  -2.827  -8.244  1.00 10.22 ? 23  THR A N   1 
ATOM   172  C CA  . THR A 1 23  ? -8.212  -2.361  -7.428  1.00 11.09 ? 23  THR A CA  1 
ATOM   173  C C   . THR A 1 23  ? -7.265  -3.558  -7.189  1.00 9.94  ? 23  THR A C   1 
ATOM   174  O O   . THR A 1 23  ? -6.019  -3.500  -7.281  1.00 9.93  ? 23  THR A O   1 
ATOM   175  C CB  . THR A 1 23  ? -8.665  -1.699  -6.131  1.00 11.00 ? 23  THR A CB  1 
ATOM   176  O OG1 . THR A 1 23  ? -9.525  -0.621  -6.444  1.00 10.76 ? 23  THR A OG1 1 
ATOM   177  C CG2 . THR A 1 23  ? -7.439  -1.153  -5.420  1.00 10.00 ? 23  THR A CG2 1 
ATOM   178  N N   . VAL A 1 24  ? -7.818  -4.696  -6.840  1.00 10.05 ? 24  VAL A N   1 
ATOM   179  C CA  . VAL A 1 24  ? -7.013  -5.919  -6.602  1.00 9.57  ? 24  VAL A CA  1 
ATOM   180  C C   . VAL A 1 24  ? -6.331  -6.334  -7.904  1.00 10.93 ? 24  VAL A C   1 
ATOM   181  O O   . VAL A 1 24  ? -5.149  -6.640  -7.897  1.00 11.82 ? 24  VAL A O   1 
ATOM   182  C CB  . VAL A 1 24  ? -7.907  -6.988  -5.973  1.00 10.44 ? 24  VAL A CB  1 
ATOM   183  C CG1 . VAL A 1 24  ? -7.154  -8.305  -5.989  1.00 9.35  ? 24  VAL A CG1 1 
ATOM   184  C CG2 . VAL A 1 24  ? -8.330  -6.593  -4.570  1.00 10.93 ? 24  VAL A CG2 1 
ATOM   185  N N   . LYS A 1 25  ? -7.100  -6.336  -8.977  1.00 11.33 ? 25  LYS A N   1 
ATOM   186  C CA  . LYS A 1 25  ? -6.532  -6.763  -10.270 1.00 11.55 ? 25  LYS A CA  1 
ATOM   187  C C   . LYS A 1 25  ? -5.362  -5.844  -10.598 1.00 10.03 ? 25  LYS A C   1 
ATOM   188  O O   . LYS A 1 25  ? -4.297  -6.314  -10.972 1.00 10.40 ? 25  LYS A O   1 
ATOM   189  C CB  . LYS A 1 25  ? -7.611  -6.754  -11.349 1.00 15.00 ? 25  LYS A CB  1 
ATOM   190  C CG  . LYS A 1 25  ? -7.047  -7.255  -12.690 1.00 19.88 ? 25  LYS A CG  1 
ATOM   191  C CD  . LYS A 1 25  ? -8.037  -7.310  -13.838 1.00 23.48 ? 25  LYS A CD  1 
ATOM   192  C CE  . LYS A 1 25  ? -7.614  -6.465  -15.025 1.00 30.09 ? 25  LYS A CE  1 
ATOM   193  N NZ  . LYS A 1 25  ? -6.251  -6.798  -15.533 1.00 33.54 ? 25  LYS A NZ  1 
ATOM   194  N N   . ASN A 1 26  ? -5.545  -4.527  -10.539 1.00 9.92  ? 26  ASN A N   1 
ATOM   195  C CA  . ASN A 1 26  ? -4.427  -3.583  -10.770 1.00 9.01  ? 26  ASN A CA  1 
ATOM   196  C C   . ASN A 1 26  ? -3.222  -3.883  -9.894  1.00 9.51  ? 26  ASN A C   1 
ATOM   197  O O   . ASN A 1 26  ? -2.106  -3.916  -10.401 1.00 9.45  ? 26  ASN A O   1 
ATOM   198  C CB  . ASN A 1 26  ? -4.996  -2.179  -10.529 1.00 10.08 ? 26  ASN A CB  1 
ATOM   199  C CG  . ASN A 1 26  ? -3.997  -1.087  -10.773 1.00 9.73  ? 26  ASN A CG  1 
ATOM   200  O OD1 . ASN A 1 26  ? -3.658  -0.860  -11.925 1.00 11.92 ? 26  ASN A OD1 1 
ATOM   201  N ND2 . ASN A 1 26  ? -3.595  -0.385  -9.714  1.00 11.15 ? 26  ASN A ND2 1 
HETATM 202  C C   . 55I A 1 27  ? -1.592  -5.597  -8.073  1.00 9.49  ? 27  55I A C   1 
HETATM 203  N N   . 55I A 1 27  ? -3.388  -4.018  -8.591  1.00 9.74  ? 27  55I A N   1 
HETATM 204  O O   . 55I A 1 27  ? -0.350  -5.682  -8.030  1.00 8.84  ? 27  55I A O   1 
HETATM 205  C CA  . 55I A 1 27  ? -2.289  -4.299  -7.635  1.00 8.67  ? 27  55I A CA  1 
HETATM 206  C CB  . 55I A 1 27  ? -2.917  -4.370  -6.233  1.00 9.27  ? 27  55I A CB  1 
HETATM 207  C CG  . 55I A 1 27  ? -1.961  -4.677  -5.128  1.00 9.62  ? 27  55I A CG  1 
HETATM 208  C CZ  . 55I A 1 27  ? -0.133  -5.336  -3.181  1.00 14.09 ? 27  55I A CZ  1 
HETATM 209  C C13 . 55I A 1 27  ? 0.799   -5.728  -2.068  1.00 17.12 ? 27  55I A C13 1 
HETATM 210  F F19 . 55I A 1 27  ? 1.943   -6.224  -2.512  1.00 20.62 ? 27  55I A F19 1 
HETATM 211  F F20 . 55I A 1 27  ? 0.289   -6.764  -1.348  1.00 21.43 ? 27  55I A F20 1 
HETATM 212  F F21 . 55I A 1 27  ? 1.098   -4.710  -1.201  1.00 15.24 ? 27  55I A F21 1 
HETATM 213  C CD1 . 55I A 1 27  ? -0.938  -3.803  -4.777  1.00 10.44 ? 27  55I A CD1 1 
HETATM 214  C CD2 . 55I A 1 27  ? -2.008  -5.905  -4.565  1.00 11.09 ? 27  55I A CD2 1 
HETATM 215  C CE1 . 55I A 1 27  ? -0.063  -4.100  -3.766  1.00 12.66 ? 27  55I A CE1 1 
HETATM 216  C CE2 . 55I A 1 27  ? -1.083  -6.250  -3.609  1.00 13.01 ? 27  55I A CE2 1 
ATOM   217  N N   . LEU A 1 28  ? -2.376  -6.645  -8.226  1.00 8.98  ? 28  LEU A N   1 
ATOM   218  C CA  . LEU A 1 28  ? -1.688  -7.957  -8.451  1.00 9.78  ? 28  LEU A CA  1 
ATOM   219  C C   . LEU A 1 28  ? -1.016  -7.985  -9.840  1.00 9.82  ? 28  LEU A C   1 
ATOM   220  O O   . LEU A 1 28  ? 0.039   -8.587  -9.910  1.00 9.81  ? 28  LEU A O   1 
ATOM   221  C CB  . LEU A 1 28  ? -2.673  -9.111  -8.461  1.00 10.66 ? 28  LEU A CB  1 
ATOM   222  C CG  . LEU A 1 28  ? -3.368  -9.357  -7.131  1.00 11.49 ? 28  LEU A CG  1 
ATOM   223  C CD1 . LEU A 1 28  ? -4.530  -10.364 -7.297  1.00 13.00 ? 28  LEU A CD1 1 
ATOM   224  C CD2 . LEU A 1 28  ? -2.406  -9.793  -6.022  1.00 11.33 ? 28  LEU A CD2 1 
ATOM   225  N N   . ASP A 1 29  ? -1.474  -7.203  -10.828 1.00 9.97  ? 29  ASP A N   1 
ATOM   226  C CA  . ASP A 1 29  ? -0.705  -7.058  -12.075 1.00 11.78 ? 29  ASP A CA  1 
ATOM   227  C C   . ASP A 1 29  ? 0.613   -6.380  -11.835 1.00 10.89 ? 29  ASP A C   1 
ATOM   228  O O   . ASP A 1 29  ? 1.667   -6.781  -12.305 1.00 10.86 ? 29  ASP A O   1 
ATOM   229  C CB  . ASP A 1 29  ? -1.576  -6.333  -13.076 1.00 12.16 ? 29  ASP A CB  1 
ATOM   230  C CG  . ASP A 1 29  ? -2.759  -7.140  -13.600 1.00 13.27 ? 29  ASP A CG  1 
ATOM   231  O OD1 . ASP A 1 29  ? -2.794  -8.389  -13.495 1.00 15.17 ? 29  ASP A OD1 1 
ATOM   232  O OD2 . ASP A 1 29  ? -3.634  -6.454  -14.158 1.00 17.43 ? 29  ASP A OD2 1 
ATOM   233  N N   . TYR A 1 30  ? 0.625   -5.351  -11.030 1.00 9.55  ? 30  TYR A N   1 
ATOM   234  C CA  . TYR A 1 30  ? 1.925   -4.729  -10.653 1.00 9.80  ? 30  TYR A CA  1 
ATOM   235  C C   . TYR A 1 30  ? 2.833   -5.755  -9.945  1.00 8.06  ? 30  TYR A C   1 
ATOM   236  O O   . TYR A 1 30  ? 4.027   -5.835  -10.206 1.00 9.05  ? 30  TYR A O   1 
ATOM   237  C CB  . TYR A 1 30  ? 1.774   -3.446  -9.819  1.00 9.54  ? 30  TYR A CB  1 
ATOM   238  C CG  . TYR A 1 30  ? 1.334   -2.225  -10.587 1.00 9.99  ? 30  TYR A CG  1 
ATOM   239  C CD1 . TYR A 1 30  ? 2.131   -1.685  -11.585 1.00 9.55  ? 30  TYR A CD1 1 
ATOM   240  C CD2 . TYR A 1 30  ? 0.195   -1.508  -10.279 1.00 10.11 ? 30  TYR A CD2 1 
ATOM   241  C CE1 . TYR A 1 30  ? 1.782   -0.564  -12.314 1.00 10.04 ? 30  TYR A CE1 1 
ATOM   242  C CE2 . TYR A 1 30  ? -0.068  -0.299  -10.926 1.00 9.72  ? 30  TYR A CE2 1 
ATOM   243  C CZ  . TYR A 1 30  ? 0.676   0.159   -11.979 1.00 9.16  ? 30  TYR A CZ  1 
ATOM   244  O OH  . TYR A 1 30  ? 0.391   1.313   -12.694 1.00 10.18 ? 30  TYR A OH  1 
ATOM   245  N N   . CYS A 1 31  ? 2.313   -6.471  -8.988  1.00 8.80  ? 31  CYS A N   1 
ATOM   246  C CA  . CYS A 1 31  ? 3.076   -7.480  -8.288  1.00 9.31  ? 31  CYS A CA  1 
ATOM   247  C C   . CYS A 1 31  ? 3.670   -8.484  -9.244  1.00 10.31 ? 31  CYS A C   1 
ATOM   248  O O   . CYS A 1 31  ? 4.921   -8.790  -9.171  1.00 11.51 ? 31  CYS A O   1 
ATOM   249  C CB  . CYS A 1 31  ? 2.237   -8.213  -7.272  1.00 8.85  ? 31  CYS A CB  1 
ATOM   250  S SG  . CYS A 1 31  ? 1.557   -7.269  -5.872  1.00 10.50 ? 31  CYS A SG  1 
ATOM   251  N N   A ARG A 1 32  ? 2.847   -9.003  -10.146 0.50 10.46 ? 32  ARG A N   1 
ATOM   252  N N   B ARG A 1 32  ? 2.864   -8.970  -10.173 0.50 10.08 ? 32  ARG A N   1 
ATOM   253  C CA  A ARG A 1 32  ? 3.265   -10.095 -11.056 0.50 11.24 ? 32  ARG A CA  1 
ATOM   254  C CA  B ARG A 1 32  ? 3.307   -10.091 -11.028 0.50 10.71 ? 32  ARG A CA  1 
ATOM   255  C C   A ARG A 1 32  ? 4.305   -9.550  -12.035 0.50 12.43 ? 32  ARG A C   1 
ATOM   256  C C   B ARG A 1 32  ? 4.268   -9.562  -12.085 0.50 12.03 ? 32  ARG A C   1 
ATOM   257  O O   A ARG A 1 32  ? 5.234   -10.321 -12.392 0.50 13.73 ? 32  ARG A O   1 
ATOM   258  O O   B ARG A 1 32  ? 5.124   -10.358 -12.520 0.50 13.42 ? 32  ARG A O   1 
ATOM   259  C CB  A ARG A 1 32  ? 2.086   -10.667 -11.828 0.50 10.88 ? 32  ARG A CB  1 
ATOM   260  C CB  B ARG A 1 32  ? 2.120   -10.823 -11.627 0.50 10.13 ? 32  ARG A CB  1 
ATOM   261  C CG  A ARG A 1 32  ? 1.050   -11.379 -10.965 0.50 12.26 ? 32  ARG A CG  1 
ATOM   262  C CG  B ARG A 1 32  ? 1.417   -11.698 -10.601 0.50 10.96 ? 32  ARG A CG  1 
ATOM   263  C CD  A ARG A 1 32  ? 1.095   -12.875 -11.170 0.50 14.46 ? 32  ARG A CD  1 
ATOM   264  C CD  B ARG A 1 32  ? 0.206   -12.435 -11.149 0.50 12.21 ? 32  ARG A CD  1 
ATOM   265  N NE  A ARG A 1 32  ? 0.092   -13.602 -10.417 0.50 15.23 ? 32  ARG A NE  1 
ATOM   266  N NE  B ARG A 1 32  ? -0.833  -11.540 -11.634 0.50 13.00 ? 32  ARG A NE  1 
ATOM   267  C CZ  A ARG A 1 32  ? 0.294   -14.811 -9.935  0.50 16.64 ? 32  ARG A CZ  1 
ATOM   268  C CZ  B ARG A 1 32  ? -2.097  -11.531 -11.193 0.50 14.02 ? 32  ARG A CZ  1 
ATOM   269  N NH1 A ARG A 1 32  ? 1.511   -15.341 -9.965  0.50 17.51 ? 32  ARG A NH1 1 
ATOM   270  N NH1 B ARG A 1 32  ? -2.461  -12.414 -10.274 0.50 15.27 ? 32  ARG A NH1 1 
ATOM   271  N NH2 A ARG A 1 32  ? -0.711  -15.448 -9.357  0.50 20.26 ? 32  ARG A NH2 1 
ATOM   272  N NH2 B ARG A 1 32  ? -2.973  -10.673 -11.690 0.50 12.94 ? 32  ARG A NH2 1 
ATOM   273  N N   . GLU A 1 33  ? 4.241   -8.288  -12.432 1.00 11.27 ? 33  GLU A N   1 
ATOM   274  C CA  . GLU A 1 33  ? 5.201   -7.767  -13.405 1.00 12.81 ? 33  GLU A CA  1 
ATOM   275  C C   . GLU A 1 33  ? 6.531   -7.453  -12.709 1.00 10.27 ? 33  GLU A C   1 
ATOM   276  O O   . GLU A 1 33  ? 7.466   -7.051  -13.398 1.00 11.81 ? 33  GLU A O   1 
ATOM   277  C CB  . GLU A 1 33  ? 4.528   -6.637  -14.140 1.00 14.91 ? 33  GLU A CB  1 
ATOM   278  C CG  . GLU A 1 33  ? 4.533   -5.309  -13.488 1.00 17.96 ? 33  GLU A CG  1 
ATOM   279  C CD  . GLU A 1 33  ? 3.803   -4.173  -14.209 1.00 24.50 ? 33  GLU A CD  1 
ATOM   280  O OE1 . GLU A 1 33  ? 4.380   -3.042  -14.242 1.00 24.93 ? 33  GLU A OE1 1 
ATOM   281  O OE2 . GLU A 1 33  ? 2.587   -4.389  -14.599 1.00 28.56 ? 33  GLU A OE2 1 
ATOM   282  N N   . GLY A 1 34  ? 6.636   -7.608  -11.374 1.00 10.95 ? 34  GLY A N   1 
ATOM   283  C CA  . GLY A 1 34  ? 7.904   -7.252  -10.700 1.00 9.86  ? 34  GLY A CA  1 
ATOM   284  C C   . GLY A 1 34  ? 7.987   -5.755  -10.380 1.00 10.13 ? 34  GLY A C   1 
ATOM   285  O O   . GLY A 1 34  ? 9.058   -5.303  -9.951  1.00 10.39 ? 34  GLY A O   1 
ATOM   286  N N   . PHE A 1 35  ? 6.924   -4.977  -10.544 1.00 9.43  ? 35  PHE A N   1 
ATOM   287  C CA  . PHE A 1 35  ? 6.979   -3.518  -10.400 1.00 9.83  ? 35  PHE A CA  1 
ATOM   288  C C   . PHE A 1 35  ? 7.414   -3.141  -8.974  1.00 8.35  ? 35  PHE A C   1 
ATOM   289  O O   . PHE A 1 35  ? 8.052   -2.131  -8.801  1.00 9.51  ? 35  PHE A O   1 
ATOM   290  C CB  . PHE A 1 35  ? 5.625   -2.914  -10.772 1.00 10.96 ? 35  PHE A CB  1 
ATOM   291  C CG  . PHE A 1 35  ? 5.540   -1.433  -10.551 1.00 11.34 ? 35  PHE A CG  1 
ATOM   292  C CD1 . PHE A 1 35  ? 5.247   -0.907  -9.267  1.00 12.44 ? 35  PHE A CD1 1 
ATOM   293  C CD2 . PHE A 1 35  ? 5.852   -0.571  -11.602 1.00 14.88 ? 35  PHE A CD2 1 
ATOM   294  C CE1 . PHE A 1 35  ? 5.230   0.455   -9.094  1.00 16.71 ? 35  PHE A CE1 1 
ATOM   295  C CE2 . PHE A 1 35  ? 5.790   0.781   -11.376 1.00 16.94 ? 35  PHE A CE2 1 
ATOM   296  C CZ  . PHE A 1 35  ? 5.477   1.285   -10.153 1.00 15.31 ? 35  PHE A CZ  1 
ATOM   297  N N   . TYR A 1 36  ? 6.988   -3.866  -7.961  1.00 9.14  ? 36  TYR A N   1 
ATOM   298  C CA  . TYR A 1 36  ? 7.293   -3.489  -6.558  1.00 8.72  ? 36  TYR A CA  1 
ATOM   299  C C   . TYR A 1 36  ? 8.639   -4.079  -6.148  1.00 9.10  ? 36  TYR A C   1 
ATOM   300  O O   . TYR A 1 36  ? 9.088   -3.711  -5.096  1.00 10.09 ? 36  TYR A O   1 
ATOM   301  C CB  . TYR A 1 36  ? 6.202   -3.921  -5.591  1.00 8.61  ? 36  TYR A CB  1 
ATOM   302  C CG  . TYR A 1 36  ? 4.827   -3.372  -5.878  1.00 7.53  ? 36  TYR A CG  1 
ATOM   303  C CD1 . TYR A 1 36  ? 4.663   -1.979  -5.870  1.00 8.50  ? 36  TYR A CD1 1 
ATOM   304  C CD2 . TYR A 1 36  ? 3.743   -4.167  -6.127  1.00 9.27  ? 36  TYR A CD2 1 
ATOM   305  C CE1 . TYR A 1 36  ? 3.408   -1.410  -6.055  1.00 8.11  ? 36  TYR A CE1 1 
ATOM   306  C CE2 . TYR A 1 36  ? 2.501   -3.562  -6.360  1.00 8.39  ? 36  TYR A CE2 1 
ATOM   307  C CZ  . TYR A 1 36  ? 2.341   -2.193  -6.338  1.00 8.70  ? 36  TYR A CZ  1 
ATOM   308  O OH  . TYR A 1 36  ? 1.107   -1.633  -6.565  1.00 10.14 ? 36  TYR A OH  1 
ATOM   309  N N   . ASN A 1 37  ? 9.280   -4.908  -6.930  1.00 9.57  ? 37  ASN A N   1 
ATOM   310  C CA  . ASN A 1 37  ? 10.598  -5.443  -6.644  1.00 10.94 ? 37  ASN A CA  1 
ATOM   311  C C   . ASN A 1 37  ? 11.629  -4.308  -6.636  1.00 9.68  ? 37  ASN A C   1 
ATOM   312  O O   . ASN A 1 37  ? 11.631  -3.459  -7.560  1.00 12.56 ? 37  ASN A O   1 
ATOM   313  C CB  . ASN A 1 37  ? 10.865  -6.469  -7.728  1.00 10.16 ? 37  ASN A CB  1 
ATOM   314  C CG  . ASN A 1 37  ? 9.957   -7.676  -7.640  1.00 10.48 ? 37  ASN A CG  1 
ATOM   315  O OD1 . ASN A 1 37  ? 8.996   -7.762  -6.873  1.00 11.81 ? 37  ASN A OD1 1 
ATOM   316  N ND2 . ASN A 1 37  ? 10.291  -8.664  -8.409  1.00 12.17 ? 37  ASN A ND2 1 
ATOM   317  N N   . ASN A 1 38  ? 12.493  -4.248  -5.623  1.00 10.83 ? 38  ASN A N   1 
ATOM   318  C CA  . ASN A 1 38  ? 13.526  -3.183  -5.450  1.00 10.69 ? 38  ASN A CA  1 
ATOM   319  C C   . ASN A 1 38  ? 12.842  -1.842  -5.342  1.00 14.07 ? 38  ASN A C   1 
ATOM   320  O O   . ASN A 1 38  ? 13.343  -0.926  -5.969  1.00 17.46 ? 38  ASN A O   1 
ATOM   321  C CB  . ASN A 1 38  ? 14.550  -3.206  -6.607  1.00 15.52 ? 38  ASN A CB  1 
ATOM   322  C CG  . ASN A 1 38  ? 14.841  -4.571  -7.177  1.00 19.83 ? 38  ASN A CG  1 
ATOM   323  O OD1 . ASN A 1 38  ? 14.575  -4.873  -8.345  1.00 25.97 ? 38  ASN A OD1 1 
ATOM   324  N ND2 . ASN A 1 38  ? 15.419  -5.392  -6.365  1.00 15.99 ? 38  ASN A ND2 1 
ATOM   325  N N   . THR A 1 39  ? 11.741  -1.763  -4.628  1.00 11.81 ? 39  THR A N   1 
ATOM   326  C CA  . THR A 1 39  ? 11.117  -0.460  -4.304  1.00 12.93 ? 39  THR A CA  1 
ATOM   327  C C   . THR A 1 39  ? 11.215  -0.272  -2.784  1.00 11.63 ? 39  THR A C   1 
ATOM   328  O O   . THR A 1 39  ? 11.697  -1.163  -2.066  1.00 11.54 ? 39  THR A O   1 
ATOM   329  C CB  . THR A 1 39  ? 9.665   -0.357  -4.777  1.00 15.20 ? 39  THR A CB  1 
ATOM   330  O OG1 . THR A 1 39  ? 8.801   -1.258  -4.079  1.00 14.05 ? 39  THR A OG1 1 
ATOM   331  C CG2 . THR A 1 39  ? 9.492   -0.391  -6.280  1.00 15.07 ? 39  THR A CG2 1 
ATOM   332  N N   . ILE A 1 40  ? 10.849  0.893   -2.276  1.00 10.36 ? 40  ILE A N   1 
ATOM   333  C CA  . ILE A 1 40  ? 11.010  1.254   -0.849  1.00 8.93  ? 40  ILE A CA  1 
ATOM   334  C C   . ILE A 1 40  ? 9.648   1.661   -0.280  1.00 9.92  ? 40  ILE A C   1 
ATOM   335  O O   . ILE A 1 40  ? 8.768   2.076   -0.989  1.00 11.06 ? 40  ILE A O   1 
ATOM   336  C CB  . ILE A 1 40  ? 12.049  2.404   -0.676  1.00 9.80  ? 40  ILE A CB  1 
ATOM   337  C CG1 . ILE A 1 40  ? 11.666  3.738   -1.311  1.00 11.42 ? 40  ILE A CG1 1 
ATOM   338  C CG2 . ILE A 1 40  ? 13.415  1.941   -1.165  1.00 11.54 ? 40  ILE A CG2 1 
ATOM   339  C CD1 . ILE A 1 40  ? 12.647  4.878   -1.028  1.00 11.48 ? 40  ILE A CD1 1 
ATOM   340  N N   . PHE A 1 41  ? 9.562   1.647   1.023   1.00 9.70  ? 41  PHE A N   1 
ATOM   341  C CA  . PHE A 1 41  ? 8.605   2.443   1.835   1.00 9.72  ? 41  PHE A CA  1 
ATOM   342  C C   . PHE A 1 41  ? 9.129   3.884   1.907   1.00 9.29  ? 41  PHE A C   1 
ATOM   343  O O   . PHE A 1 41  ? 9.967   4.154   2.750   1.00 11.86 ? 41  PHE A O   1 
ATOM   344  C CB  . PHE A 1 41  ? 8.303   1.805   3.197   1.00 10.71 ? 41  PHE A CB  1 
ATOM   345  C CG  . PHE A 1 41  ? 7.360   0.613   3.131   1.00 10.98 ? 41  PHE A CG  1 
ATOM   346  C CD1 . PHE A 1 41  ? 5.989   0.778   3.010   1.00 10.88 ? 41  PHE A CD1 1 
ATOM   347  C CD2 . PHE A 1 41  ? 7.824   -0.704  3.216   1.00 14.38 ? 41  PHE A CD2 1 
ATOM   348  C CE1 . PHE A 1 41  ? 5.128   -0.317  2.875   1.00 12.34 ? 41  PHE A CE1 1 
ATOM   349  C CE2 . PHE A 1 41  ? 6.931   -1.798  3.114   1.00 12.84 ? 41  PHE A CE2 1 
ATOM   350  C CZ  . PHE A 1 41  ? 5.599   -1.597  2.919   1.00 13.90 ? 41  PHE A CZ  1 
ATOM   351  N N   . HIS A 1 42  ? 8.618   4.750   1.023   1.00 9.13  ? 42  HIS A N   1 
ATOM   352  C CA  . HIS A 1 42  ? 9.204   6.110   0.881   1.00 10.17 ? 42  HIS A CA  1 
ATOM   353  C C   . HIS A 1 42  ? 8.526   7.089   1.821   1.00 10.13 ? 42  HIS A C   1 
ATOM   354  O O   . HIS A 1 42  ? 9.068   8.227   1.932   1.00 11.04 ? 42  HIS A O   1 
ATOM   355  C CB  . HIS A 1 42  ? 9.161   6.618   -0.557  1.00 10.56 ? 42  HIS A CB  1 
ATOM   356  C CG  . HIS A 1 42  ? 7.806   6.934   -1.046  1.00 11.64 ? 42  HIS A CG  1 
ATOM   357  N ND1 . HIS A 1 42  ? 6.951   5.929   -1.437  1.00 11.99 ? 42  HIS A ND1 1 
ATOM   358  C CD2 . HIS A 1 42  ? 7.202   8.131   -1.244  1.00 13.22 ? 42  HIS A CD2 1 
ATOM   359  C CE1 . HIS A 1 42  ? 5.781   6.515   -1.748  1.00 11.72 ? 42  HIS A CE1 1 
ATOM   360  N NE2 . HIS A 1 42  ? 5.919   7.841   -1.635  1.00 14.82 ? 42  HIS A NE2 1 
ATOM   361  N N   . ARG A 1 43  ? 7.427   6.739   2.481   1.00 8.62  ? 43  ARG A N   1 
ATOM   362  C CA  . ARG A 1 43  ? 6.728   7.680   3.367   1.00 8.82  ? 43  ARG A CA  1 
ATOM   363  C C   . ARG A 1 43  ? 6.211   6.943   4.555   1.00 8.81  ? 43  ARG A C   1 
ATOM   364  O O   . ARG A 1 43  ? 5.290   6.122   4.448   1.00 11.28 ? 43  ARG A O   1 
ATOM   365  C CB  . ARG A 1 43  ? 5.622   8.383   2.608   1.00 10.27 ? 43  ARG A CB  1 
ATOM   366  C CG  . ARG A 1 43  ? 4.891   9.475   3.351   1.00 11.16 ? 43  ARG A CG  1 
ATOM   367  C CD  . ARG A 1 43  ? 3.580   9.866   2.682   1.00 12.10 ? 43  ARG A CD  1 
ATOM   368  N NE  . ARG A 1 43  ? 2.871   10.943  3.342   1.00 11.14 ? 43  ARG A NE  1 
ATOM   369  C CZ  . ARG A 1 43  ? 1.584   11.164  3.239   1.00 11.05 ? 43  ARG A CZ  1 
ATOM   370  N NH1 . ARG A 1 43  ? 0.872   10.396  2.463   1.00 9.63  ? 43  ARG A NH1 1 
ATOM   371  N NH2 . ARG A 1 43  ? 1.007   12.168  3.891   1.00 12.69 ? 43  ARG A NH2 1 
ATOM   372  N N   . VAL A 1 44  ? 6.869   7.150   5.626   1.00 8.05  ? 44  VAL A N   1 
ATOM   373  C CA  . VAL A 1 44  ? 6.697   6.404   6.880   1.00 10.13 ? 44  VAL A CA  1 
ATOM   374  C C   . VAL A 1 44  ? 6.297   7.396   7.983   1.00 10.37 ? 44  VAL A C   1 
ATOM   375  O O   . VAL A 1 44  ? 7.127   8.282   8.312   1.00 10.69 ? 44  VAL A O   1 
ATOM   376  C CB  . VAL A 1 44  ? 7.946   5.602   7.260   1.00 11.28 ? 44  VAL A CB  1 
ATOM   377  C CG1 . VAL A 1 44  ? 7.895   5.139   8.720   1.00 10.94 ? 44  VAL A CG1 1 
ATOM   378  C CG2 . VAL A 1 44  ? 8.095   4.481   6.269   1.00 10.73 ? 44  VAL A CG2 1 
ATOM   379  N N   . ILE A 1 45  ? 5.072   7.356   8.502   1.00 8.90  ? 45  ILE A N   1 
ATOM   380  C CA  . ILE A 1 45  ? 4.572   8.256   9.585   1.00 9.02  ? 45  ILE A CA  1 
ATOM   381  C C   . ILE A 1 45  ? 4.022   7.416   10.709  1.00 9.62  ? 45  ILE A C   1 
ATOM   382  O O   . ILE A 1 45  ? 2.937   6.852   10.630  1.00 11.59 ? 45  ILE A O   1 
ATOM   383  C CB  . ILE A 1 45  ? 3.560   9.257   9.021   1.00 9.89  ? 45  ILE A CB  1 
ATOM   384  C CG1 . ILE A 1 45  ? 4.122   10.107  7.881   1.00 10.56 ? 45  ILE A CG1 1 
ATOM   385  C CG2 . ILE A 1 45  ? 3.145   10.155  10.190  1.00 10.18 ? 45  ILE A CG2 1 
ATOM   386  C CD1 . ILE A 1 45  ? 3.148   11.055  7.239   1.00 11.48 ? 45  ILE A CD1 1 
ATOM   387  N N   . ASN A 1 46  ? 4.767   7.376   11.801  1.00 10.21 ? 46  ASN A N   1 
ATOM   388  C CA  . ASN A 1 46  ? 4.384   6.596   13.003  1.00 10.81 ? 46  ASN A CA  1 
ATOM   389  C C   . ASN A 1 46  ? 3.034   7.066   13.517  1.00 11.27 ? 46  ASN A C   1 
ATOM   390  O O   . ASN A 1 46  ? 2.686   8.267   13.363  1.00 11.99 ? 46  ASN A O   1 
ATOM   391  C CB  . ASN A 1 46  ? 5.395   6.684   14.153  1.00 12.54 ? 46  ASN A CB  1 
ATOM   392  C CG  . ASN A 1 46  ? 5.383   5.447   15.011  1.00 13.69 ? 46  ASN A CG  1 
ATOM   393  O OD1 . ASN A 1 46  ? 4.508   4.622   14.910  1.00 12.94 ? 46  ASN A OD1 1 
ATOM   394  N ND2 . ASN A 1 46  ? 6.408   5.303   15.853  1.00 16.98 ? 46  ASN A ND2 1 
ATOM   395  N N   . GLY A 1 47  ? 2.239   6.120   13.967  1.00 10.24 ? 47  GLY A N   1 
ATOM   396  C CA  . GLY A 1 47  ? 0.887   6.407   14.414  1.00 10.28 ? 47  GLY A CA  1 
ATOM   397  C C   . GLY A 1 47  ? -0.024  6.766   13.259  1.00 10.94 ? 47  GLY A C   1 
ATOM   398  O O   . GLY A 1 47  ? -1.168  7.188   13.549  1.00 11.76 ? 47  GLY A O   1 
ATOM   399  N N   . PHE A 1 48  ? 0.295   6.522   11.987  1.00 10.88 ? 48  PHE A N   1 
ATOM   400  C CA  . PHE A 1 48  ? -0.592  6.829   10.848  1.00 8.78  ? 48  PHE A CA  1 
ATOM   401  C C   . PHE A 1 48  ? -0.490  5.710   9.830   1.00 8.54  ? 48  PHE A C   1 
ATOM   402  O O   . PHE A 1 48  ? -1.387  4.829   9.860   1.00 7.66  ? 48  PHE A O   1 
ATOM   403  C CB  . PHE A 1 48  ? -0.174  8.185   10.324  1.00 10.27 ? 48  PHE A CB  1 
ATOM   404  C CG  . PHE A 1 48  ? -0.916  8.658   9.097   1.00 8.71  ? 48  PHE A CG  1 
ATOM   405  C CD1 . PHE A 1 48  ? -2.282  8.392   8.938   1.00 8.48  ? 48  PHE A CD1 1 
ATOM   406  C CD2 . PHE A 1 48  ? -0.327  9.512   8.185   1.00 8.81  ? 48  PHE A CD2 1 
ATOM   407  C CE1 . PHE A 1 48  ? -2.916  8.860   7.811   1.00 9.81  ? 48  PHE A CE1 1 
ATOM   408  C CE2 . PHE A 1 48  ? -1.006  10.024  7.086   1.00 9.41  ? 48  PHE A CE2 1 
ATOM   409  C CZ  . PHE A 1 48  ? -2.322  9.719   6.921   1.00 9.85  ? 48  PHE A CZ  1 
ATOM   410  N N   . MET A 1 49  ? 0.537   5.670   8.988   1.00 8.18  ? 49  MET A N   1 
ATOM   411  C CA  . MET A 1 49  ? 0.596   4.627   7.949   1.00 8.99  ? 49  MET A CA  1 
ATOM   412  C C   . MET A 1 49  ? 2.028   4.551   7.419   1.00 8.02  ? 49  MET A C   1 
ATOM   413  O O   . MET A 1 49  ? 2.852   5.507   7.591   1.00 9.02  ? 49  MET A O   1 
ATOM   414  C CB  . MET A 1 49  ? -0.461  4.899   6.878   1.00 8.17  ? 49  MET A CB  1 
ATOM   415  C CG  . MET A 1 49  ? -0.335  6.230   6.187   1.00 9.14  ? 49  MET A CG  1 
ATOM   416  S SD  . MET A 1 49  ? 0.890   6.252   4.852   1.00 10.08 ? 49  MET A SD  1 
ATOM   417  C CE  . MET A 1 49  ? 1.816   7.740   5.284   1.00 10.76 ? 49  MET A CE  1 
ATOM   418  N N   . ILE A 1 50  ? 2.306   3.465   6.725   1.00 7.25  ? 50  ILE A N   1 
ATOM   419  C CA  . ILE A 1 50  ? 3.542   3.335   5.918   1.00 7.18  ? 50  ILE A CA  1 
ATOM   420  C C   . ILE A 1 50  ? 3.115   3.172   4.451   1.00 6.87  ? 50  ILE A C   1 
ATOM   421  O O   . ILE A 1 50  ? 2.223   2.392   4.112   1.00 7.64  ? 50  ILE A O   1 
ATOM   422  C CB  . ILE A 1 50  ? 4.412   2.205   6.499   1.00 8.47  ? 50  ILE A CB  1 
ATOM   423  C CG1 . ILE A 1 50  ? 3.850   0.821   6.250   1.00 8.87  ? 50  ILE A CG1 1 
ATOM   424  C CG2 . ILE A 1 50  ? 4.738   2.456   7.982   1.00 11.06 ? 50  ILE A CG2 1 
ATOM   425  C CD1 . ILE A 1 50  ? 4.795   -0.231  6.660   1.00 10.07 ? 50  ILE A CD1 1 
ATOM   426  N N   . GLN A 1 51  ? 3.809   3.918   3.561   1.00 8.92  ? 51  GLN A N   1 
ATOM   427  C CA  . GLN A 1 51  ? 3.408   4.050   2.132   1.00 8.33  ? 51  GLN A CA  1 
ATOM   428  C C   . GLN A 1 51  ? 4.613   3.697   1.253   1.00 8.99  ? 51  GLN A C   1 
ATOM   429  O O   . GLN A 1 51  ? 5.751   4.070   1.542   1.00 10.44 ? 51  GLN A O   1 
ATOM   430  C CB  . GLN A 1 51  ? 2.886   5.444   1.854   1.00 9.41  ? 51  GLN A CB  1 
ATOM   431  C CG  . GLN A 1 51  ? 2.706   5.775   0.362   1.00 9.49  ? 51  GLN A CG  1 
ATOM   432  C CD  . GLN A 1 51  ? 2.041   7.128   0.246   1.00 10.22 ? 51  GLN A CD  1 
ATOM   433  O OE1 . GLN A 1 51  ? 1.648   7.737   1.226   1.00 10.58 ? 51  GLN A OE1 1 
ATOM   434  N NE2 . GLN A 1 51  ? 1.933   7.645   -0.982  1.00 10.85 ? 51  GLN A NE2 1 
ATOM   435  N N   . GLY A 1 52  ? 4.342   2.868   0.217   1.00 9.95  ? 52  GLY A N   1 
ATOM   436  C CA  . GLY A 1 52  ? 5.367   2.521   -0.766  1.00 13.72 ? 52  GLY A CA  1 
ATOM   437  C C   . GLY A 1 52  ? 4.750   2.216   -2.121  1.00 14.05 ? 52  GLY A C   1 
ATOM   438  O O   . GLY A 1 52  ? 3.742   2.826   -2.492  1.00 15.35 ? 52  GLY A O   1 
ATOM   439  N N   . GLY A 1 53  ? 5.479   1.458   -2.926  1.00 14.55 ? 53  GLY A N   1 
ATOM   440  C CA  . GLY A 1 53  ? 4.939   1.084   -4.243  1.00 17.89 ? 53  GLY A CA  1 
ATOM   441  C C   . GLY A 1 53  ? 5.160   2.157   -5.295  1.00 17.47 ? 53  GLY A C   1 
ATOM   442  O O   . GLY A 1 53  ? 4.398   2.147   -6.337  1.00 20.71 ? 53  GLY A O   1 
ATOM   443  N N   . GLY A 1 54  ? 6.112   3.076   -5.102  1.00 15.62 ? 54  GLY A N   1 
ATOM   444  C CA  . GLY A 1 54  ? 6.350   4.041   -6.190  1.00 14.18 ? 54  GLY A CA  1 
ATOM   445  C C   . GLY A 1 54  ? 7.798   4.361   -6.478  1.00 13.53 ? 54  GLY A C   1 
ATOM   446  O O   . GLY A 1 54  ? 8.000   4.881   -7.569  1.00 14.40 ? 54  GLY A O   1 
ATOM   447  N N   . PHE A 1 55  ? 8.785   4.044   -5.658  1.00 14.21 ? 55  PHE A N   1 
ATOM   448  C CA  . PHE A 1 55  ? 10.141  4.662   -5.776  1.00 13.63 ? 55  PHE A CA  1 
ATOM   449  C C   . PHE A 1 55  ? 11.212  3.604   -5.530  1.00 13.72 ? 55  PHE A C   1 
ATOM   450  O O   . PHE A 1 55  ? 11.038  2.763   -4.624  1.00 13.90 ? 55  PHE A O   1 
ATOM   451  C CB  . PHE A 1 55  ? 10.305  5.797   -4.749  1.00 13.38 ? 55  PHE A CB  1 
ATOM   452  C CG  . PHE A 1 55  ? 9.430   7.014   -5.008  1.00 13.27 ? 55  PHE A CG  1 
ATOM   453  C CD1 . PHE A 1 55  ? 8.115   7.124   -4.533  1.00 15.01 ? 55  PHE A CD1 1 
ATOM   454  C CD2 . PHE A 1 55  ? 9.970   8.071   -5.713  1.00 14.26 ? 55  PHE A CD2 1 
ATOM   455  C CE1 . PHE A 1 55  ? 7.353   8.243   -4.850  1.00 14.47 ? 55  PHE A CE1 1 
ATOM   456  C CE2 . PHE A 1 55  ? 9.205   9.209   -5.929  1.00 15.45 ? 55  PHE A CE2 1 
ATOM   457  C CZ  . PHE A 1 55  ? 7.888   9.276   -5.595  1.00 14.80 ? 55  PHE A CZ  1 
ATOM   458  N N   . GLU A 1 56  ? 12.289  3.635   -6.316  1.00 15.11 ? 56  GLU A N   1 
ATOM   459  C CA  . GLU A 1 56  ? 13.519  2.839   -6.058  1.00 15.50 ? 56  GLU A CA  1 
ATOM   460  C C   . GLU A 1 56  ? 14.399  3.572   -5.037  1.00 16.11 ? 56  GLU A C   1 
ATOM   461  O O   . GLU A 1 56  ? 14.266  4.764   -4.865  1.00 15.44 ? 56  GLU A O   1 
ATOM   462  C CB  . GLU A 1 56  ? 14.273  2.606   -7.359  1.00 18.42 ? 56  GLU A CB  1 
ATOM   463  C CG  . GLU A 1 56  ? 13.453  1.792   -8.362  1.00 22.92 ? 56  GLU A CG  1 
ATOM   464  C CD  . GLU A 1 56  ? 13.993  1.735   -9.797  1.00 26.43 ? 56  GLU A CD  1 
ATOM   465  O OE1 . GLU A 1 56  ? 14.824  2.586   -10.146 1.00 32.97 ? 56  GLU A OE1 1 
ATOM   466  O OE2 . GLU A 1 56  ? 13.603  0.820   -10.544 1.00 26.75 ? 56  GLU A OE2 1 
ATOM   467  N N   . PRO A 1 57  ? 15.366  2.894   -4.369  1.00 16.73 ? 57  PRO A N   1 
ATOM   468  C CA  . PRO A 1 57  ? 16.403  3.579   -3.610  1.00 19.07 ? 57  PRO A CA  1 
ATOM   469  C C   . PRO A 1 57  ? 17.015  4.741   -4.396  1.00 24.02 ? 57  PRO A C   1 
ATOM   470  O O   . PRO A 1 57  ? 17.227  4.645   -5.609  1.00 24.71 ? 57  PRO A O   1 
ATOM   471  C CB  . PRO A 1 57  ? 17.400  2.456   -3.330  1.00 18.62 ? 57  PRO A CB  1 
ATOM   472  C CG  . PRO A 1 57  ? 16.502  1.246   -3.241  1.00 19.88 ? 57  PRO A CG  1 
ATOM   473  C CD  . PRO A 1 57  ? 15.587  1.449   -4.420  1.00 16.57 ? 57  PRO A CD  1 
ATOM   474  N N   . GLY A 1 58  ? 17.273  5.829   -3.674  1.00 23.71 ? 58  GLY A N   1 
ATOM   475  C CA  . GLY A 1 58  ? 17.708  7.109   -4.259  1.00 23.90 ? 58  GLY A CA  1 
ATOM   476  C C   . GLY A 1 58  ? 16.533  7.939   -4.740  1.00 23.70 ? 58  GLY A C   1 
ATOM   477  O O   . GLY A 1 58  ? 16.747  9.017   -5.268  1.00 28.53 ? 58  GLY A O   1 
ATOM   478  N N   . MET A 1 59  ? 15.300  7.464   -4.564  1.00 19.96 ? 59  MET A N   1 
ATOM   479  C CA  . MET A 1 59  ? 14.026  8.233   -4.750  1.00 17.97 ? 59  MET A CA  1 
ATOM   480  C C   . MET A 1 59  ? 13.739  8.415   -6.241  1.00 18.98 ? 59  MET A C   1 
ATOM   481  O O   . MET A 1 59  ? 13.212  9.502   -6.660  1.00 23.65 ? 59  MET A O   1 
ATOM   482  C CB  . MET A 1 59  ? 13.985  9.590   -4.028  1.00 19.30 ? 59  MET A CB  1 
ATOM   483  C CG  . MET A 1 59  ? 13.683  9.446   -2.529  1.00 20.87 ? 59  MET A CG  1 
ATOM   484  S SD  . MET A 1 59  ? 12.197  8.521   -2.063  1.00 20.83 ? 59  MET A SD  1 
ATOM   485  C CE  . MET A 1 59  ? 10.961  9.748   -2.472  1.00 20.62 ? 59  MET A CE  1 
ATOM   486  N N   . LYS A 1 60  ? 14.096  7.439   -7.040  1.00 18.14 ? 60  LYS A N   1 
ATOM   487  C CA  . LYS A 1 60  ? 13.756  7.415   -8.472  1.00 19.05 ? 60  LYS A CA  1 
ATOM   488  C C   . LYS A 1 60  ? 12.335  6.874   -8.602  1.00 19.34 ? 60  LYS A C   1 
ATOM   489  O O   . LYS A 1 60  ? 12.099  5.685   -8.236  1.00 18.93 ? 60  LYS A O   1 
ATOM   490  C CB  . LYS A 1 60  ? 14.827  6.650   -9.229  1.00 22.58 ? 60  LYS A CB  1 
ATOM   491  C CG  . LYS A 1 60  ? 14.807  6.871   -10.740 1.00 28.77 ? 60  LYS A CG  1 
ATOM   492  C CD  . LYS A 1 60  ? 14.379  5.663   -11.531 1.00 33.52 ? 60  LYS A CD  1 
ATOM   493  C CE  . LYS A 1 60  ? 14.502  5.888   -13.028 1.00 37.23 ? 60  LYS A CE  1 
ATOM   494  N NZ  . LYS A 1 60  ? 13.344  6.645   -13.567 1.00 40.44 ? 60  LYS A NZ  1 
ATOM   495  N N   . GLN A 1 61  ? 11.443  7.736   -9.074  1.00 18.31 ? 61  GLN A N   1 
ATOM   496  C CA  . GLN A 1 61  ? 10.003  7.422   -9.196  1.00 22.05 ? 61  GLN A CA  1 
ATOM   497  C C   . GLN A 1 61  ? 9.881   6.513   -10.404 1.00 21.24 ? 61  GLN A C   1 
ATOM   498  O O   . GLN A 1 61  ? 10.554  6.743   -11.483 1.00 24.63 ? 61  GLN A O   1 
ATOM   499  C CB  . GLN A 1 61  ? 9.114   8.668   -9.252  1.00 24.80 ? 61  GLN A CB  1 
ATOM   500  C CG  . GLN A 1 61  ? 7.625   8.327   -9.155  1.00 25.75 ? 61  GLN A CG  1 
ATOM   501  C CD  . GLN A 1 61  ? 6.710   9.504   -8.951  1.00 31.14 ? 61  GLN A CD  1 
ATOM   502  O OE1 . GLN A 1 61  ? 7.073   10.533  -8.361  1.00 33.03 ? 61  GLN A OE1 1 
ATOM   503  N NE2 . GLN A 1 61  ? 5.507   9.362   -9.479  1.00 34.20 ? 61  GLN A NE2 1 
ATOM   504  N N   . LYS A 1 62  ? 9.153   5.418   -10.252 1.00 19.15 ? 62  LYS A N   1 
ATOM   505  C CA  . LYS A 1 62  ? 8.989   4.419   -11.317 1.00 15.19 ? 62  LYS A CA  1 
ATOM   506  C C   . LYS A 1 62  ? 7.830   4.886   -12.208 1.00 15.87 ? 62  LYS A C   1 
ATOM   507  O O   . LYS A 1 62  ? 6.886   5.384   -11.717 1.00 18.73 ? 62  LYS A O   1 
ATOM   508  C CB  . LYS A 1 62  ? 8.692   3.028   -10.773 1.00 13.30 ? 62  LYS A CB  1 
ATOM   509  C CG  . LYS A 1 62  ? 9.851   2.488   -9.952  1.00 16.07 ? 62  LYS A CG  1 
ATOM   510  C CD  . LYS A 1 62  ? 9.741   1.057   -9.652  1.00 17.03 ? 62  LYS A CD  1 
ATOM   511  C CE  . LYS A 1 62  ? 9.691   0.213   -10.893 1.00 16.56 ? 62  LYS A CE  1 
ATOM   512  N NZ  . LYS A 1 62  ? 10.020  -1.205  -10.635 1.00 18.22 ? 62  LYS A NZ  1 
ATOM   513  N N   . ALA A 1 63  ? 7.943   4.675   -13.514 1.00 17.05 ? 63  ALA A N   1 
ATOM   514  C CA  . ALA A 1 63  ? 6.816   4.883   -14.445 1.00 17.10 ? 63  ALA A CA  1 
ATOM   515  C C   . ALA A 1 63  ? 5.657   3.928   -14.130 1.00 13.32 ? 63  ALA A C   1 
ATOM   516  O O   . ALA A 1 63  ? 5.842   2.713   -14.062 1.00 16.05 ? 63  ALA A O   1 
ATOM   517  C CB  . ALA A 1 63  ? 7.307   4.693   -15.874 1.00 20.14 ? 63  ALA A CB  1 
ATOM   518  N N   . THR A 1 64  ? 4.436   4.453   -14.208 1.00 12.63 ? 64  THR A N   1 
ATOM   519  C CA  . THR A 1 64  ? 3.237   3.665   -13.901 1.00 13.03 ? 64  THR A CA  1 
ATOM   520  C C   . THR A 1 64  ? 2.340   3.580   -15.125 1.00 14.46 ? 64  THR A C   1 
ATOM   521  O O   . THR A 1 64  ? 2.549   4.316   -16.138 1.00 17.31 ? 64  THR A O   1 
ATOM   522  C CB  . THR A 1 64  ? 2.427   4.280   -12.758 1.00 12.74 ? 64  THR A CB  1 
ATOM   523  O OG1 . THR A 1 64  ? 2.061   5.607   -13.103 1.00 16.91 ? 64  THR A OG1 1 
ATOM   524  C CG2 . THR A 1 64  ? 3.196   4.447   -11.468 1.00 13.47 ? 64  THR A CG2 1 
ATOM   525  N N   . LYS A 1 65  ? 1.369   2.702   -15.058 1.00 13.59 ? 65  LYS A N   1 
ATOM   526  C CA  . LYS A 1 65  ? 0.308   2.543   -16.072 1.00 14.23 ? 65  LYS A CA  1 
ATOM   527  C C   . LYS A 1 65  ? -0.758  3.610   -15.814 1.00 10.87 ? 65  LYS A C   1 
ATOM   528  O O   . LYS A 1 65  ? -0.660  4.359   -14.807 1.00 12.49 ? 65  LYS A O   1 
ATOM   529  C CB  . LYS A 1 65  ? -0.228  1.099   -16.066 1.00 15.97 ? 65  LYS A CB  1 
ATOM   530  C CG  . LYS A 1 65  ? 0.863   0.101   -16.433 1.00 19.60 ? 65  LYS A CG  1 
ATOM   531  C CD  . LYS A 1 65  ? 0.429   -1.226  -17.039 1.00 23.49 ? 65  LYS A CD  1 
ATOM   532  C CE  . LYS A 1 65  ? 1.575   -2.241  -17.131 1.00 26.13 ? 65  LYS A CE  1 
ATOM   533  N NZ  . LYS A 1 65  ? 2.925   -1.638  -17.317 1.00 28.57 ? 65  LYS A NZ  1 
ATOM   534  N N   . GLU A 1 66  ? -1.769  3.662   -16.635 1.00 13.89 ? 66  GLU A N   1 
ATOM   535  C CA  . GLU A 1 66  ? -2.911  4.576   -16.441 1.00 13.83 ? 66  GLU A CA  1 
ATOM   536  C C   . GLU A 1 66  ? -3.643  4.271   -15.148 1.00 10.84 ? 66  GLU A C   1 
ATOM   537  O O   . GLU A 1 66  ? -3.646  3.119   -14.678 1.00 10.96 ? 66  GLU A O   1 
ATOM   538  C CB  . GLU A 1 66  ? -3.826  4.441   -17.651 1.00 16.76 ? 66  GLU A CB  1 
ATOM   539  C CG  . GLU A 1 66  ? -3.157  5.033   -18.862 1.00 24.69 ? 66  GLU A CG  1 
ATOM   540  C CD  . GLU A 1 66  ? -4.023  5.077   -20.106 1.00 29.25 ? 66  GLU A CD  1 
ATOM   541  O OE1 . GLU A 1 66  ? -4.626  6.150   -20.360 1.00 41.79 ? 66  GLU A OE1 1 
ATOM   542  O OE2 . GLU A 1 66  ? -4.052  4.065   -20.861 1.00 40.74 ? 66  GLU A OE2 1 
ATOM   543  N N   . PRO A 1 67  ? -4.229  5.307   -14.530 1.00 11.03 ? 67  PRO A N   1 
ATOM   544  C CA  . PRO A 1 67  ? -4.890  5.150   -13.260 1.00 12.05 ? 67  PRO A CA  1 
ATOM   545  C C   . PRO A 1 67  ? -6.205  4.368   -13.310 1.00 10.80 ? 67  PRO A C   1 
ATOM   546  O O   . PRO A 1 67  ? -6.750  4.121   -14.376 1.00 12.73 ? 67  PRO A O   1 
ATOM   547  C CB  . PRO A 1 67  ? -5.223  6.576   -12.812 1.00 12.30 ? 67  PRO A CB  1 
ATOM   548  C CG  . PRO A 1 67  ? -5.169  7.407   -14.062 1.00 13.35 ? 67  PRO A CG  1 
ATOM   549  C CD  . PRO A 1 67  ? -4.234  6.692   -15.002 1.00 12.76 ? 67  PRO A CD  1 
ATOM   550  N N   . ILE A 1 68  ? -6.679  3.968   -12.126 1.00 11.06 ? 68  ILE A N   1 
ATOM   551  C CA  . ILE A 1 68  ? -7.902  3.179   -11.954 1.00 10.70 ? 68  ILE A CA  1 
ATOM   552  C C   . ILE A 1 68  ? -9.000  4.015   -11.305 1.00 10.52 ? 68  ILE A C   1 
ATOM   553  O O   . ILE A 1 68  ? -8.770  5.027   -10.584 1.00 8.93  ? 68  ILE A O   1 
ATOM   554  C CB  . ILE A 1 68  ? -7.578  1.916   -11.142 1.00 11.16 ? 68  ILE A CB  1 
ATOM   555  C CG1 . ILE A 1 68  ? -7.056  2.248   -9.743  1.00 13.30 ? 68  ILE A CG1 1 
ATOM   556  C CG2 . ILE A 1 68  ? -6.609  0.996   -11.960 1.00 13.72 ? 68  ILE A CG2 1 
ATOM   557  C CD1 . ILE A 1 68  ? -7.129  1.037   -8.791  1.00 14.40 ? 68  ILE A CD1 1 
ATOM   558  N N   . LYS A 1 69  ? -10.200 3.532   -11.526 1.00 11.34 ? 69  LYS A N   1 
ATOM   559  C CA  . LYS A 1 69  ? -11.363 3.997   -10.757 1.00 13.74 ? 69  LYS A CA  1 
ATOM   560  C C   . LYS A 1 69  ? -11.175 3.785   -9.264  1.00 11.41 ? 69  LYS A C   1 
ATOM   561  O O   . LYS A 1 69  ? -10.673 2.799   -8.867  1.00 11.39 ? 69  LYS A O   1 
ATOM   562  C CB  . LYS A 1 69  ? -12.606 3.261   -11.249 1.00 15.65 ? 69  LYS A CB  1 
ATOM   563  C CG  . LYS A 1 69  ? -13.085 3.756   -12.599 1.00 22.20 ? 69  LYS A CG  1 
ATOM   564  C CD  . LYS A 1 69  ? -13.752 5.130   -12.550 1.00 25.38 ? 69  LYS A CD  1 
ATOM   565  C CE  . LYS A 1 69  ? -13.987 5.725   -13.923 1.00 28.03 ? 69  LYS A CE  1 
ATOM   566  N NZ  . LYS A 1 69  ? -15.181 6.606   -13.950 1.00 30.15 ? 69  LYS A NZ  1 
ATOM   567  N N   . ASN A 1 70  ? -11.726 4.687   -8.497  1.00 10.04 ? 70  ASN A N   1 
ATOM   568  C CA  . ASN A 1 70  ? -11.797 4.638   -7.024  1.00 9.48  ? 70  ASN A CA  1 
ATOM   569  C C   . ASN A 1 70  ? -12.973 3.739   -6.604  1.00 9.63  ? 70  ASN A C   1 
ATOM   570  O O   . ASN A 1 70  ? -14.128 4.080   -6.839  1.00 11.96 ? 70  ASN A O   1 
ATOM   571  C CB  . ASN A 1 70  ? -11.922 6.050   -6.504  1.00 11.07 ? 70  ASN A CB  1 
ATOM   572  C CG  . ASN A 1 70  ? -11.556 6.109   -5.036  1.00 10.21 ? 70  ASN A CG  1 
ATOM   573  O OD1 . ASN A 1 70  ? -11.777 5.121   -4.328  1.00 11.85 ? 70  ASN A OD1 1 
ATOM   574  N ND2 . ASN A 1 70  ? -10.927 7.180   -4.608  1.00 10.56 ? 70  ASN A ND2 1 
ATOM   575  N N   . GLU A 1 71  ? -12.608 2.658   -5.913  1.00 8.71  ? 71  GLU A N   1 
ATOM   576  C CA  . GLU A 1 71  ? -13.628 1.657   -5.469  1.00 9.70  ? 71  GLU A CA  1 
ATOM   577  C C   . GLU A 1 71  ? -13.818 1.856   -3.967  1.00 10.46 ? 71  GLU A C   1 
ATOM   578  O O   . GLU A 1 71  ? -14.410 0.941   -3.334  1.00 11.79 ? 71  GLU A O   1 
ATOM   579  C CB  . GLU A 1 71  ? -13.178 0.224   -5.735  1.00 10.07 ? 71  GLU A CB  1 
ATOM   580  C CG  . GLU A 1 71  ? -13.324 -0.162  -7.217  1.00 11.03 ? 71  GLU A CG  1 
ATOM   581  C CD  . GLU A 1 71  ? -12.832 -1.539  -7.584  1.00 12.11 ? 71  GLU A CD  1 
ATOM   582  O OE1 . GLU A 1 71  ? -11.867 -1.993  -7.018  1.00 12.84 ? 71  GLU A OE1 1 
ATOM   583  O OE2 . GLU A 1 71  ? -13.555 -2.207  -8.379  1.00 13.36 ? 71  GLU A OE2 1 
ATOM   584  N N   . ALA A 1 72  ? -13.482 3.034   -3.395  1.00 9.31  ? 72  ALA A N   1 
ATOM   585  C CA  . ALA A 1 72  ? -13.549 3.291   -1.954  1.00 8.23  ? 72  ALA A CA  1 
ATOM   586  C C   . ALA A 1 72  ? -14.971 3.132   -1.404  1.00 9.28  ? 72  ALA A C   1 
ATOM   587  O O   . ALA A 1 72  ? -15.067 2.922   -0.219  1.00 9.57  ? 72  ALA A O   1 
ATOM   588  C CB  . ALA A 1 72  ? -13.034 4.665   -1.643  1.00 8.50  ? 72  ALA A CB  1 
ATOM   589  N N   . ASN A 1 73  ? -15.996 3.356   -2.189  1.00 8.28  ? 73  ASN A N   1 
ATOM   590  C CA  . ASN A 1 73  ? -17.385 3.170   -1.728  1.00 10.53 ? 73  ASN A CA  1 
ATOM   591  C C   . ASN A 1 73  ? -17.751 1.686   -1.763  1.00 9.31  ? 73  ASN A C   1 
ATOM   592  O O   . ASN A 1 73  ? -18.747 1.328   -2.473  1.00 12.35 ? 73  ASN A O   1 
ATOM   593  C CB  . ASN A 1 73  ? -18.346 4.025   -2.528  1.00 9.55  ? 73  ASN A CB  1 
ATOM   594  C CG  . ASN A 1 73  ? -19.730 4.103   -1.940  1.00 10.23 ? 73  ASN A CG  1 
ATOM   595  O OD1 . ASN A 1 73  ? -20.019 3.618   -0.837  1.00 12.79 ? 73  ASN A OD1 1 
ATOM   596  N ND2 . ASN A 1 73  ? -20.592 4.681   -2.732  1.00 11.81 ? 73  ASN A ND2 1 
ATOM   597  N N   . ASN A 1 74  ? -17.072 0.916   -0.956  1.00 9.12  ? 74  ASN A N   1 
ATOM   598  C CA  . ASN A 1 74  ? -17.235 -0.531  -0.968  1.00 11.09 ? 74  ASN A CA  1 
ATOM   599  C C   . ASN A 1 74  ? -17.515 -1.064  0.448   1.00 12.64 ? 74  ASN A C   1 
ATOM   600  O O   . ASN A 1 74  ? -17.387 -2.274  0.626   1.00 11.48 ? 74  ASN A O   1 
ATOM   601  C CB  . ASN A 1 74  ? -16.012 -1.187  -1.584  1.00 9.01  ? 74  ASN A CB  1 
ATOM   602  C CG  . ASN A 1 74  ? -14.750 -1.026  -0.818  1.00 8.96  ? 74  ASN A CG  1 
ATOM   603  O OD1 . ASN A 1 74  ? -14.752 -0.368  0.235   1.00 10.24 ? 74  ASN A OD1 1 
ATOM   604  N ND2 . ASN A 1 74  ? -13.676 -1.568  -1.357  1.00 10.52 ? 74  ASN A ND2 1 
ATOM   605  N N   . GLY A 1 75  ? -17.749 -0.191  1.410   1.00 12.30 ? 75  GLY A N   1 
ATOM   606  C CA  . GLY A 1 75  ? -18.012 -0.582  2.800   1.00 12.35 ? 75  GLY A CA  1 
ATOM   607  C C   . GLY A 1 75  ? -16.778 -0.908  3.601   1.00 12.37 ? 75  GLY A C   1 
ATOM   608  O O   . GLY A 1 75  ? -16.951 -1.205  4.780   1.00 13.73 ? 75  GLY A O   1 
ATOM   609  N N   . LEU A 1 76  ? -15.607 -1.031  3.012   1.00 11.38 ? 76  LEU A N   1 
ATOM   610  C CA  . LEU A 1 76  ? -14.358 -1.390  3.735   1.00 11.05 ? 76  LEU A CA  1 
ATOM   611  C C   . LEU A 1 76  ? -13.688 -0.155  4.327   1.00 10.21 ? 76  LEU A C   1 
ATOM   612  O O   . LEU A 1 76  ? -13.685 0.931   3.737   1.00 11.23 ? 76  LEU A O   1 
ATOM   613  C CB  . LEU A 1 76  ? -13.404 -2.188  2.822   1.00 11.87 ? 76  LEU A CB  1 
ATOM   614  C CG  . LEU A 1 76  ? -13.986 -3.419  2.163   1.00 12.92 ? 76  LEU A CG  1 
ATOM   615  C CD1 . LEU A 1 76  ? -12.878 -4.104  1.385   1.00 11.82 ? 76  LEU A CD1 1 
ATOM   616  C CD2 . LEU A 1 76  ? -14.599 -4.349  3.184   1.00 14.54 ? 76  LEU A CD2 1 
ATOM   617  N N   . LYS A 1 77  ? -13.175 -0.327  5.525   1.00 11.34 ? 77  LYS A N   1 
ATOM   618  C CA  . LYS A 1 77  ? -12.677 0.759   6.378   1.00 10.56 ? 77  LYS A CA  1 
ATOM   619  C C   . LYS A 1 77  ? -11.182 0.630   6.558   1.00 9.21  ? 77  LYS A C   1 
ATOM   620  O O   . LYS A 1 77  ? -10.717 -0.450  6.552   1.00 9.91  ? 77  LYS A O   1 
ATOM   621  C CB  . LYS A 1 77  ? -13.378 0.750   7.729   1.00 14.31 ? 77  LYS A CB  1 
ATOM   622  C CG  . LYS A 1 77  ? -14.898 0.662   7.625   1.00 18.59 ? 77  LYS A CG  1 
ATOM   623  C CD  . LYS A 1 77  ? -15.614 1.234   8.802   1.00 23.59 ? 77  LYS A CD  1 
ATOM   624  C CE  . LYS A 1 77  ? -17.122 1.146   8.682   1.00 28.06 ? 77  LYS A CE  1 
ATOM   625  N NZ  . LYS A 1 77  ? -17.777 0.877   9.987   1.00 32.22 ? 77  LYS A NZ  1 
ATOM   626  N N   . ASN A 1 78  ? -10.523 1.764   6.670   1.00 8.04  ? 78  ASN A N   1 
ATOM   627  C CA  . ASN A 1 78  ? -9.090  1.961   6.878   1.00 8.63  ? 78  ASN A CA  1 
ATOM   628  C C   . ASN A 1 78  ? -8.769  1.630   8.322   1.00 9.02  ? 78  ASN A C   1 
ATOM   629  O O   . ASN A 1 78  ? -8.264  2.537   9.012   1.00 11.29 ? 78  ASN A O   1 
ATOM   630  C CB  . ASN A 1 78  ? -8.747  3.391   6.493   1.00 10.23 ? 78  ASN A CB  1 
ATOM   631  C CG  . ASN A 1 78  ? -8.593  3.530   4.980   1.00 10.15 ? 78  ASN A CG  1 
ATOM   632  O OD1 . ASN A 1 78  ? -7.549  3.275   4.382   1.00 8.36  ? 78  ASN A OD1 1 
ATOM   633  N ND2 . ASN A 1 78  ? -9.621  3.987   4.309   1.00 10.43 ? 78  ASN A ND2 1 
ATOM   634  N N   . THR A 1 79  ? -9.006  0.418   8.712   1.00 9.15  ? 79  THR A N   1 
ATOM   635  C CA  . THR A 1 79  ? -8.630  -0.086  10.042  1.00 8.54  ? 79  THR A CA  1 
ATOM   636  C C   . THR A 1 79  ? -7.174  -0.526  10.074  1.00 10.03 ? 79  THR A C   1 
ATOM   637  O O   . THR A 1 79  ? -6.536  -0.823  9.046   1.00 9.38  ? 79  THR A O   1 
ATOM   638  C CB  . THR A 1 79  ? -9.607  -1.163  10.507  1.00 10.99 ? 79  THR A CB  1 
ATOM   639  O OG1 . THR A 1 79  ? -9.673  -2.208  9.574   1.00 13.37 ? 79  THR A OG1 1 
ATOM   640  C CG2 . THR A 1 79  ? -11.004 -0.626  10.680  1.00 13.60 ? 79  THR A CG2 1 
ATOM   641  N N   . ARG A 1 80  ? -6.623  -0.604  11.231  1.00 10.22 ? 80  ARG A N   1 
ATOM   642  C CA  . ARG A 1 80  ? -5.211  -1.013  11.428  1.00 9.49  ? 80  ARG A CA  1 
ATOM   643  C C   . ARG A 1 80  ? -5.042  -2.340  10.692  1.00 9.23  ? 80  ARG A C   1 
ATOM   644  O O   . ARG A 1 80  ? -5.828  -3.330  10.889  1.00 10.22 ? 80  ARG A O   1 
ATOM   645  C CB  . ARG A 1 80  ? -4.848  -1.213  12.893  1.00 9.93  ? 80  ARG A CB  1 
ATOM   646  C CG  . ARG A 1 80  ? -3.498  -1.851  13.170  1.00 11.30 ? 80  ARG A CG  1 
ATOM   647  C CD  . ARG A 1 80  ? -3.088  -1.779  14.629  1.00 11.82 ? 80  ARG A CD  1 
ATOM   648  N NE  . ARG A 1 80  ? -2.113  -2.838  14.907  1.00 12.89 ? 80  ARG A NE  1 
ATOM   649  C CZ  . ARG A 1 80  ? -0.811  -2.761  14.733  1.00 13.40 ? 80  ARG A CZ  1 
ATOM   650  N NH1 . ARG A 1 80  ? -0.250  -1.655  14.281  1.00 15.45 ? 80  ARG A NH1 1 
ATOM   651  N NH2 . ARG A 1 80  ? -0.051  -3.783  15.107  1.00 13.44 ? 80  ARG A NH2 1 
ATOM   652  N N   . GLY A 1 81  ? -4.018  -2.415  9.831   1.00 9.02  ? 81  GLY A N   1 
ATOM   653  C CA  . GLY A 1 81  ? -3.655  -3.620  9.074   1.00 7.97  ? 81  GLY A CA  1 
ATOM   654  C C   . GLY A 1 81  ? -4.237  -3.698  7.701   1.00 8.28  ? 81  GLY A C   1 
ATOM   655  O O   . GLY A 1 81  ? -3.737  -4.475  6.854   1.00 10.16 ? 81  GLY A O   1 
ATOM   656  N N   . THR A 1 82  ? -5.076  -2.760  7.328   1.00 8.77  ? 82  THR A N   1 
ATOM   657  C CA  . THR A 1 82  ? -5.610  -2.685  5.953   1.00 8.10  ? 82  THR A CA  1 
ATOM   658  C C   . THR A 1 82  ? -4.635  -2.003  5.026   1.00 7.31  ? 82  THR A C   1 
ATOM   659  O O   . THR A 1 82  ? -3.816  -1.181  5.475   1.00 8.55  ? 82  THR A O   1 
ATOM   660  C CB  . THR A 1 82  ? -7.015  -2.085  5.877   1.00 8.48  ? 82  THR A CB  1 
ATOM   661  O OG1 . THR A 1 82  ? -6.929  -0.780  6.420   1.00 9.45  ? 82  THR A OG1 1 
ATOM   662  C CG2 . THR A 1 82  ? -8.033  -2.949  6.610   1.00 8.95  ? 82  THR A CG2 1 
ATOM   663  N N   . LEU A 1 83  ? -4.730  -2.363  3.783   1.00 7.60  ? 83  LEU A N   1 
ATOM   664  C CA  . LEU A 1 83  ? -4.038  -1.671  2.675   1.00 7.21  ? 83  LEU A CA  1 
ATOM   665  C C   . LEU A 1 83  ? -5.060  -0.852  1.882   1.00 7.33  ? 83  LEU A C   1 
ATOM   666  O O   . LEU A 1 83  ? -6.068  -1.382  1.600   1.00 8.07  ? 83  LEU A O   1 
ATOM   667  C CB  . LEU A 1 83  ? -3.348  -2.654  1.694   1.00 8.33  ? 83  LEU A CB  1 
ATOM   668  C CG  . LEU A 1 83  ? -2.022  -3.231  2.146   1.00 10.11 ? 83  LEU A CG  1 
ATOM   669  C CD1 . LEU A 1 83  ? -2.177  -4.163  3.297   1.00 9.56  ? 83  LEU A CD1 1 
ATOM   670  C CD2 . LEU A 1 83  ? -1.235  -3.861  1.008   1.00 11.12 ? 83  LEU A CD2 1 
ATOM   671  N N   . ALA A 1 84  ? -4.661  0.337   1.529   1.00 7.16  ? 84  ALA A N   1 
ATOM   672  C CA  . ALA A 1 84  ? -5.444  1.239   0.681   1.00 6.44  ? 84  ALA A CA  1 
ATOM   673  C C   . ALA A 1 84  ? -4.536  1.867   -0.336  1.00 7.37  ? 84  ALA A C   1 
ATOM   674  O O   . ALA A 1 84  ? -3.335  1.943   -0.243  1.00 9.31  ? 84  ALA A O   1 
ATOM   675  C CB  . ALA A 1 84  ? -6.113  2.303   1.514   1.00 7.65  ? 84  ALA A CB  1 
ATOM   676  N N   . MET A 1 85  ? -5.191  2.322   -1.374  1.00 7.48  ? 85  MET A N   1 
ATOM   677  C CA  . MET A 1 85  ? -4.507  2.991   -2.496  1.00 8.49  ? 85  MET A CA  1 
ATOM   678  C C   . MET A 1 85  ? -4.264  4.456   -2.231  1.00 7.08  ? 85  MET A C   1 
ATOM   679  O O   . MET A 1 85  ? -5.248  5.188   -1.964  1.00 9.01  ? 85  MET A O   1 
ATOM   680  C CB  . MET A 1 85  ? -5.239  2.853   -3.815  1.00 8.71  ? 85  MET A CB  1 
ATOM   681  C CG  . MET A 1 85  ? -5.328  1.466   -4.249  1.00 11.65 ? 85  MET A CG  1 
ATOM   682  S SD  . MET A 1 85  ? -3.728  0.644   -4.658  1.00 10.53 ? 85  MET A SD  1 
ATOM   683  C CE  . MET A 1 85  ? -3.033  1.715   -5.923  1.00 12.56 ? 85  MET A CE  1 
ATOM   684  N N   . ALA A 1 86  ? -3.035  4.892   -2.479  1.00 7.49  ? 86  ALA A N   1 
ATOM   685  C CA  . ALA A 1 86  ? -2.674  6.302   -2.548  1.00 8.52  ? 86  ALA A CA  1 
ATOM   686  C C   . ALA A 1 86  ? -3.126  6.850   -3.907  1.00 9.42  ? 86  ALA A C   1 
ATOM   687  O O   . ALA A 1 86  ? -3.179  6.131   -4.855  1.00 10.70 ? 86  ALA A O   1 
ATOM   688  C CB  . ALA A 1 86  ? -1.224  6.454   -2.406  1.00 8.04  ? 86  ALA A CB  1 
ATOM   689  N N   . ARG A 1 87  ? -3.328  8.149   -3.939  1.00 8.86  ? 87  ARG A N   1 
ATOM   690  C CA  . ARG A 1 87  ? -3.772  8.800   -5.159  1.00 9.73  ? 87  ARG A CA  1 
ATOM   691  C C   . ARG A 1 87  ? -3.463  10.288  -5.030  1.00 10.69 ? 87  ARG A C   1 
ATOM   692  O O   . ARG A 1 87  ? -3.066  10.762  -3.938  1.00 12.03 ? 87  ARG A O   1 
ATOM   693  C CB  . ARG A 1 87  ? -5.218  8.445   -5.433  1.00 10.29 ? 87  ARG A CB  1 
ATOM   694  C CG  . ARG A 1 87  ? -6.146  8.922   -4.345  1.00 10.92 ? 87  ARG A CG  1 
ATOM   695  C CD  . ARG A 1 87  ? -7.622  8.831   -4.704  1.00 10.17 ? 87  ARG A CD  1 
ATOM   696  N NE  . ARG A 1 87  ? -8.542  9.269   -3.713  1.00 10.12 ? 87  ARG A NE  1 
ATOM   697  C CZ  . ARG A 1 87  ? -8.971  10.484  -3.535  1.00 9.98  ? 87  ARG A CZ  1 
ATOM   698  N NH1 . ARG A 1 87  ? -9.695  10.794  -2.475  1.00 10.29 ? 87  ARG A NH1 1 
ATOM   699  N NH2 . ARG A 1 87  ? -8.602  11.458  -4.352  1.00 13.11 ? 87  ARG A NH2 1 
ATOM   700  N N   . THR A 1 88  ? -3.760  11.055  -6.044  1.00 10.89 ? 88  THR A N   1 
ATOM   701  C CA  . THR A 1 88  ? -3.688  12.545  -5.979  1.00 12.41 ? 88  THR A CA  1 
ATOM   702  C C   . THR A 1 88  ? -5.140  13.062  -5.888  1.00 12.07 ? 88  THR A C   1 
ATOM   703  O O   . THR A 1 88  ? -6.008  12.343  -5.474  1.00 12.79 ? 88  THR A O   1 
ATOM   704  C CB  . THR A 1 88  ? -2.792  13.019  -7.136  1.00 12.78 ? 88  THR A CB  1 
ATOM   705  O OG1 . THR A 1 88  ? -3.247  12.528  -8.385  1.00 15.16 ? 88  THR A OG1 1 
ATOM   706  C CG2 . THR A 1 88  ? -1.358  12.657  -6.899  1.00 14.65 ? 88  THR A CG2 1 
ATOM   707  N N   . GLN A 1 89  ? -5.396  14.338  -6.195  1.00 13.70 ? 89  GLN A N   1 
ATOM   708  C CA  . GLN A 1 89  ? -6.672  15.003  -5.852  1.00 14.76 ? 89  GLN A CA  1 
ATOM   709  C C   . GLN A 1 89  ? -7.826  14.370  -6.612  1.00 12.28 ? 89  GLN A C   1 
ATOM   710  O O   . GLN A 1 89  ? -8.909  14.267  -6.038  1.00 12.76 ? 89  GLN A O   1 
ATOM   711  C CB  . GLN A 1 89  ? -6.607  16.509  -6.166  1.00 16.30 ? 89  GLN A CB  1 
ATOM   712  C CG  . GLN A 1 89  ? -7.869  17.263  -5.799  1.00 20.91 ? 89  GLN A CG  1 
ATOM   713  C CD  . GLN A 1 89  ? -7.653  18.746  -5.978  1.00 21.10 ? 89  GLN A CD  1 
ATOM   714  O OE1 . GLN A 1 89  ? -7.555  19.477  -5.014  1.00 26.49 ? 89  GLN A OE1 1 
ATOM   715  N NE2 . GLN A 1 89  ? -7.517  19.153  -7.210  1.00 24.62 ? 89  GLN A NE2 1 
ATOM   716  N N   . ALA A 1 90  ? -7.648  14.020  -7.860  1.00 12.15 ? 90  ALA A N   1 
ATOM   717  C CA  . ALA A 1 90  ? -8.805  13.481  -8.566  1.00 11.66 ? 90  ALA A CA  1 
ATOM   718  C C   . ALA A 1 90  ? -9.133  12.116  -7.981  1.00 11.06 ? 90  ALA A C   1 
ATOM   719  O O   . ALA A 1 90  ? -8.217  11.315  -7.658  1.00 11.87 ? 90  ALA A O   1 
ATOM   720  C CB  . ALA A 1 90  ? -8.482  13.387  -10.015 1.00 12.97 ? 90  ALA A CB  1 
ATOM   721  N N   . PRO A 1 91  ? -10.426 11.776  -7.878  1.00 11.85 ? 91  PRO A N   1 
ATOM   722  C CA  . PRO A 1 91  ? -10.812 10.505  -7.270  1.00 11.37 ? 91  PRO A CA  1 
ATOM   723  C C   . PRO A 1 91  ? -10.171 9.333   -8.027  1.00 11.31 ? 91  PRO A C   1 
ATOM   724  O O   . PRO A 1 91  ? -9.792  8.348   -7.422  1.00 9.52  ? 91  PRO A O   1 
ATOM   725  C CB  . PRO A 1 91  ? -12.353 10.518  -7.392  1.00 12.38 ? 91  PRO A CB  1 
ATOM   726  C CG  . PRO A 1 91  ? -12.623 11.552  -8.473  1.00 15.86 ? 91  PRO A CG  1 
ATOM   727  C CD  . PRO A 1 91  ? -11.589 12.634  -8.242  1.00 12.08 ? 91  PRO A CD  1 
ATOM   728  N N   . HIS A 1 92  ? -10.201 9.366   -9.354  1.00 10.67 ? 92  HIS A N   1 
ATOM   729  C CA  . HIS A 1 92  ? -9.819  8.216   -10.209 1.00 10.73 ? 92  HIS A CA  1 
ATOM   730  C C   . HIS A 1 92  ? -8.363  8.269   -10.639 1.00 9.75  ? 92  HIS A C   1 
ATOM   731  O O   . HIS A 1 92  ? -8.068  7.956   -11.770 1.00 12.69 ? 92  HIS A O   1 
ATOM   732  C CB  . HIS A 1 92  ? -10.793 8.005   -11.364 1.00 9.94  ? 92  HIS A CB  1 
ATOM   733  C CG  . HIS A 1 92  ? -12.182 7.968   -10.820 1.00 10.68 ? 92  HIS A CG  1 
ATOM   734  N ND1 . HIS A 1 92  ? -12.653 7.116   -9.831  1.00 11.35 ? 92  HIS A ND1 1 
ATOM   735  C CD2 . HIS A 1 92  ? -13.240 8.772   -11.106 1.00 11.16 ? 92  HIS A CD2 1 
ATOM   736  C CE1 . HIS A 1 92  ? -13.926 7.320   -9.617  1.00 11.51 ? 92  HIS A CE1 1 
ATOM   737  N NE2 . HIS A 1 92  ? -14.337 8.362   -10.365 1.00 10.82 ? 92  HIS A NE2 1 
ATOM   738  N N   . SER A 1 93  ? -7.478  8.627   -9.753  1.00 9.73  ? 93  SER A N   1 
ATOM   739  C CA  . SER A 1 93  ? -6.048  8.879   -10.066 1.00 9.44  ? 93  SER A CA  1 
ATOM   740  C C   . SER A 1 93  ? -5.085  7.872   -9.439  1.00 10.39 ? 93  SER A C   1 
ATOM   741  O O   . SER A 1 93  ? -3.844  7.941   -9.709  1.00 10.65 ? 93  SER A O   1 
ATOM   742  C CB  . SER A 1 93  ? -5.631  10.260  -9.628  1.00 9.95  ? 93  SER A CB  1 
ATOM   743  O OG  . SER A 1 93  ? -5.748  10.399  -8.219  1.00 10.84 ? 93  SER A OG  1 
ATOM   744  N N   . ALA A 1 94  ? -5.517  6.868   -8.750  1.00 8.73  ? 94  ALA A N   1 
ATOM   745  C CA  . ALA A 1 94  ? -4.594  5.877   -8.138  1.00 9.73  ? 94  ALA A CA  1 
ATOM   746  C C   . ALA A 1 94  ? -3.841  5.100   -9.248  1.00 10.12 ? 94  ALA A C   1 
ATOM   747  O O   . ALA A 1 94  ? -4.487  4.703   -10.239 1.00 10.25 ? 94  ALA A O   1 
ATOM   748  C CB  . ALA A 1 94  ? -5.284  4.868   -7.228  1.00 9.37  ? 94  ALA A CB  1 
ATOM   749  N N   . THR A 1 95  ? -2.571  4.807   -9.096  1.00 10.41 ? 95  THR A N   1 
ATOM   750  C CA  . THR A 1 95  ? -1.837  3.901   -9.981  1.00 9.99  ? 95  THR A CA  1 
ATOM   751  C C   . THR A 1 95  ? -1.229  2.762   -9.170  1.00 8.77  ? 95  THR A C   1 
ATOM   752  O O   . THR A 1 95  ? -1.927  1.814   -8.943  1.00 11.26 ? 95  THR A O   1 
ATOM   753  C CB  . THR A 1 95  ? -0.837  4.737   -10.755 1.00 10.18 ? 95  THR A CB  1 
ATOM   754  O OG1 . THR A 1 95  ? 0.019   5.435   -9.886  1.00 10.96 ? 95  THR A OG1 1 
ATOM   755  C CG2 . THR A 1 95  ? -1.537  5.693   -11.691 1.00 10.97 ? 95  THR A CG2 1 
ATOM   756  N N   . ALA A 1 96  ? 0.013   2.882   -8.755  1.00 9.40  ? 96  ALA A N   1 
ATOM   757  C CA  . ALA A 1 96  ? 0.684   1.758   -8.063  1.00 9.69  ? 96  ALA A CA  1 
ATOM   758  C C   . ALA A 1 96  ? 0.950   2.000   -6.589  1.00 8.22  ? 96  ALA A C   1 
ATOM   759  O O   . ALA A 1 96  ? 1.131   0.970   -5.858  1.00 10.21 ? 96  ALA A O   1 
ATOM   760  C CB  . ALA A 1 96  ? 2.020   1.503   -8.711  1.00 9.99  ? 96  ALA A CB  1 
ATOM   761  N N   . GLN A 1 97  ? 0.941   3.210   -6.093  1.00 8.91  ? 97  GLN A N   1 
ATOM   762  C CA  . GLN A 1 97  ? 1.291   3.473   -4.676  1.00 10.11 ? 97  GLN A CA  1 
ATOM   763  C C   . GLN A 1 97  ? 0.163   3.054   -3.740  1.00 9.90  ? 97  GLN A C   1 
ATOM   764  O O   . GLN A 1 97  ? -1.022  3.258   -4.009  1.00 9.69  ? 97  GLN A O   1 
ATOM   765  C CB  . GLN A 1 97  ? 1.629   4.914   -4.382  1.00 11.26 ? 97  GLN A CB  1 
ATOM   766  C CG  . GLN A 1 97  ? 2.822   5.406   -5.176  1.00 12.46 ? 97  GLN A CG  1 
ATOM   767  C CD  . GLN A 1 97  ? 3.252   6.785   -4.732  1.00 11.11 ? 97  GLN A CD  1 
ATOM   768  O OE1 . GLN A 1 97  ? 3.160   7.204   -3.551  1.00 14.10 ? 97  GLN A OE1 1 
ATOM   769  N NE2 . GLN A 1 97  ? 3.787   7.522   -5.695  1.00 13.81 ? 97  GLN A NE2 1 
HETATM 770  C C   . 55I A 1 98  ? 0.170   2.214   -0.228  1.00 10.03 ? 98  55I A C   1 
HETATM 771  N N   . 55I A 1 98  ? 0.595   2.443   -2.614  1.00 9.73  ? 98  55I A N   1 
HETATM 772  O O   . 55I A 1 98  ? 1.370   2.497   -0.082  1.00 8.17  ? 98  55I A O   1 
HETATM 773  C CA  . 55I A 1 98  ? -0.387  1.924   -1.613  1.00 9.16  ? 98  55I A CA  1 
HETATM 774  C CB  . 55I A 1 98  ? -0.666  0.406   -1.800  1.00 10.02 ? 98  55I A CB  1 
HETATM 775  C CG  . 55I A 1 98  ? 0.550   -0.466  -1.604  1.00 10.39 ? 98  55I A CG  1 
HETATM 776  C CZ  . 55I A 1 98  ? 2.908   -1.943  -1.162  1.00 17.46 ? 98  55I A CZ  1 
HETATM 777  C C13 . 55I A 1 98  ? 4.196   -2.650  -0.845  1.00 21.76 ? 98  55I A C13 1 
HETATM 778  F F19 . 55I A 1 98  ? 5.142   -1.820  -0.330  1.00 28.15 ? 98  55I A F19 1 
HETATM 779  F F20 . 55I A 1 98  ? 4.796   -3.201  -1.898  1.00 24.14 ? 98  55I A F20 1 
HETATM 780  F F21 . 55I A 1 98  ? 4.041   -3.575  0.071   1.00 25.31 ? 98  55I A F21 1 
HETATM 781  C CD1 . 55I A 1 98  ? 0.853   -1.002  -0.346  1.00 11.72 ? 98  55I A CD1 1 
HETATM 782  C CD2 . 55I A 1 98  ? 1.466   -0.686  -2.623  1.00 12.58 ? 98  55I A CD2 1 
HETATM 783  C CE1 . 55I A 1 98  ? 2.023   -1.717  -0.111  1.00 15.62 ? 98  55I A CE1 1 
HETATM 784  C CE2 . 55I A 1 98  ? 2.615   -1.441  -2.437  1.00 17.77 ? 98  55I A CE2 1 
ATOM   785  N N   . PHE A 1 99  ? -0.675  2.024   0.793   1.00 9.11  ? 99  PHE A N   1 
ATOM   786  C CA  . PHE A 1 99  ? -0.198  2.248   2.164   1.00 8.13  ? 99  PHE A CA  1 
ATOM   787  C C   . PHE A 1 99  ? -0.903  1.250   3.091   1.00 7.49  ? 99  PHE A C   1 
ATOM   788  O O   . PHE A 1 99  ? -1.965  0.724   2.730   1.00 8.70  ? 99  PHE A O   1 
ATOM   789  C CB  . PHE A 1 99  ? -0.403  3.690   2.600   1.00 9.03  ? 99  PHE A CB  1 
ATOM   790  C CG  . PHE A 1 99  ? -1.829  4.199   2.624   1.00 7.58  ? 99  PHE A CG  1 
ATOM   791  C CD1 . PHE A 1 99  ? -2.356  4.790   1.481   1.00 7.21  ? 99  PHE A CD1 1 
ATOM   792  C CD2 . PHE A 1 99  ? -2.672  4.066   3.728   1.00 8.84  ? 99  PHE A CD2 1 
ATOM   793  C CE1 . PHE A 1 99  ? -3.647  5.252   1.485   1.00 9.06  ? 99  PHE A CE1 1 
ATOM   794  C CE2 . PHE A 1 99  ? -3.965  4.590   3.736   1.00 9.10  ? 99  PHE A CE2 1 
ATOM   795  C CZ  . PHE A 1 99  ? -4.435  5.224   2.596   1.00 7.85  ? 99  PHE A CZ  1 
ATOM   796  N N   . ILE A 1 100 ? -0.205  0.938   4.171   1.00 7.87  ? 100 ILE A N   1 
ATOM   797  C CA  . ILE A 1 100 ? -0.688  0.056   5.258   1.00 9.03  ? 100 ILE A CA  1 
ATOM   798  C C   . ILE A 1 100 ? -1.068  0.924   6.439   1.00 8.31  ? 100 ILE A C   1 
ATOM   799  O O   . ILE A 1 100 ? -0.175  1.679   6.936   1.00 8.07  ? 100 ILE A O   1 
ATOM   800  C CB  . ILE A 1 100 ? 0.376   -0.941  5.663   1.00 8.27  ? 100 ILE A CB  1 
ATOM   801  C CG1 . ILE A 1 100 ? 0.769   -1.772  4.435   1.00 9.22  ? 100 ILE A CG1 1 
ATOM   802  C CG2 . ILE A 1 100 ? -0.123  -1.817  6.787   1.00 8.94  ? 100 ILE A CG2 1 
ATOM   803  C CD1 . ILE A 1 100 ? 1.926   -2.733  4.655   1.00 9.83  ? 100 ILE A CD1 1 
ATOM   804  N N   . ASN A 1 101 ? -2.357  0.943   6.823   1.00 7.76  ? 101 ASN A N   1 
ATOM   805  C CA  . ASN A 1 101 ? -2.784  1.703   7.996   1.00 7.53  ? 101 ASN A CA  1 
ATOM   806  C C   . ASN A 1 101 ? -2.136  1.056   9.227   1.00 8.17  ? 101 ASN A C   1 
ATOM   807  O O   . ASN A 1 101 ? -2.335  -0.159  9.457   1.00 8.63  ? 101 ASN A O   1 
ATOM   808  C CB  . ASN A 1 101 ? -4.307  1.666   8.104   1.00 8.97  ? 101 ASN A CB  1 
ATOM   809  C CG  . ASN A 1 101 ? -4.933  2.508   7.022   1.00 9.23  ? 101 ASN A CG  1 
ATOM   810  O OD1 . ASN A 1 101 ? -4.719  3.702   7.012   1.00 9.86  ? 101 ASN A OD1 1 
ATOM   811  N ND2 . ASN A 1 101 ? -5.677  1.890   6.106   1.00 8.09  ? 101 ASN A ND2 1 
ATOM   812  N N   . VAL A 1 102 ? -1.442  1.792   10.120  1.00 8.62  ? 102 VAL A N   1 
ATOM   813  C CA  . VAL A 1 102 ? -0.864  1.184   11.353  1.00 9.10  ? 102 VAL A CA  1 
ATOM   814  C C   . VAL A 1 102 ? -1.722  1.468   12.606  1.00 10.33 ? 102 VAL A C   1 
ATOM   815  O O   . VAL A 1 102 ? -1.435  0.893   13.696  1.00 11.34 ? 102 VAL A O   1 
ATOM   816  C CB  . VAL A 1 102 ? 0.589   1.616   11.579  1.00 10.65 ? 102 VAL A CB  1 
ATOM   817  C CG1 . VAL A 1 102 ? 1.451   1.212   10.399  1.00 9.38  ? 102 VAL A CG1 1 
ATOM   818  C CG2 . VAL A 1 102 ? 0.746   3.077   11.854  1.00 11.73 ? 102 VAL A CG2 1 
ATOM   819  N N   . VAL A 1 103 ? -2.735  2.313   12.487  1.00 8.78  ? 103 VAL A N   1 
ATOM   820  C CA  . VAL A 1 103 ? -3.856  2.547   13.449  1.00 8.55  ? 103 VAL A CA  1 
ATOM   821  C C   . VAL A 1 103 ? -5.125  2.609   12.587  1.00 9.83  ? 103 VAL A C   1 
ATOM   822  O O   . VAL A 1 103 ? -5.064  2.619   11.320  1.00 9.54  ? 103 VAL A O   1 
ATOM   823  C CB  . VAL A 1 103 ? -3.657  3.864   14.211  1.00 9.94  ? 103 VAL A CB  1 
ATOM   824  C CG1 . VAL A 1 103 ? -2.377  3.835   14.982  1.00 10.68 ? 103 VAL A CG1 1 
ATOM   825  C CG2 . VAL A 1 103 ? -3.727  5.058   13.317  1.00 11.26 ? 103 VAL A CG2 1 
ATOM   826  N N   . ASP A 1 104 ? -6.287  2.648   13.205  1.00 9.37  ? 104 ASP A N   1 
ATOM   827  C CA  . ASP A 1 104 ? -7.548  2.977   12.481  1.00 10.04 ? 104 ASP A CA  1 
ATOM   828  C C   . ASP A 1 104 ? -7.496  4.435   12.054  1.00 9.97  ? 104 ASP A C   1 
ATOM   829  O O   . ASP A 1 104 ? -7.365  5.275   12.952  1.00 12.24 ? 104 ASP A O   1 
ATOM   830  C CB  . ASP A 1 104 ? -8.873  2.748   13.249  1.00 11.30 ? 104 ASP A CB  1 
ATOM   831  C CG  . ASP A 1 104 ? -9.085  1.354   13.745  1.00 11.97 ? 104 ASP A CG  1 
ATOM   832  O OD1 . ASP A 1 104 ? -8.337  0.430   13.357  1.00 12.76 ? 104 ASP A OD1 1 
ATOM   833  O OD2 . ASP A 1 104 ? -10.050 1.157   14.485  1.00 17.35 ? 104 ASP A OD2 1 
ATOM   834  N N   . ASN A 1 105 ? -7.685  4.757   10.763  1.00 9.63  ? 105 ASN A N   1 
ATOM   835  C CA  . ASN A 1 105 ? -7.628  6.109   10.162  1.00 9.48  ? 105 ASN A CA  1 
ATOM   836  C C   . ASN A 1 105 ? -9.006  6.373   9.548   1.00 10.01 ? 105 ASN A C   1 
ATOM   837  O O   . ASN A 1 105 ? -9.146  6.323   8.355   1.00 10.39 ? 105 ASN A O   1 
ATOM   838  C CB  . ASN A 1 105 ? -6.528  6.218   9.102   1.00 9.08  ? 105 ASN A CB  1 
ATOM   839  C CG  . ASN A 1 105 ? -5.156  6.177   9.775   1.00 8.95  ? 105 ASN A CG  1 
ATOM   840  O OD1 . ASN A 1 105 ? -4.898  6.871   10.758  1.00 10.03 ? 105 ASN A OD1 1 
ATOM   841  N ND2 . ASN A 1 105 ? -4.186  5.395   9.252   1.00 9.71  ? 105 ASN A ND2 1 
ATOM   842  N N   . ASP A 1 106 ? -9.982  6.561   10.413  1.00 11.44 ? 106 ASP A N   1 
ATOM   843  C CA  . ASP A 1 106 ? -11.397 6.746   9.986   1.00 12.65 ? 106 ASP A CA  1 
ATOM   844  C C   . ASP A 1 106 ? -11.557 7.931   9.029   1.00 12.16 ? 106 ASP A C   1 
ATOM   845  O O   . ASP A 1 106 ? -12.461 7.859   8.133   1.00 12.45 ? 106 ASP A O   1 
ATOM   846  C CB  . ASP A 1 106 ? -12.256 6.961   11.265  1.00 16.13 ? 106 ASP A CB  1 
ATOM   847  C CG  . ASP A 1 106 ? -12.231 5.789   12.239  1.00 18.47 ? 106 ASP A CG  1 
ATOM   848  O OD1 . ASP A 1 106 ? -11.593 4.769   11.933  1.00 19.88 ? 106 ASP A OD1 1 
ATOM   849  O OD2 . ASP A 1 106 ? -12.926 5.866   13.277  1.00 25.09 ? 106 ASP A OD2 1 
ATOM   850  N N   . PHE A 1 107 ? -10.715 8.948   9.171   1.00 11.83 ? 107 PHE A N   1 
ATOM   851  C CA  . PHE A 1 107 ? -10.789 10.153  8.352   1.00 12.40 ? 107 PHE A CA  1 
ATOM   852  C C   . PHE A 1 107 ? -10.381 9.903   6.903   1.00 12.52 ? 107 PHE A C   1 
ATOM   853  O O   . PHE A 1 107 ? -10.480 10.787  6.064   1.00 13.10 ? 107 PHE A O   1 
ATOM   854  C CB  . PHE A 1 107 ? -9.907  11.275  8.859   1.00 12.67 ? 107 PHE A CB  1 
ATOM   855  C CG  . PHE A 1 107 ? -8.526  10.841  9.235   1.00 12.16 ? 107 PHE A CG  1 
ATOM   856  C CD1 . PHE A 1 107 ? -8.224  10.374  10.522  1.00 14.38 ? 107 PHE A CD1 1 
ATOM   857  C CD2 . PHE A 1 107 ? -7.476  10.918  8.326   1.00 13.57 ? 107 PHE A CD2 1 
ATOM   858  C CE1 . PHE A 1 107 ? -6.936  10.008  10.886  1.00 14.01 ? 107 PHE A CE1 1 
ATOM   859  C CE2 . PHE A 1 107 ? -6.188  10.507  8.676   1.00 12.54 ? 107 PHE A CE2 1 
ATOM   860  C CZ  . PHE A 1 107 ? -5.946  10.041  9.937   1.00 12.70 ? 107 PHE A CZ  1 
ATOM   861  N N   . LEU A 1 108 ? -9.881  8.707   6.596   1.00 10.84 ? 108 LEU A N   1 
ATOM   862  C CA  . LEU A 1 108 ? -9.545  8.259   5.223   1.00 9.46  ? 108 LEU A CA  1 
ATOM   863  C C   . LEU A 1 108 ? -10.689 7.517   4.540   1.00 10.26 ? 108 LEU A C   1 
ATOM   864  O O   . LEU A 1 108 ? -10.573 7.219   3.377   1.00 9.51  ? 108 LEU A O   1 
ATOM   865  C CB  . LEU A 1 108 ? -8.296  7.411   5.348   1.00 9.28  ? 108 LEU A CB  1 
ATOM   866  C CG  . LEU A 1 108 ? -7.033  8.162   5.775   1.00 8.41  ? 108 LEU A CG  1 
ATOM   867  C CD1 . LEU A 1 108 ? -5.839  7.211   5.642   1.00 9.04  ? 108 LEU A CD1 1 
ATOM   868  C CD2 . LEU A 1 108 ? -6.786  9.450   4.991   1.00 10.15 ? 108 LEU A CD2 1 
ATOM   869  N N   . ASN A 1 109 ? -11.744 7.226   5.247   1.00 9.58  ? 109 ASN A N   1 
ATOM   870  C CA  . ASN A 1 109 ? -12.834 6.407   4.743   1.00 9.54  ? 109 ASN A CA  1 
ATOM   871  C C   . ASN A 1 109 ? -13.737 7.218   3.803   1.00 9.51  ? 109 ASN A C   1 
ATOM   872  O O   . ASN A 1 109 ? -14.174 8.310   4.115   1.00 10.73 ? 109 ASN A O   1 
ATOM   873  C CB  . ASN A 1 109 ? -13.662 5.921   5.932   1.00 9.43  ? 109 ASN A CB  1 
ATOM   874  C CG  . ASN A 1 109 ? -12.924 4.853   6.690   1.00 10.64 ? 109 ASN A CG  1 
ATOM   875  O OD1 . ASN A 1 109 ? -11.977 4.208   6.222   1.00 10.97 ? 109 ASN A OD1 1 
ATOM   876  N ND2 . ASN A 1 109 ? -13.312 4.637   7.923   1.00 11.88 ? 109 ASN A ND2 1 
ATOM   877  N N   . PHE A 1 110 ? -14.231 6.619   2.726   1.00 9.08  ? 110 PHE A N   1 
ATOM   878  C CA  . PHE A 1 110 ? -15.254 7.234   1.860   1.00 10.12 ? 110 PHE A CA  1 
ATOM   879  C C   . PHE A 1 110 ? -16.384 7.752   2.737   1.00 9.41  ? 110 PHE A C   1 
ATOM   880  O O   . PHE A 1 110 ? -16.938 6.923   3.434   1.00 10.15 ? 110 PHE A O   1 
ATOM   881  C CB  . PHE A 1 110 ? -15.728 6.211   0.841   1.00 8.69  ? 110 PHE A CB  1 
ATOM   882  C CG  . PHE A 1 110 ? -16.832 6.678   -0.060  1.00 8.19  ? 110 PHE A CG  1 
ATOM   883  C CD1 . PHE A 1 110 ? -16.541 7.352   -1.257  1.00 8.47  ? 110 PHE A CD1 1 
ATOM   884  C CD2 . PHE A 1 110 ? -18.137 6.527   0.338   1.00 9.53  ? 110 PHE A CD2 1 
ATOM   885  C CE1 . PHE A 1 110 ? -17.556 7.785   -2.094  1.00 8.44  ? 110 PHE A CE1 1 
ATOM   886  C CE2 . PHE A 1 110 ? -19.146 6.953   -0.523  1.00 8.22  ? 110 PHE A CE2 1 
ATOM   887  C CZ  . PHE A 1 110 ? -18.846 7.619   -1.703  1.00 8.83  ? 110 PHE A CZ  1 
ATOM   888  N N   . SER A 1 111 ? -16.858 8.959   2.413   1.00 8.22  ? 111 SER A N   1 
ATOM   889  C CA  . SER A 1 111 ? -18.102 9.457   2.991   1.00 9.47  ? 111 SER A CA  1 
ATOM   890  C C   . SER A 1 111 ? -18.989 10.067  1.928   1.00 8.80  ? 111 SER A C   1 
ATOM   891  O O   . SER A 1 111 ? -20.124 10.289  2.199   1.00 10.64 ? 111 SER A O   1 
ATOM   892  C CB  . SER A 1 111 ? -17.890 10.380  4.126   1.00 8.77  ? 111 SER A CB  1 
ATOM   893  O OG  . SER A 1 111 ? -17.170 11.549  3.758   1.00 10.95 ? 111 SER A OG  1 
ATOM   894  N N   . GLY A 1 112 ? -18.501 10.287  0.716   1.00 10.21 ? 112 GLY A N   1 
ATOM   895  C CA  . GLY A 1 112 ? -19.307 10.845  -0.368  1.00 9.67  ? 112 GLY A CA  1 
ATOM   896  C C   . GLY A 1 112 ? -18.458 11.105  -1.599  1.00 9.20  ? 112 GLY A C   1 
ATOM   897  O O   . GLY A 1 112 ? -17.176 10.978  -1.542  1.00 9.92  ? 112 GLY A O   1 
ATOM   898  N N   . GLU A 1 113 ? -19.100 11.532  -2.669  1.00 10.13 ? 113 GLU A N   1 
ATOM   899  C CA  . GLU A 1 113 ? -18.389 11.765  -3.941  1.00 11.42 ? 113 GLU A CA  1 
ATOM   900  C C   . GLU A 1 113 ? -17.921 13.175  -4.215  1.00 12.60 ? 113 GLU A C   1 
ATOM   901  O O   . GLU A 1 113 ? -17.503 13.450  -5.341  1.00 13.70 ? 113 GLU A O   1 
ATOM   902  C CB  . GLU A 1 113 ? -19.285 11.213  -5.031  1.00 11.28 ? 113 GLU A CB  1 
ATOM   903  C CG  . GLU A 1 113 ? -19.244 9.689   -5.057  1.00 12.88 ? 113 GLU A CG  1 
ATOM   904  C CD  . GLU A 1 113 ? -20.171 9.058   -6.092  1.00 14.41 ? 113 GLU A CD  1 
ATOM   905  O OE1 . GLU A 1 113 ? -19.874 7.891   -6.477  1.00 15.84 ? 113 GLU A OE1 1 
ATOM   906  O OE2 . GLU A 1 113 ? -21.132 9.740   -6.552  1.00 13.09 ? 113 GLU A OE2 1 
ATOM   907  N N   . SER A 1 114 ? -17.938 14.070  -3.246  1.00 13.13 ? 114 SER A N   1 
ATOM   908  C CA  . SER A 1 114 ? -17.230 15.366  -3.374  1.00 13.08 ? 114 SER A CA  1 
ATOM   909  C C   . SER A 1 114 ? -15.721 15.101  -3.337  1.00 13.39 ? 114 SER A C   1 
ATOM   910  O O   . SER A 1 114 ? -15.298 14.011  -2.930  1.00 11.82 ? 114 SER A O   1 
ATOM   911  C CB  . SER A 1 114 ? -17.699 16.290  -2.310  1.00 15.33 ? 114 SER A CB  1 
ATOM   912  O OG  . SER A 1 114 ? -17.122 15.948  -1.076  1.00 16.01 ? 114 SER A OG  1 
ATOM   913  N N   . LEU A 1 115 ? -14.910 16.036  -3.820  1.00 14.14 ? 115 LEU A N   1 
ATOM   914  C CA  . LEU A 1 115 ? -13.447 15.777  -3.839  1.00 14.50 ? 115 LEU A CA  1 
ATOM   915  C C   . LEU A 1 115 ? -12.989 15.412  -2.455  1.00 15.30 ? 115 LEU A C   1 
ATOM   916  O O   . LEU A 1 115 ? -12.137 14.490  -2.341  1.00 16.23 ? 115 LEU A O   1 
ATOM   917  C CB  . LEU A 1 115 ? -12.593 16.958  -4.282  1.00 15.63 ? 115 LEU A CB  1 
ATOM   918  C CG  . LEU A 1 115 ? -12.709 17.344  -5.734  1.00 15.69 ? 115 LEU A CG  1 
ATOM   919  C CD1 . LEU A 1 115 ? -11.754 18.494  -6.110  1.00 16.61 ? 115 LEU A CD1 1 
ATOM   920  C CD2 . LEU A 1 115 ? -12.411 16.137  -6.582  1.00 16.11 ? 115 LEU A CD2 1 
ATOM   921  N N   . GLN A 1 116 ? -13.539 16.079  -1.452  1.00 15.73 ? 116 GLN A N   1 
ATOM   922  C CA  . GLN A 1 116 ? -13.107 15.914  -0.042  1.00 16.86 ? 116 GLN A CA  1 
ATOM   923  C C   . GLN A 1 116 ? -13.698 14.630  0.599   1.00 14.90 ? 116 GLN A C   1 
ATOM   924  O O   . GLN A 1 116 ? -13.094 14.151  1.596   1.00 14.63 ? 116 GLN A O   1 
ATOM   925  C CB  . GLN A 1 116 ? -13.401 17.211  0.718   1.00 23.53 ? 116 GLN A CB  1 
ATOM   926  C CG  . GLN A 1 116 ? -12.246 18.214  0.574   1.00 29.38 ? 116 GLN A CG  1 
ATOM   927  C CD  . GLN A 1 116 ? -12.629 19.677  0.591   1.00 38.07 ? 116 GLN A CD  1 
ATOM   928  O OE1 . GLN A 1 116 ? -13.364 20.150  1.463   1.00 44.78 ? 116 GLN A OE1 1 
ATOM   929  N NE2 . GLN A 1 116 ? -12.083 20.430  -0.360  1.00 40.78 ? 116 GLN A NE2 1 
ATOM   930  N N   . GLY A 1 117 ? -14.795 14.055  0.091   1.00 12.14 ? 117 GLY A N   1 
ATOM   931  C CA  . GLY A 1 117 ? -15.487 12.883  0.665   1.00 11.73 ? 117 GLY A CA  1 
ATOM   932  C C   . GLY A 1 117 ? -14.965 11.548  0.168   1.00 9.84  ? 117 GLY A C   1 
ATOM   933  O O   . GLY A 1 117 ? -15.141 10.535  0.771   1.00 9.64  ? 117 GLY A O   1 
ATOM   934  N N   . TRP A 1 118 ? -14.317 11.525  -0.969  1.00 9.70  ? 118 TRP A N   1 
ATOM   935  C CA  . TRP A 1 118 ? -14.029 10.267  -1.692  1.00 9.60  ? 118 TRP A CA  1 
ATOM   936  C C   . TRP A 1 118 ? -13.158 9.327   -0.863  1.00 8.49  ? 118 TRP A C   1 
ATOM   937  O O   . TRP A 1 118 ? -13.334 8.106   -0.972  1.00 10.44 ? 118 TRP A O   1 
ATOM   938  C CB  . TRP A 1 118 ? -13.329 10.588  -3.025  1.00 10.64 ? 118 TRP A CB  1 
ATOM   939  C CG  . TRP A 1 118 ? -14.243 10.415  -4.193  1.00 10.51 ? 118 TRP A CG  1 
ATOM   940  C CD1 . TRP A 1 118 ? -14.777 11.381  -5.032  1.00 9.93  ? 118 TRP A CD1 1 
ATOM   941  C CD2 . TRP A 1 118 ? -14.710 9.130   -4.681  1.00 10.18 ? 118 TRP A CD2 1 
ATOM   942  N NE1 . TRP A 1 118 ? -15.490 10.733  -5.995  1.00 10.20 ? 118 TRP A NE1 1 
ATOM   943  C CE2 . TRP A 1 118 ? -15.462 9.354   -5.861  1.00 11.35 ? 118 TRP A CE2 1 
ATOM   944  C CE3 . TRP A 1 118 ? -14.507 7.789   -4.282  1.00 11.47 ? 118 TRP A CE3 1 
ATOM   945  C CZ2 . TRP A 1 118 ? -16.108 8.298   -6.528  1.00 10.00 ? 118 TRP A CZ2 1 
ATOM   946  C CZ3 . TRP A 1 118 ? -15.158 6.785   -4.957  1.00 11.71 ? 118 TRP A CZ3 1 
ATOM   947  C CH2 . TRP A 1 118 ? -15.871 7.034   -6.084  1.00 11.35 ? 118 TRP A CH2 1 
ATOM   948  N N   . GLY A 1 119 ? -12.174 9.835   -0.143  1.00 8.50  ? 119 GLY A N   1 
ATOM   949  C CA  . GLY A 1 119 ? -11.350 8.931   0.665   1.00 8.36  ? 119 GLY A CA  1 
ATOM   950  C C   . GLY A 1 119 ? -10.488 7.977   -0.150  1.00 8.66  ? 119 GLY A C   1 
ATOM   951  O O   . GLY A 1 119 ? -10.209 8.254   -1.313  1.00 9.69  ? 119 GLY A O   1 
ATOM   952  N N   . TYR A 1 120 ? -10.004 6.928   0.529   1.00 7.86  ? 120 TYR A N   1 
ATOM   953  C CA  . TYR A 1 120 ? -8.943  6.025   0.037   1.00 8.00  ? 120 TYR A CA  1 
ATOM   954  C C   . TYR A 1 120 ? -9.443  4.599   0.048   1.00 8.47  ? 120 TYR A C   1 
ATOM   955  O O   . TYR A 1 120 ? -10.001 4.141   1.050   1.00 8.23  ? 120 TYR A O   1 
ATOM   956  C CB  . TYR A 1 120 ? -7.656  6.285   0.790   1.00 7.71  ? 120 TYR A CB  1 
ATOM   957  C CG  . TYR A 1 120 ? -7.309  7.738   0.609   1.00 9.01  ? 120 TYR A CG  1 
ATOM   958  C CD1 . TYR A 1 120 ? -7.842  8.734   1.398   1.00 9.09  ? 120 TYR A CD1 1 
ATOM   959  C CD2 . TYR A 1 120 ? -6.496  8.115   -0.446  1.00 8.96  ? 120 TYR A CD2 1 
ATOM   960  C CE1 . TYR A 1 120 ? -7.656  10.078  1.128   1.00 9.88  ? 120 TYR A CE1 1 
ATOM   961  C CE2 . TYR A 1 120 ? -6.217  9.450   -0.724  1.00 9.97  ? 120 TYR A CE2 1 
ATOM   962  C CZ  . TYR A 1 120 ? -6.826  10.425  0.068   1.00 11.17 ? 120 TYR A CZ  1 
ATOM   963  O OH  . TYR A 1 120 ? -6.622  11.756  -0.227  1.00 11.33 ? 120 TYR A OH  1 
ATOM   964  N N   . CYS A 1 121 ? -9.263  3.931   -1.059  1.00 8.19  ? 121 CYS A N   1 
ATOM   965  C CA  . CYS A 1 121 ? -9.919  2.641   -1.297  1.00 9.17  ? 121 CYS A CA  1 
ATOM   966  C C   . CYS A 1 121 ? -9.153  1.519   -0.646  1.00 8.42  ? 121 CYS A C   1 
ATOM   967  O O   . CYS A 1 121 ? -7.991  1.250   -1.023  1.00 10.29 ? 121 CYS A O   1 
ATOM   968  C CB  . CYS A 1 121 ? -9.960  2.351   -2.778  1.00 8.23  ? 121 CYS A CB  1 
ATOM   969  S SG  . CYS A 1 121 ? -10.693 0.734   -3.128  1.00 11.38 ? 121 CYS A SG  1 
ATOM   970  N N   . VAL A 1 122 ? -9.772  0.852   0.316   1.00 7.90  ? 122 VAL A N   1 
ATOM   971  C CA  . VAL A 1 122 ? -9.215  -0.374  0.958   1.00 9.62  ? 122 VAL A CA  1 
ATOM   972  C C   . VAL A 1 122 ? -9.446  -1.601  0.084   1.00 8.66  ? 122 VAL A C   1 
ATOM   973  O O   . VAL A 1 122 ? -10.586 -1.832  -0.440  1.00 10.27 ? 122 VAL A O   1 
ATOM   974  C CB  . VAL A 1 122 ? -9.869  -0.595  2.338   1.00 8.64  ? 122 VAL A CB  1 
ATOM   975  C CG1 . VAL A 1 122 ? -9.397  -1.921  2.984   1.00 8.84  ? 122 VAL A CG1 1 
ATOM   976  C CG2 . VAL A 1 122 ? -9.528  0.566   3.285   1.00 10.01 ? 122 VAL A CG2 1 
ATOM   977  N N   . PHE A 1 123 ? -8.392  -2.389  -0.083  1.00 8.39  ? 123 PHE A N   1 
ATOM   978  C CA  . PHE A 1 123 ? -8.408  -3.551  -1.033  1.00 8.68  ? 123 PHE A CA  1 
ATOM   979  C C   . PHE A 1 123 ? -7.683  -4.774  -0.478  1.00 8.00  ? 123 PHE A C   1 
ATOM   980  O O   . PHE A 1 123 ? -7.797  -5.821  -1.195  1.00 8.65  ? 123 PHE A O   1 
ATOM   981  C CB  . PHE A 1 123 ? -7.841  -3.136  -2.394  1.00 9.57  ? 123 PHE A CB  1 
ATOM   982  C CG  . PHE A 1 123 ? -6.343  -2.890  -2.326  1.00 9.09  ? 123 PHE A CG  1 
ATOM   983  C CD1 . PHE A 1 123 ? -5.887  -1.600  -2.066  1.00 7.69  ? 123 PHE A CD1 1 
ATOM   984  C CD2 . PHE A 1 123 ? -5.421  -3.888  -2.604  1.00 8.16  ? 123 PHE A CD2 1 
ATOM   985  C CE1 . PHE A 1 123 ? -4.525  -1.368  -1.933  1.00 7.99  ? 123 PHE A CE1 1 
ATOM   986  C CE2 . PHE A 1 123 ? -4.055  -3.637  -2.465  1.00 9.07  ? 123 PHE A CE2 1 
ATOM   987  C CZ  . PHE A 1 123 ? -3.594  -2.345  -2.205  1.00 8.44  ? 123 PHE A CZ  1 
ATOM   988  N N   . ALA A 1 124 ? -7.119  -4.702  0.681   1.00 7.63  ? 124 ALA A N   1 
ATOM   989  C CA  . ALA A 1 124 ? -6.421  -5.879  1.211   1.00 8.57  ? 124 ALA A CA  1 
ATOM   990  C C   . ALA A 1 124 ? -6.155  -5.658  2.674   1.00 8.79  ? 124 ALA A C   1 
ATOM   991  O O   . ALA A 1 124 ? -6.406  -4.600  3.182   1.00 8.43  ? 124 ALA A O   1 
ATOM   992  C CB  . ALA A 1 124 ? -5.127  -6.204  0.490   1.00 8.74  ? 124 ALA A CB  1 
ATOM   993  N N   . GLU A 1 125 ? -5.636  -6.697  3.343   1.00 9.18  ? 125 GLU A N   1 
ATOM   994  C CA  . GLU A 1 125 ? -5.297  -6.598  4.791   1.00 10.29 ? 125 GLU A CA  1 
ATOM   995  C C   . GLU A 1 125 ? -4.114  -7.508  5.096   1.00 9.58  ? 125 GLU A C   1 
ATOM   996  O O   . GLU A 1 125 ? -3.994  -8.551  4.484   1.00 9.60  ? 125 GLU A O   1 
ATOM   997  C CB  . GLU A 1 125 ? -6.489  -6.968  5.661   1.00 14.16 ? 125 GLU A CB  1 
ATOM   998  C CG  . GLU A 1 125 ? -6.280  -6.674  7.129   1.00 21.48 ? 125 GLU A CG  1 
ATOM   999  C CD  . GLU A 1 125 ? -7.533  -6.878  7.956   1.00 27.76 ? 125 GLU A CD  1 
ATOM   1000 O OE1 . GLU A 1 125 ? -8.556  -7.278  7.365   1.00 29.25 ? 125 GLU A OE1 1 
ATOM   1001 O OE2 . GLU A 1 125 ? -7.483  -6.622  9.182   1.00 34.01 ? 125 GLU A OE2 1 
ATOM   1002 N N   . VAL A 1 126 ? -3.213  -7.112  5.970   1.00 8.73  ? 126 VAL A N   1 
ATOM   1003 C CA  . VAL A 1 126 ? -2.119  -7.918  6.505   1.00 9.90  ? 126 VAL A CA  1 
ATOM   1004 C C   . VAL A 1 126 ? -2.742  -9.007  7.348   1.00 10.26 ? 126 VAL A C   1 
ATOM   1005 O O   . VAL A 1 126 ? -3.572  -8.785  8.266   1.00 14.46 ? 126 VAL A O   1 
ATOM   1006 C CB  . VAL A 1 126 ? -1.142  -7.057  7.311   1.00 9.51  ? 126 VAL A CB  1 
ATOM   1007 C CG1 . VAL A 1 126 ? -0.043  -8.015  7.836   1.00 9.43  ? 126 VAL A CG1 1 
ATOM   1008 C CG2 . VAL A 1 126 ? -0.560  -5.941  6.482   1.00 9.94  ? 126 VAL A CG2 1 
ATOM   1009 N N   . VAL A 1 127 ? -2.346  -10.251 7.059   1.00 10.18 ? 127 VAL A N   1 
ATOM   1010 C CA  . VAL A 1 127 ? -2.731  -11.423 7.924   1.00 11.78 ? 127 VAL A CA  1 
ATOM   1011 C C   . VAL A 1 127 ? -1.538  -12.045 8.651   1.00 10.54 ? 127 VAL A C   1 
ATOM   1012 O O   . VAL A 1 127 ? -1.780  -12.713 9.677   1.00 12.67 ? 127 VAL A O   1 
ATOM   1013 C CB  . VAL A 1 127 ? -3.476  -12.480 7.105   1.00 13.36 ? 127 VAL A CB  1 
ATOM   1014 C CG1 . VAL A 1 127 ? -4.740  -11.952 6.473   1.00 16.82 ? 127 VAL A CG1 1 
ATOM   1015 C CG2 . VAL A 1 127 ? -2.574  -13.110 6.099   1.00 13.22 ? 127 VAL A CG2 1 
ATOM   1016 N N   . ASP A 1 128 ? -0.326  -11.641 8.362   1.00 10.56 ? 128 ASP A N   1 
ATOM   1017 C CA  . ASP A 1 128 ? 0.858   -12.060 9.142   1.00 11.83 ? 128 ASP A CA  1 
ATOM   1018 C C   . ASP A 1 128 ? 1.960   -11.060 8.837   1.00 12.11 ? 128 ASP A C   1 
ATOM   1019 O O   . ASP A 1 128 ? 2.023   -10.514 7.721   1.00 13.20 ? 128 ASP A O   1 
ATOM   1020 C CB  . ASP A 1 128 ? 1.394   -13.446 8.775   1.00 12.79 ? 128 ASP A CB  1 
ATOM   1021 C CG  . ASP A 1 128 ? 2.242   -14.106 9.839   1.00 14.49 ? 128 ASP A CG  1 
ATOM   1022 O OD1 . ASP A 1 128 ? 2.531   -13.469 10.874  1.00 16.43 ? 128 ASP A OD1 1 
ATOM   1023 O OD2 . ASP A 1 128 ? 2.610   -15.295 9.563   1.00 19.65 ? 128 ASP A OD2 1 
ATOM   1024 N N   . GLY A 1 129 ? 2.741   -10.699 9.837   1.00 11.79 ? 129 GLY A N   1 
ATOM   1025 C CA  . GLY A 1 129 ? 3.778   -9.687  9.584   1.00 10.99 ? 129 GLY A CA  1 
ATOM   1026 C C   . GLY A 1 129 ? 3.416   -8.268  10.043  1.00 11.36 ? 129 GLY A C   1 
ATOM   1027 O O   . GLY A 1 129 ? 4.150   -7.323  9.799   1.00 11.25 ? 129 GLY A O   1 
ATOM   1028 N N   . MET A 1 130 ? 2.395   -8.117  10.857  1.00 11.34 ? 130 MET A N   1 
ATOM   1029 C CA  . MET A 1 130 ? 2.175   -6.815  11.521  1.00 12.21 ? 130 MET A CA  1 
ATOM   1030 C C   . MET A 1 130 ? 3.385   -6.499  12.451  1.00 12.07 ? 130 MET A C   1 
ATOM   1031 O O   . MET A 1 130 ? 3.684   -5.304  12.615  1.00 12.68 ? 130 MET A O   1 
ATOM   1032 C CB  . MET A 1 130 ? 0.844   -6.639  12.259  1.00 13.82 ? 130 MET A CB  1 
ATOM   1033 C CG  . MET A 1 130 ? -0.326  -6.413  11.334  1.00 15.87 ? 130 MET A CG  1 
ATOM   1034 S SD  . MET A 1 130 ? -0.237  -4.996  10.272  1.00 14.45 ? 130 MET A SD  1 
ATOM   1035 C CE  . MET A 1 130 ? -0.321  -3.590  11.387  1.00 12.44 ? 130 MET A CE  1 
ATOM   1036 N N   . ASP A 1 131 ? 4.154   -7.459  12.943  1.00 12.68 ? 131 ASP A N   1 
ATOM   1037 C CA  . ASP A 1 131 ? 5.393   -7.113  13.672  1.00 14.72 ? 131 ASP A CA  1 
ATOM   1038 C C   . ASP A 1 131 ? 6.407   -6.418  12.774  1.00 13.26 ? 131 ASP A C   1 
ATOM   1039 O O   . ASP A 1 131 ? 7.134   -5.505  13.236  1.00 13.88 ? 131 ASP A O   1 
ATOM   1040 C CB  . ASP A 1 131 ? 6.013   -8.347  14.345  1.00 17.31 ? 131 ASP A CB  1 
ATOM   1041 C CG  . ASP A 1 131 ? 6.515   -9.402  13.397  1.00 21.46 ? 131 ASP A CG  1 
ATOM   1042 O OD1 . ASP A 1 131 ? 5.792   -9.696  12.390  1.00 24.41 ? 131 ASP A OD1 1 
ATOM   1043 O OD2 . ASP A 1 131 ? 7.601   -9.995  13.691  1.00 28.39 ? 131 ASP A OD2 1 
ATOM   1044 N N   . VAL A 1 132 ? 6.464   -6.854  11.535  1.00 10.80 ? 132 VAL A N   1 
ATOM   1045 C CA  . VAL A 1 132 ? 7.376   -6.244  10.531  1.00 11.17 ? 132 VAL A CA  1 
ATOM   1046 C C   . VAL A 1 132 ? 6.912   -4.817  10.229  1.00 12.24 ? 132 VAL A C   1 
ATOM   1047 O O   . VAL A 1 132 ? 7.734   -3.865  10.235  1.00 12.73 ? 132 VAL A O   1 
ATOM   1048 C CB  . VAL A 1 132 ? 7.416   -7.061  9.224   1.00 11.56 ? 132 VAL A CB  1 
ATOM   1049 C CG1 . VAL A 1 132 ? 8.244   -6.417  8.130   1.00 10.43 ? 132 VAL A CG1 1 
ATOM   1050 C CG2 . VAL A 1 132 ? 7.959   -8.453  9.489   1.00 11.88 ? 132 VAL A CG2 1 
ATOM   1051 N N   . VAL A 1 133 ? 5.615   -4.633  9.992   1.00 11.61 ? 133 VAL A N   1 
ATOM   1052 C CA  . VAL A 1 133 ? 5.029   -3.273  9.819   1.00 11.26 ? 133 VAL A CA  1 
ATOM   1053 C C   . VAL A 1 133 ? 5.320   -2.356  11.023  1.00 11.27 ? 133 VAL A C   1 
ATOM   1054 O O   . VAL A 1 133 ? 5.733   -1.252  10.817  1.00 11.56 ? 133 VAL A O   1 
ATOM   1055 C CB  . VAL A 1 133 ? 3.515   -3.410  9.592   1.00 10.50 ? 133 VAL A CB  1 
ATOM   1056 C CG1 . VAL A 1 133 ? 2.864   -2.049  9.642   1.00 11.43 ? 133 VAL A CG1 1 
ATOM   1057 C CG2 . VAL A 1 133 ? 3.228   -4.090  8.255   1.00 11.73 ? 133 VAL A CG2 1 
ATOM   1058 N N   . ASP A 1 134 ? 5.187   -2.889  12.239  1.00 11.84 ? 134 ASP A N   1 
ATOM   1059 C CA  . ASP A 1 134 ? 5.458   -2.079  13.448  1.00 13.01 ? 134 ASP A CA  1 
ATOM   1060 C C   . ASP A 1 134 ? 6.949   -1.773  13.616  1.00 12.75 ? 134 ASP A C   1 
ATOM   1061 O O   . ASP A 1 134 ? 7.289   -0.716  14.178  1.00 15.58 ? 134 ASP A O   1 
ATOM   1062 C CB  . ASP A 1 134 ? 4.804   -2.658  14.696  1.00 13.20 ? 134 ASP A CB  1 
ATOM   1063 C CG  . ASP A 1 134 ? 3.265   -2.624  14.760  1.00 16.31 ? 134 ASP A CG  1 
ATOM   1064 O OD1 . ASP A 1 134 ? 2.614   -1.932  13.993  1.00 13.46 ? 134 ASP A OD1 1 
ATOM   1065 O OD2 . ASP A 1 134 ? 2.663   -3.415  15.566  1.00 16.26 ? 134 ASP A OD2 1 
ATOM   1066 N N   . LYS A 1 135 ? 7.839   -2.597  13.109  1.00 12.67 ? 135 LYS A N   1 
ATOM   1067 C CA  . LYS A 1 135 ? 9.292   -2.264  13.087  1.00 14.44 ? 135 LYS A CA  1 
ATOM   1068 C C   . LYS A 1 135 ? 9.454   -1.091  12.101  1.00 12.65 ? 135 LYS A C   1 
ATOM   1069 O O   . LYS A 1 135 ? 10.044  -0.011  12.488  1.00 15.50 ? 135 LYS A O   1 
ATOM   1070 C CB  . LYS A 1 135 ? 10.167  -3.475  12.758  1.00 16.95 ? 135 LYS A CB  1 
ATOM   1071 C CG  . LYS A 1 135 ? 11.678  -3.187  12.831  1.00 21.00 ? 135 LYS A CG  1 
ATOM   1072 C CD  . LYS A 1 135 ? 12.614  -4.284  12.430  1.00 23.73 ? 135 LYS A CD  1 
ATOM   1073 C CE  . LYS A 1 135 ? 14.055  -3.874  12.676  1.00 26.44 ? 135 LYS A CE  1 
ATOM   1074 N NZ  . LYS A 1 135 ? 15.006  -4.782  11.999  1.00 30.02 ? 135 LYS A NZ  1 
ATOM   1075 N N   . ILE A 1 136 ? 8.882   -1.184  10.908  1.00 10.84 ? 136 ILE A N   1 
ATOM   1076 C CA  . ILE A 1 136 ? 9.112   -0.155  9.860   1.00 12.14 ? 136 ILE A CA  1 
ATOM   1077 C C   . ILE A 1 136 ? 8.580   1.205   10.296  1.00 12.00 ? 136 ILE A C   1 
ATOM   1078 O O   . ILE A 1 136 ? 9.257   2.245   10.136  1.00 12.43 ? 136 ILE A O   1 
ATOM   1079 C CB  . ILE A 1 136 ? 8.471   -0.646  8.574   1.00 10.17 ? 136 ILE A CB  1 
ATOM   1080 C CG1 . ILE A 1 136 ? 9.195   -1.867  8.004   1.00 11.08 ? 136 ILE A CG1 1 
ATOM   1081 C CG2 . ILE A 1 136 ? 8.405   0.499   7.634   1.00 11.38 ? 136 ILE A CG2 1 
ATOM   1082 C CD1 . ILE A 1 136 ? 8.451   -2.606  6.922   1.00 11.09 ? 136 ILE A CD1 1 
ATOM   1083 N N   . LYS A 1 137 ? 7.455   1.189   10.992  1.00 10.78 ? 137 LYS A N   1 
ATOM   1084 C CA  . LYS A 1 137 ? 6.735   2.457   11.238  1.00 11.59 ? 137 LYS A CA  1 
ATOM   1085 C C   . LYS A 1 137 ? 7.530   3.344   12.199  1.00 10.40 ? 137 LYS A C   1 
ATOM   1086 O O   . LYS A 1 137 ? 7.308   4.524   12.247  1.00 11.13 ? 137 LYS A O   1 
ATOM   1087 C CB  . LYS A 1 137 ? 5.354   2.266   11.837  1.00 11.02 ? 137 LYS A CB  1 
ATOM   1088 C CG  . LYS A 1 137 ? 5.284   1.723   13.285  1.00 10.84 ? 137 LYS A CG  1 
ATOM   1089 C CD  . LYS A 1 137 ? 3.872   1.388   13.767  1.00 13.30 ? 137 LYS A CD  1 
ATOM   1090 C CE  . LYS A 1 137 ? 3.765   1.013   15.213  1.00 12.61 ? 137 LYS A CE  1 
ATOM   1091 N NZ  . LYS A 1 137 ? 4.351   2.021   16.098  1.00 16.27 ? 137 LYS A NZ  1 
ATOM   1092 N N   . GLY A 1 138 ? 8.468   2.750   12.941  1.00 11.52 ? 138 GLY A N   1 
ATOM   1093 C CA  . GLY A 1 138 ? 9.226   3.440   14.014  1.00 14.01 ? 138 GLY A CA  1 
ATOM   1094 C C   . GLY A 1 138 ? 10.580  3.964   13.580  1.00 16.25 ? 138 GLY A C   1 
ATOM   1095 O O   . GLY A 1 138 ? 11.248  4.632   14.377  1.00 17.79 ? 138 GLY A O   1 
ATOM   1096 N N   . VAL A 1 139 ? 10.954  3.808   12.338  1.00 14.78 ? 139 VAL A N   1 
ATOM   1097 C CA  . VAL A 1 139 ? 12.308  4.178   11.888  1.00 13.92 ? 139 VAL A CA  1 
ATOM   1098 C C   . VAL A 1 139 ? 12.468  5.705   11.755  1.00 14.34 ? 139 VAL A C   1 
ATOM   1099 O O   . VAL A 1 139 ? 11.491  6.424   11.523  1.00 12.97 ? 139 VAL A O   1 
ATOM   1100 C CB  . VAL A 1 139 ? 12.741  3.480   10.584  1.00 14.83 ? 139 VAL A CB  1 
ATOM   1101 C CG1 . VAL A 1 139 ? 12.663  1.978   10.749  1.00 14.33 ? 139 VAL A CG1 1 
ATOM   1102 C CG2 . VAL A 1 139 ? 11.987  3.970   9.341   1.00 15.11 ? 139 VAL A CG2 1 
ATOM   1103 N N   . ALA A 1 140 ? 13.727  6.167   11.759  1.00 14.04 ? 140 ALA A N   1 
ATOM   1104 C CA  . ALA A 1 140 ? 14.059  7.612   11.643  1.00 13.02 ? 140 ALA A CA  1 
ATOM   1105 C C   . ALA A 1 140 ? 13.815  8.029   10.204  1.00 13.08 ? 140 ALA A C   1 
ATOM   1106 O O   . ALA A 1 140 ? 14.160  7.288   9.302   1.00 13.76 ? 140 ALA A O   1 
ATOM   1107 C CB  . ALA A 1 140 ? 15.507  7.917   11.956  1.00 13.68 ? 140 ALA A CB  1 
ATOM   1108 N N   . THR A 1 141 ? 13.268  9.211   10.018  1.00 9.96  ? 141 THR A N   1 
ATOM   1109 C CA  . THR A 1 141 ? 12.898  9.781   8.687   1.00 11.22 ? 141 THR A CA  1 
ATOM   1110 C C   . THR A 1 141 ? 13.467  11.176  8.473   1.00 12.37 ? 141 THR A C   1 
ATOM   1111 O O   . THR A 1 141 ? 13.799  11.844  9.472   1.00 13.82 ? 141 THR A O   1 
ATOM   1112 C CB  . THR A 1 141 ? 11.360  9.750   8.436   1.00 10.84 ? 141 THR A CB  1 
ATOM   1113 O OG1 . THR A 1 141 ? 10.816  10.658  9.408   1.00 14.40 ? 141 THR A OG1 1 
ATOM   1114 C CG2 . THR A 1 141 ? 10.746  8.364   8.505   1.00 12.06 ? 141 THR A CG2 1 
ATOM   1115 N N   . GLY A 1 142 ? 13.422  11.615  7.261   1.00 11.46 ? 142 GLY A N   1 
ATOM   1116 C CA  . GLY A 1 142 ? 13.818  12.985  6.932   1.00 12.76 ? 142 GLY A CA  1 
ATOM   1117 C C   . GLY A 1 142 ? 13.330  13.318  5.566   1.00 11.12 ? 142 GLY A C   1 
ATOM   1118 O O   . GLY A 1 142 ? 12.543  12.556  4.953   1.00 12.85 ? 142 GLY A O   1 
ATOM   1119 N N   . ARG A 1 143 ? 13.740  14.443  4.972   1.00 10.83 ? 143 ARG A N   1 
ATOM   1120 C CA  . ARG A 1 143 ? 13.325  14.879  3.637   1.00 12.21 ? 143 ARG A CA  1 
ATOM   1121 C C   . ARG A 1 143 ? 14.275  14.253  2.612   1.00 9.69  ? 143 ARG A C   1 
ATOM   1122 O O   . ARG A 1 143 ? 15.537  14.203  2.845   1.00 10.90 ? 143 ARG A O   1 
ATOM   1123 C CB  . ARG A 1 143 ? 13.193  16.395  3.582   1.00 11.27 ? 143 ARG A CB  1 
ATOM   1124 C CG  . ARG A 1 143 ? 12.981  16.875  2.196   1.00 12.07 ? 143 ARG A CG  1 
ATOM   1125 C CD  . ARG A 1 143 ? 12.842  18.372  2.240   1.00 11.60 ? 143 ARG A CD  1 
ATOM   1126 N NE  . ARG A 1 143 ? 12.526  18.897  0.944   1.00 10.64 ? 143 ARG A NE  1 
ATOM   1127 C CZ  . ARG A 1 143 ? 12.514  20.201  0.649   1.00 11.77 ? 143 ARG A CZ  1 
ATOM   1128 N NH1 . ARG A 1 143 ? 12.683  21.062  1.641   1.00 12.38 ? 143 ARG A NH1 1 
ATOM   1129 N NH2 . ARG A 1 143 ? 12.273  20.586  -0.579  1.00 13.13 ? 143 ARG A NH2 1 
ATOM   1130 N N   . SER A 1 144 ? 13.684  13.833  1.492   1.00 10.89 ? 144 SER A N   1 
ATOM   1131 C CA  . SER A 1 144 ? 14.464  13.490  0.293   1.00 11.59 ? 144 SER A CA  1 
ATOM   1132 C C   . SER A 1 144 ? 13.703  13.963  -0.922  1.00 12.17 ? 144 SER A C   1 
ATOM   1133 O O   . SER A 1 144 ? 12.481  13.549  -1.108  1.00 13.88 ? 144 SER A O   1 
ATOM   1134 C CB  . SER A 1 144 ? 14.786  12.041  0.258   1.00 13.05 ? 144 SER A CB  1 
ATOM   1135 O OG  . SER A 1 144 ? 15.786  11.841  -0.750  1.00 15.48 ? 144 SER A OG  1 
ATOM   1136 N N   . GLY A 1 145 ? 14.370  14.757  -1.760  1.00 15.04 ? 145 GLY A N   1 
ATOM   1137 C CA  . GLY A 1 145 ? 13.651  15.456  -2.855  1.00 13.60 ? 145 GLY A CA  1 
ATOM   1138 C C   . GLY A 1 145 ? 12.525  16.294  -2.247  1.00 15.10 ? 145 GLY A C   1 
ATOM   1139 O O   . GLY A 1 145 ? 12.793  17.091  -1.327  1.00 13.42 ? 145 GLY A O   1 
ATOM   1140 N N   . MET A 1 146 ? 11.295  16.161  -2.741  1.00 17.55 ? 146 MET A N   1 
ATOM   1141 C CA  . MET A 1 146 ? 10.168  17.001  -2.266  1.00 18.00 ? 146 MET A CA  1 
ATOM   1142 C C   . MET A 1 146 ? 9.435   16.206  -1.185  1.00 17.79 ? 146 MET A C   1 
ATOM   1143 O O   . MET A 1 146 ? 8.398   16.683  -0.718  1.00 22.52 ? 146 MET A O   1 
ATOM   1144 C CB  . MET A 1 146 ? 9.169   17.337  -3.383  1.00 20.02 ? 146 MET A CB  1 
ATOM   1145 C CG  . MET A 1 146 ? 8.566   16.110  -4.096  1.00 23.85 ? 146 MET A CG  1 
ATOM   1146 S SD  . MET A 1 146 ? 6.901   16.335  -4.850  1.00 43.55 ? 146 MET A SD  1 
ATOM   1147 C CE  . MET A 1 146 ? 7.299   17.488  -6.166  1.00 42.82 ? 146 MET A CE  1 
ATOM   1148 N N   . HIS A 1 147 ? 9.875   14.984  -0.867  1.00 15.01 ? 147 HIS A N   1 
ATOM   1149 C CA  . HIS A 1 147 ? 9.151   14.032  -0.018  1.00 15.72 ? 147 HIS A CA  1 
ATOM   1150 C C   . HIS A 1 147 ? 9.596   14.212  1.411   1.00 15.49 ? 147 HIS A C   1 
ATOM   1151 O O   . HIS A 1 147 ? 10.784  14.367  1.701   1.00 15.90 ? 147 HIS A O   1 
ATOM   1152 C CB  . HIS A 1 147 ? 9.370   12.619  -0.559  1.00 15.40 ? 147 HIS A CB  1 
ATOM   1153 C CG  . HIS A 1 147 ? 8.896   12.515  -1.978  1.00 18.50 ? 147 HIS A CG  1 
ATOM   1154 N ND1 . HIS A 1 147 ? 7.560   12.299  -2.315  1.00 24.05 ? 147 HIS A ND1 1 
ATOM   1155 C CD2 . HIS A 1 147 ? 9.543   12.707  -3.144  1.00 18.89 ? 147 HIS A CD2 1 
ATOM   1156 C CE1 . HIS A 1 147 ? 7.441   12.320  -3.637  1.00 18.53 ? 147 HIS A CE1 1 
ATOM   1157 N NE2 . HIS A 1 147 ? 8.634   12.575  -4.184  1.00 23.09 ? 147 HIS A NE2 1 
ATOM   1158 N N   . GLN A 1 148 ? 8.609   14.292  2.284   1.00 15.33 ? 148 GLN A N   1 
ATOM   1159 C CA  . GLN A 1 148 ? 8.828   14.370  3.704   1.00 17.41 ? 148 GLN A CA  1 
ATOM   1160 C C   . GLN A 1 148 ? 8.583   12.905  4.098   1.00 15.69 ? 148 GLN A C   1 
ATOM   1161 O O   . GLN A 1 148 ? 7.967   12.137  3.309   1.00 20.78 ? 148 GLN A O   1 
ATOM   1162 C CB  . GLN A 1 148 ? 7.972   15.501  4.335   1.00 19.55 ? 148 GLN A CB  1 
ATOM   1163 C CG  . GLN A 1 148 ? 7.726   16.711  3.410   1.00 22.06 ? 148 GLN A CG  1 
ATOM   1164 C CD  . GLN A 1 148 ? 8.979   17.454  3.004   1.00 25.61 ? 148 GLN A CD  1 
ATOM   1165 O OE1 . GLN A 1 148 ? 9.946   17.528  3.757   1.00 31.65 ? 148 GLN A OE1 1 
ATOM   1166 N NE2 . GLN A 1 148 ? 8.975   18.028  1.802   1.00 26.62 ? 148 GLN A NE2 1 
ATOM   1167 N N   . ASP A 1 149 ? 9.178   12.559  5.186   1.00 15.14 ? 149 ASP A N   1 
ATOM   1168 C CA  . ASP A 1 149 ? 8.992   11.311  5.944   1.00 11.45 ? 149 ASP A CA  1 
ATOM   1169 C C   . ASP A 1 149 ? 9.655   10.157  5.234   1.00 10.38 ? 149 ASP A C   1 
ATOM   1170 O O   . ASP A 1 149 ? 9.115   9.033   5.314   1.00 9.88  ? 149 ASP A O   1 
ATOM   1171 C CB  . ASP A 1 149 ? 7.522   11.115  6.277   1.00 10.02 ? 149 ASP A CB  1 
ATOM   1172 C CG  . ASP A 1 149 ? 6.954   12.297  7.068   1.00 12.84 ? 149 ASP A CG  1 
ATOM   1173 O OD1 . ASP A 1 149 ? 7.319   12.411  8.256   1.00 15.35 ? 149 ASP A OD1 1 
ATOM   1174 O OD2 . ASP A 1 149 ? 6.188   13.048  6.491   1.00 13.68 ? 149 ASP A OD2 1 
ATOM   1175 N N   . VAL A 1 150 ? 10.784  10.368  4.562   1.00 10.32 ? 150 VAL A N   1 
ATOM   1176 C CA  . VAL A 1 150 ? 11.514  9.272   3.889   1.00 9.97  ? 150 VAL A CA  1 
ATOM   1177 C C   . VAL A 1 150 ? 12.479  8.647   4.871   1.00 10.99 ? 150 VAL A C   1 
ATOM   1178 O O   . VAL A 1 150 ? 13.289  9.332   5.546   1.00 9.71  ? 150 VAL A O   1 
ATOM   1179 C CB  . VAL A 1 150 ? 12.340  9.823   2.762   1.00 10.45 ? 150 VAL A CB  1 
ATOM   1180 C CG1 . VAL A 1 150 ? 13.139  8.756   2.048   1.00 12.31 ? 150 VAL A CG1 1 
ATOM   1181 C CG2 . VAL A 1 150 ? 11.471  10.612  1.813   1.00 10.49 ? 150 VAL A CG2 1 
ATOM   1182 N N   . PRO A 1 151 ? 12.405  7.346   5.189   1.00 8.88  ? 151 PRO A N   1 
ATOM   1183 C CA  . PRO A 1 151 ? 13.404  6.702   6.056   1.00 12.12 ? 151 PRO A CA  1 
ATOM   1184 C C   . PRO A 1 151 ? 14.819  7.051   5.604   1.00 11.74 ? 151 PRO A C   1 
ATOM   1185 O O   . PRO A 1 151 ? 15.181  7.028   4.451   1.00 11.67 ? 151 PRO A O   1 
ATOM   1186 C CB  . PRO A 1 151 ? 13.144  5.187   5.851   1.00 10.77 ? 151 PRO A CB  1 
ATOM   1187 C CG  . PRO A 1 151 ? 11.649  5.141   5.531   1.00 10.98 ? 151 PRO A CG  1 
ATOM   1188 C CD  . PRO A 1 151 ? 11.359  6.356   4.700   1.00 9.80  ? 151 PRO A CD  1 
ATOM   1189 N N   . LYS A 1 152 ? 15.624  7.385   6.626   1.00 13.35 ? 152 LYS A N   1 
ATOM   1190 C CA  . LYS A 1 152 ? 17.066  7.653   6.485   1.00 13.17 ? 152 LYS A CA  1 
ATOM   1191 C C   . LYS A 1 152 ? 17.808  6.445   5.980   1.00 15.04 ? 152 LYS A C   1 
ATOM   1192 O O   . LYS A 1 152 ? 18.737  6.654   5.210   1.00 16.99 ? 152 LYS A O   1 
ATOM   1193 C CB  . LYS A 1 152 ? 17.623  8.202   7.791   1.00 12.86 ? 152 LYS A CB  1 
ATOM   1194 C CG  . LYS A 1 152 ? 17.035  9.575   8.111   1.00 15.16 ? 152 LYS A CG  1 
ATOM   1195 C CD  . LYS A 1 152 ? 17.678  10.220  9.293   1.00 18.73 ? 152 LYS A CD  1 
ATOM   1196 C CE  . LYS A 1 152 ? 17.010  11.515  9.639   1.00 24.11 ? 152 LYS A CE  1 
ATOM   1197 N NZ  . LYS A 1 152 ? 17.940  12.378  10.401  1.00 25.81 ? 152 LYS A NZ  1 
ATOM   1198 N N   . GLU A 1 153 ? 17.425  5.261   6.418   1.00 15.12 ? 153 GLU A N   1 
ATOM   1199 C CA  . GLU A 1 153 ? 17.995  3.975   5.874   1.00 13.49 ? 153 GLU A CA  1 
ATOM   1200 C C   . GLU A 1 153 ? 16.886  3.307   5.075   1.00 13.38 ? 153 GLU A C   1 
ATOM   1201 O O   . GLU A 1 153 ? 15.763  3.162   5.599   1.00 13.84 ? 153 GLU A O   1 
ATOM   1202 C CB  . GLU A 1 153 ? 18.480  3.030   7.000   1.00 16.96 ? 153 GLU A CB  1 
ATOM   1203 C CG  . GLU A 1 153 ? 19.817  3.442   7.602   1.00 25.49 ? 153 GLU A CG  1 
ATOM   1204 C CD  . GLU A 1 153 ? 20.550  2.444   8.500   1.00 33.77 ? 153 GLU A CD  1 
ATOM   1205 O OE1 . GLU A 1 153 ? 20.569  1.226   8.195   1.00 38.11 ? 153 GLU A OE1 1 
ATOM   1206 O OE2 . GLU A 1 153 ? 21.083  2.878   9.530   1.00 39.36 ? 153 GLU A OE2 1 
ATOM   1207 N N   . ASP A 1 154 ? 17.145  2.957   3.822   1.00 12.84 ? 154 ASP A N   1 
ATOM   1208 C CA  . ASP A 1 154 ? 16.089  2.435   2.948   1.00 12.19 ? 154 ASP A CA  1 
ATOM   1209 C C   . ASP A 1 154 ? 15.444  1.197   3.558   1.00 10.95 ? 154 ASP A C   1 
ATOM   1210 O O   . ASP A 1 154 ? 16.166  0.341   4.020   1.00 11.29 ? 154 ASP A O   1 
ATOM   1211 C CB  . ASP A 1 154 ? 16.715  2.115   1.616   1.00 13.62 ? 154 ASP A CB  1 
ATOM   1212 C CG  . ASP A 1 154 ? 17.108  3.347   0.823   1.00 16.25 ? 154 ASP A CG  1 
ATOM   1213 O OD1 . ASP A 1 154 ? 16.526  4.462   1.053   1.00 16.17 ? 154 ASP A OD1 1 
ATOM   1214 O OD2 . ASP A 1 154 ? 17.934  3.190   -0.050  1.00 17.66 ? 154 ASP A OD2 1 
ATOM   1215 N N   . VAL A 1 155 ? 14.105  1.145   3.525   1.00 9.15  ? 155 VAL A N   1 
ATOM   1216 C CA  . VAL A 1 155 ? 13.257  -0.007  3.882   1.00 10.26 ? 155 VAL A CA  1 
ATOM   1217 C C   . VAL A 1 155 ? 12.811  -0.545  2.529   1.00 9.28  ? 155 VAL A C   1 
ATOM   1218 O O   . VAL A 1 155 ? 12.049  0.082   1.840   1.00 12.85 ? 155 VAL A O   1 
ATOM   1219 C CB  . VAL A 1 155 ? 12.077  0.362   4.807   1.00 10.36 ? 155 VAL A CB  1 
ATOM   1220 C CG1 . VAL A 1 155 ? 11.279  -0.860  5.194   1.00 12.18 ? 155 VAL A CG1 1 
ATOM   1221 C CG2 . VAL A 1 155 ? 12.554  1.109   6.031   1.00 12.90 ? 155 VAL A CG2 1 
ATOM   1222 N N   . ILE A 1 156 ? 13.438  -1.634  2.145   1.00 11.69 ? 156 ILE A N   1 
ATOM   1223 C CA  . ILE A 1 156 ? 13.379  -2.180  0.779   1.00 10.86 ? 156 ILE A CA  1 
ATOM   1224 C C   . ILE A 1 156 ? 12.367  -3.315  0.743   1.00 9.03  ? 156 ILE A C   1 
ATOM   1225 O O   . ILE A 1 156 ? 12.438  -4.259  1.594   1.00 10.25 ? 156 ILE A O   1 
ATOM   1226 C CB  . ILE A 1 156 ? 14.798  -2.587  0.328   1.00 13.45 ? 156 ILE A CB  1 
ATOM   1227 C CG1 . ILE A 1 156 ? 15.723  -1.364  0.207   1.00 16.07 ? 156 ILE A CG1 1 
ATOM   1228 C CG2 . ILE A 1 156 ? 14.755  -3.371  -0.989  1.00 14.68 ? 156 ILE A CG2 1 
ATOM   1229 C CD1 . ILE A 1 156 ? 17.178  -1.673  0.182   1.00 18.60 ? 156 ILE A CD1 1 
ATOM   1230 N N   . ILE A 1 157 ? 11.500  -3.187  -0.235  1.00 9.91  ? 157 ILE A N   1 
ATOM   1231 C CA  . ILE A 1 157 ? 10.710  -4.325  -0.740  1.00 10.02 ? 157 ILE A CA  1 
ATOM   1232 C C   . ILE A 1 157 ? 11.572  -5.071  -1.757  1.00 9.50  ? 157 ILE A C   1 
ATOM   1233 O O   . ILE A 1 157 ? 11.708  -4.604  -2.873  1.00 10.48 ? 157 ILE A O   1 
ATOM   1234 C CB  . ILE A 1 157 ? 9.343   -3.900  -1.304  1.00 11.20 ? 157 ILE A CB  1 
ATOM   1235 C CG1 . ILE A 1 157 ? 8.538   -3.157  -0.239  1.00 12.76 ? 157 ILE A CG1 1 
ATOM   1236 C CG2 . ILE A 1 157 ? 8.569   -5.117  -1.790  1.00 12.52 ? 157 ILE A CG2 1 
ATOM   1237 C CD1 . ILE A 1 157 ? 8.699   -1.689  -0.196  1.00 15.26 ? 157 ILE A CD1 1 
ATOM   1238 N N   . GLU A 1 158 ? 12.124  -6.225  -1.381  1.00 9.77  ? 158 GLU A N   1 
ATOM   1239 C CA  . GLU A 1 158 ? 13.052  -6.959  -2.276  1.00 10.35 ? 158 GLU A CA  1 
ATOM   1240 C C   . GLU A 1 158 ? 12.292  -7.577  -3.450  1.00 8.88  ? 158 GLU A C   1 
ATOM   1241 O O   . GLU A 1 158 ? 12.650  -7.458  -4.606  1.00 9.83  ? 158 GLU A O   1 
ATOM   1242 C CB  . GLU A 1 158 ? 13.863  -7.987  -1.504  1.00 10.65 ? 158 GLU A CB  1 
ATOM   1243 C CG  . GLU A 1 158 ? 14.980  -8.642  -2.279  1.00 13.05 ? 158 GLU A CG  1 
ATOM   1244 C CD  . GLU A 1 158 ? 16.160  -7.741  -2.451  1.00 13.06 ? 158 GLU A CD  1 
ATOM   1245 O OE1 . GLU A 1 158 ? 16.715  -7.309  -1.423  1.00 19.18 ? 158 GLU A OE1 1 
ATOM   1246 O OE2 . GLU A 1 158 ? 16.534  -7.524  -3.650  1.00 13.85 ? 158 GLU A OE2 1 
ATOM   1247 N N   . SER A 1 159 ? 11.176  -8.219  -3.116  1.00 10.41 ? 159 SER A N   1 
ATOM   1248 C CA  . SER A 1 159 ? 10.285  -8.804  -4.105  1.00 10.15 ? 159 SER A CA  1 
ATOM   1249 C C   . SER A 1 159 ? 8.897   -8.999  -3.497  1.00 8.63  ? 159 SER A C   1 
ATOM   1250 O O   . SER A 1 159 ? 8.701   -8.890  -2.297  1.00 8.56  ? 159 SER A O   1 
ATOM   1251 C CB  . SER A 1 159 ? 10.820  -10.114 -4.612  1.00 10.16 ? 159 SER A CB  1 
ATOM   1252 O OG  . SER A 1 159 ? 10.840  -11.104 -3.630  1.00 9.58  ? 159 SER A OG  1 
ATOM   1253 N N   . VAL A 1 160 ? 7.974   -9.161  -4.390  1.00 11.14 ? 160 VAL A N   1 
ATOM   1254 C CA  . VAL A 1 160 ? 6.615   -9.513  -3.972  1.00 10.95 ? 160 VAL A CA  1 
ATOM   1255 C C   . VAL A 1 160 ? 6.233   -10.781 -4.710  1.00 12.82 ? 160 VAL A C   1 
ATOM   1256 O O   . VAL A 1 160 ? 6.424   -10.811 -5.911  1.00 15.89 ? 160 VAL A O   1 
ATOM   1257 C CB  . VAL A 1 160 ? 5.622   -8.397  -4.290  1.00 13.38 ? 160 VAL A CB  1 
ATOM   1258 C CG1 . VAL A 1 160 ? 4.217   -8.870  -3.957  1.00 15.87 ? 160 VAL A CG1 1 
ATOM   1259 C CG2 . VAL A 1 160 ? 5.895   -7.103  -3.586  1.00 13.55 ? 160 VAL A CG2 1 
ATOM   1260 N N   . THR A 1 161 ? 5.662   -11.758 -4.008  1.00 10.38 ? 161 THR A N   1 
ATOM   1261 C CA  . THR A 1 161 ? 5.206   -13.049 -4.639  1.00 10.88 ? 161 THR A CA  1 
ATOM   1262 C C   . THR A 1 161 ? 3.702   -13.174 -4.410  1.00 11.54 ? 161 THR A C   1 
ATOM   1263 O O   . THR A 1 161 ? 3.175   -12.776 -3.390  1.00 13.39 ? 161 THR A O   1 
ATOM   1264 C CB  . THR A 1 161 ? 6.009   -14.239 -4.111  1.00 15.26 ? 161 THR A CB  1 
ATOM   1265 O OG1 . THR A 1 161 ? 5.763   -14.349 -2.729  1.00 15.64 ? 161 THR A OG1 1 
ATOM   1266 C CG2 . THR A 1 161 ? 7.499   -14.134 -4.281  1.00 17.85 ? 161 THR A CG2 1 
ATOM   1267 N N   . VAL A 1 162 ? 3.017   -13.632 -5.431  1.00 12.39 ? 162 VAL A N   1 
ATOM   1268 C CA  . VAL A 1 162 ? 1.562   -13.889 -5.485  1.00 11.46 ? 162 VAL A CA  1 
ATOM   1269 C C   . VAL A 1 162 ? 1.349   -15.400 -5.533  1.00 12.81 ? 162 VAL A C   1 
ATOM   1270 O O   . VAL A 1 162 ? 1.972   -16.073 -6.381  1.00 13.33 ? 162 VAL A O   1 
ATOM   1271 C CB  . VAL A 1 162 ? 0.920   -13.157 -6.667  1.00 13.38 ? 162 VAL A CB  1 
ATOM   1272 C CG1 . VAL A 1 162 ? -0.571  -13.390 -6.668  1.00 12.10 ? 162 VAL A CG1 1 
ATOM   1273 C CG2 . VAL A 1 162 ? 1.293   -11.696 -6.569  1.00 13.49 ? 162 VAL A CG2 1 
ATOM   1274 N N   . SER A 1 163 ? 0.474   -15.936 -4.718  1.00 11.09 ? 163 SER A N   1 
ATOM   1275 C CA  . SER A 1 163 ? 0.127   -17.391 -4.762  1.00 13.65 ? 163 SER A CA  1 
ATOM   1276 C C   . SER A 1 163 ? -1.395  -17.536 -4.873  1.00 15.61 ? 163 SER A C   1 
ATOM   1277 O O   . SER A 1 163 ? -2.083  -16.845 -4.150  1.00 18.59 ? 163 SER A O   1 
ATOM   1278 C CB  . SER A 1 163 ? 0.621   -18.100 -3.518  1.00 15.18 ? 163 SER A CB  1 
ATOM   1279 O OG  . SER A 1 163 ? 0.122   -19.423 -3.377  1.00 24.59 ? 163 SER A OG  1 
ATOM   1280 N N   . GLU A 1 164 ? -1.906  -18.484 -5.668  1.00 12.74 ? 164 GLU A N   1 
ATOM   1281 C CA  . GLU A 1 164 ? -3.351  -18.759 -5.796  1.00 13.59 ? 164 GLU A CA  1 
ATOM   1282 C C   . GLU A 1 164 ? -3.626  -20.149 -5.214  1.00 12.31 ? 164 GLU A C   1 
ATOM   1283 O O   . GLU A 1 164 ? -4.786  -20.564 -5.296  1.00 15.19 ? 164 GLU A O   1 
ATOM   1284 C CB  . GLU A 1 164 ? -3.797  -18.698 -7.260  1.00 15.22 ? 164 GLU A CB  1 
ATOM   1285 C CG  . GLU A 1 164 ? -3.478  -17.388 -7.894  1.00 17.67 ? 164 GLU A CG  1 
ATOM   1286 C CD  . GLU A 1 164 ? -4.007  -17.270 -9.304  1.00 17.70 ? 164 GLU A CD  1 
ATOM   1287 O OE1 . GLU A 1 164 ? -4.360  -18.306 -9.929  1.00 16.34 ? 164 GLU A OE1 1 
ATOM   1288 O OE2 . GLU A 1 164 ? -3.996  -16.134 -9.843  1.00 19.88 ? 164 GLU A OE2 1 
ATOM   1289 N N   . HIS A 1 165 ? -2.678  -20.713 -4.507  1.00 11.61 ? 165 HIS A N   1 
ATOM   1290 C CA  . HIS A 1 165 ? -2.851  -22.047 -3.868  1.00 12.27 ? 165 HIS A CA  1 
ATOM   1291 C C   . HIS A 1 165 ? -3.703  -21.992 -2.600  1.00 11.64 ? 165 HIS A C   1 
ATOM   1292 O O   . HIS A 1 165 ? -3.834  -20.908 -1.988  1.00 13.10 ? 165 HIS A O   1 
ATOM   1293 C CB  . HIS A 1 165 ? -1.508  -22.731 -3.604  1.00 13.56 ? 165 HIS A CB  1 
ATOM   1294 C CG  . HIS A 1 165 ? -0.900  -23.348 -4.827  1.00 17.43 ? 165 HIS A CG  1 
ATOM   1295 N ND1 . HIS A 1 165 ? -1.199  -24.650 -5.216  1.00 19.20 ? 165 HIS A ND1 1 
ATOM   1296 C CD2 . HIS A 1 165 ? -0.111  -22.863 -5.837  1.00 19.86 ? 165 HIS A CD2 1 
ATOM   1297 C CE1 . HIS A 1 165 ? -0.607  -24.959 -6.370  1.00 19.66 ? 165 HIS A CE1 1 
ATOM   1298 N NE2 . HIS A 1 165 ? 0.108   -23.876 -6.764  1.00 21.34 ? 165 HIS A NE2 1 
ATOM   1299 N N   . HIS A 1 166 ? -4.203  -23.135 -2.141  1.00 10.84 ? 166 HIS A N   1 
ATOM   1300 C CA  . HIS A 1 166 ? -4.821  -23.353 -0.841  1.00 11.64 ? 166 HIS A CA  1 
ATOM   1301 C C   . HIS A 1 166 ? -3.923  -22.797 0.228   1.00 12.55 ? 166 HIS A C   1 
ATOM   1302 O O   . HIS A 1 166 ? -2.678  -22.876 0.137   1.00 13.54 ? 166 HIS A O   1 
ATOM   1303 C CB  . HIS A 1 166 ? -5.149  -24.838 -0.641  1.00 11.50 ? 166 HIS A CB  1 
ATOM   1304 C CG  . HIS A 1 166 ? -3.977  -25.755 -0.559  1.00 12.09 ? 166 HIS A CG  1 
ATOM   1305 N ND1 . HIS A 1 166 ? -3.220  -26.086 -1.681  1.00 12.12 ? 166 HIS A ND1 1 
ATOM   1306 C CD2 . HIS A 1 166 ? -3.380  -26.364 0.495   1.00 13.75 ? 166 HIS A CD2 1 
ATOM   1307 C CE1 . HIS A 1 166 ? -2.223  -26.858 -1.310  1.00 15.01 ? 166 HIS A CE1 1 
ATOM   1308 N NE2 . HIS A 1 166 ? -2.368  -27.110 -0.044  1.00 13.09 ? 166 HIS A NE2 1 
ATOM   1309 N N   . HIS A 1 167 ? -4.523  -22.265 1.236   1.00 12.82 ? 167 HIS A N   1 
ATOM   1310 C CA  . HIS A 1 167 ? -3.734  -21.697 2.321   1.00 11.97 ? 167 HIS A CA  1 
ATOM   1311 C C   . HIS A 1 167 ? -4.525  -21.768 3.625   1.00 11.09 ? 167 HIS A C   1 
ATOM   1312 O O   . HIS A 1 167 ? -5.715  -22.157 3.633   1.00 11.54 ? 167 HIS A O   1 
ATOM   1313 C CB  . HIS A 1 167 ? -3.367  -20.259 2.032   1.00 12.71 ? 167 HIS A CB  1 
ATOM   1314 C CG  . HIS A 1 167 ? -4.564  -19.392 1.795   1.00 14.74 ? 167 HIS A CG  1 
ATOM   1315 N ND1 . HIS A 1 167 ? -5.310  -18.871 2.857   1.00 16.81 ? 167 HIS A ND1 1 
ATOM   1316 C CD2 . HIS A 1 167 ? -5.247  -19.043 0.684   1.00 14.68 ? 167 HIS A CD2 1 
ATOM   1317 C CE1 . HIS A 1 167 ? -6.349  -18.206 2.405   1.00 17.04 ? 167 HIS A CE1 1 
ATOM   1318 N NE2 . HIS A 1 167 ? -6.305  -18.240 1.047   1.00 16.18 ? 167 HIS A NE2 1 
ATOM   1319 N N   . HIS A 1 168 ? -3.868  -21.450 4.744   1.00 11.96 ? 168 HIS A N   1 
ATOM   1320 C CA  . HIS A 1 168 ? -4.559  -21.546 6.053   1.00 14.35 ? 168 HIS A CA  1 
ATOM   1321 C C   . HIS A 1 168 ? -4.982  -20.197 6.663   1.00 15.57 ? 168 HIS A C   1 
ATOM   1322 O O   . HIS A 1 168 ? -5.382  -20.207 7.836   1.00 19.18 ? 168 HIS A O   1 
ATOM   1323 C CB  . HIS A 1 168 ? -3.738  -22.345 7.072   1.00 20.23 ? 168 HIS A CB  1 
ATOM   1324 C CG  . HIS A 1 168 ? -2.441  -21.677 7.354   1.00 21.92 ? 168 HIS A CG  1 
ATOM   1325 N ND1 . HIS A 1 168 ? -1.414  -21.639 6.431   1.00 30.56 ? 168 HIS A ND1 1 
ATOM   1326 C CD2 . HIS A 1 168 ? -2.039  -20.877 8.369   1.00 32.39 ? 168 HIS A CD2 1 
ATOM   1327 C CE1 . HIS A 1 168 ? -0.406  -20.916 6.896   1.00 33.20 ? 168 HIS A CE1 1 
ATOM   1328 N NE2 . HIS A 1 168 ? -0.764  -20.430 8.083   1.00 31.77 ? 168 HIS A NE2 1 
ATOM   1329 N N   . HIS A 1 169 ? -5.125  -19.165 5.849   1.00 14.89 ? 169 HIS A N   1 
ATOM   1330 C CA  . HIS A 1 169 ? -5.500  -17.804 6.346   1.00 16.16 ? 169 HIS A CA  1 
ATOM   1331 C C   . HIS A 1 169 ? -7.011  -17.666 6.195   1.00 16.23 ? 169 HIS A C   1 
ATOM   1332 O O   . HIS A 1 169 ? -7.506  -16.932 5.248   1.00 17.17 ? 169 HIS A O   1 
ATOM   1333 C CB  . HIS A 1 169 ? -4.689  -16.720 5.643   1.00 17.69 ? 169 HIS A CB  1 
ATOM   1334 C CG  . HIS A 1 169 ? -3.238  -16.774 5.972   1.00 17.98 ? 169 HIS A CG  1 
ATOM   1335 N ND1 . HIS A 1 169 ? -2.791  -16.548 7.259   1.00 21.14 ? 169 HIS A ND1 1 
ATOM   1336 C CD2 . HIS A 1 169 ? -2.147  -17.183 5.278   1.00 19.03 ? 169 HIS A CD2 1 
ATOM   1337 C CE1 . HIS A 1 169 ? -1.484  -16.727 7.325   1.00 21.77 ? 169 HIS A CE1 1 
ATOM   1338 N NE2 . HIS A 1 169 ? -1.064  -17.118 6.125   1.00 19.23 ? 169 HIS A NE2 1 
ATOM   1339 N N   . HIS A 1 170 ? -7.726  -18.406 7.042   1.00 17.51 ? 170 HIS A N   1 
ATOM   1340 C CA  . HIS A 1 170 ? -9.203  -18.365 7.080   1.00 18.44 ? 170 HIS A CA  1 
ATOM   1341 C C   . HIS A 1 170 ? -9.637  -17.894 8.493   1.00 18.24 ? 170 HIS A C   1 
ATOM   1342 O O   . HIS A 1 170 ? -10.616 -18.507 8.995   1.00 22.91 ? 170 HIS A O   1 
ATOM   1343 C CB  . HIS A 1 170 ? -9.713  -19.725 6.582   1.00 16.90 ? 170 HIS A CB  1 
ATOM   1344 C CG  . HIS A 1 170 ? -9.374  -20.088 5.173   1.00 16.83 ? 170 HIS A CG  1 
ATOM   1345 N ND1 . HIS A 1 170 ? -10.285 -19.845 4.183   1.00 19.61 ? 170 HIS A ND1 1 
ATOM   1346 C CD2 . HIS A 1 170 ? -8.317  -20.712 4.575   1.00 14.77 ? 170 HIS A CD2 1 
ATOM   1347 C CE1 . HIS A 1 170 ? -9.800  -20.289 3.024   1.00 20.90 ? 170 HIS A CE1 1 
ATOM   1348 N NE2 . HIS A 1 170 ? -8.583  -20.790 3.242   1.00 18.66 ? 170 HIS A NE2 1 
HETATM 1349 O O   . HOH B 2 .   ? -0.938  -21.012 4.276   1.00 24.19 ? 201 HOH A O   1 
HETATM 1350 O O   . HOH B 2 .   ? 6.365   -11.763 11.465  1.00 27.86 ? 202 HOH A O   1 
HETATM 1351 O O   . HOH B 2 .   ? -15.821 -1.913  -9.363  1.00 24.13 ? 203 HOH A O   1 
HETATM 1352 O O   . HOH B 2 .   ? -8.171  -4.314  9.872   1.00 20.93 ? 204 HOH A O   1 
HETATM 1353 O O   . HOH B 2 .   ? 19.586  1.305   -0.405  1.00 23.29 ? 205 HOH A O   1 
HETATM 1354 O O   . HOH B 2 .   ? -9.756  14.066  -3.661  1.00 22.54 ? 206 HOH A O   1 
HETATM 1355 O O   . HOH B 2 .   ? -15.588 -2.020  -15.394 1.00 28.43 ? 207 HOH A O   1 
HETATM 1356 O O   . HOH B 2 .   ? 20.031  12.658  11.863  1.00 34.28 ? 208 HOH A O   1 
HETATM 1357 O O   . HOH B 2 .   ? -19.979 0.991   -4.700  1.00 27.38 ? 209 HOH A O   1 
HETATM 1358 O O   . HOH B 2 .   ? 5.999   -11.272 -8.404  1.00 29.41 ? 210 HOH A O   1 
HETATM 1359 O O   . HOH B 2 .   ? -19.230 5.665   -5.345  1.00 18.28 ? 211 HOH A O   1 
HETATM 1360 O O   . HOH B 2 .   ? -3.771  -25.348 -4.101  1.00 15.06 ? 212 HOH A O   1 
HETATM 1361 O O   . HOH B 2 .   ? -11.592 3.136   9.916   1.00 19.65 ? 213 HOH A O   1 
HETATM 1362 O O   . HOH B 2 .   ? 11.143  18.970  5.554   1.00 22.00 ? 214 HOH A O   1 
HETATM 1363 O O   . HOH B 2 .   ? -6.666  -22.356 -5.437  1.00 17.99 ? 215 HOH A O   1 
HETATM 1364 O O   . HOH B 2 .   ? -6.863  2.003   -15.893 1.00 25.00 ? 216 HOH A O   1 
HETATM 1365 O O   . HOH B 2 .   ? 5.844   12.182  -6.754  1.00 28.88 ? 217 HOH A O   1 
HETATM 1366 O O   . HOH B 2 .   ? -20.309 6.707   -8.773  1.00 15.26 ? 218 HOH A O   1 
HETATM 1367 O O   . HOH B 2 .   ? -8.329  -12.987 -1.702  1.00 25.97 ? 219 HOH A O   1 
HETATM 1368 O O   . HOH B 2 .   ? -9.767  1.986   -6.325  1.00 10.58 ? 220 HOH A O   1 
HETATM 1369 O O   . HOH B 2 .   ? 8.099   10.386  9.733   1.00 13.57 ? 221 HOH A O   1 
HETATM 1370 O O   . HOH B 2 .   ? 8.028   3.719   -2.913  1.00 13.77 ? 222 HOH A O   1 
HETATM 1371 O O   . HOH B 2 .   ? -12.306 12.660  5.723   1.00 24.86 ? 223 HOH A O   1 
HETATM 1372 O O   . HOH B 2 .   ? -18.760 -0.213  12.190  1.00 22.05 ? 224 HOH A O   1 
HETATM 1373 O O   . HOH B 2 .   ? 9.457   -2.505  -12.873 1.00 22.04 ? 225 HOH A O   1 
HETATM 1374 O O   . HOH B 2 .   ? -4.108  -13.781 -8.630  1.00 29.08 ? 226 HOH A O   1 
HETATM 1375 O O   . HOH B 2 .   ? 16.441  -4.655  -4.033  1.00 28.04 ? 227 HOH A O   1 
HETATM 1376 O O   . HOH B 2 .   ? 12.119  0.220   14.122  1.00 29.84 ? 228 HOH A O   1 
HETATM 1377 O O   . HOH B 2 .   ? -18.848 14.175  -0.103  1.00 17.76 ? 229 HOH A O   1 
HETATM 1378 O O   . HOH B 2 .   ? -1.303  5.252   -6.532  1.00 13.93 ? 230 HOH A O   1 
HETATM 1379 O O   . HOH B 2 .   ? 17.583  12.828  1.819   1.00 20.56 ? 231 HOH A O   1 
HETATM 1380 O O   . HOH B 2 .   ? -4.450  -1.141  -14.461 1.00 23.89 ? 232 HOH A O   1 
HETATM 1381 O O   . HOH B 2 .   ? 14.954  -7.988  -5.928  1.00 24.52 ? 233 HOH A O   1 
HETATM 1382 O O   . HOH B 2 .   ? -3.768  -9.821  -15.534 1.00 28.50 ? 234 HOH A O   1 
HETATM 1383 O O   . HOH B 2 .   ? -3.453  8.411   12.404  1.00 15.42 ? 235 HOH A O   1 
HETATM 1384 O O   . HOH B 2 .   ? -20.194 1.631   9.107   1.00 29.40 ? 236 HOH A O   1 
HETATM 1385 O O   . HOH B 2 .   ? 5.879   5.087   -9.197  1.00 19.87 ? 237 HOH A O   1 
HETATM 1386 O O   . HOH B 2 .   ? -16.018 4.237   -8.740  1.00 29.55 ? 238 HOH A O   1 
HETATM 1387 O O   . HOH B 2 .   ? 12.417  -1.563  -9.473  1.00 23.31 ? 239 HOH A O   1 
HETATM 1388 O O   . HOH B 2 .   ? 19.585  5.231   -0.645  1.00 23.88 ? 240 HOH A O   1 
HETATM 1389 O O   . HOH B 2 .   ? 6.545   -12.128 8.790   1.00 19.35 ? 241 HOH A O   1 
HETATM 1390 O O   . HOH B 2 .   ? -3.209  -12.679 11.962  1.00 25.82 ? 242 HOH A O   1 
HETATM 1391 O O   . HOH B 2 .   ? 11.665  -11.093 3.477   1.00 14.89 ? 243 HOH A O   1 
HETATM 1392 O O   . HOH B 2 .   ? 15.011  2.756   8.168   1.00 21.75 ? 244 HOH A O   1 
HETATM 1393 O O   . HOH B 2 .   ? 7.698   -4.982  15.832  1.00 22.37 ? 245 HOH A O   1 
HETATM 1394 O O   . HOH B 2 .   ? 8.935   6.705   12.376  1.00 14.79 ? 246 HOH A O   1 
HETATM 1395 O O   . HOH B 2 .   ? -19.363 -1.275  6.012   1.00 20.10 ? 247 HOH A O   1 
HETATM 1396 O O   . HOH B 2 .   ? 10.979  13.330  8.976   1.00 21.68 ? 248 HOH A O   1 
HETATM 1397 O O   . HOH B 2 .   ? 21.429  6.586   5.570   1.00 34.96 ? 249 HOH A O   1 
HETATM 1398 O O   . HOH B 2 .   ? -3.953  0.843   -16.132 1.00 22.44 ? 250 HOH A O   1 
HETATM 1399 O O   . HOH B 2 .   ? -2.289  1.750   -12.579 1.00 11.33 ? 251 HOH A O   1 
HETATM 1400 O O   . HOH B 2 .   ? 16.275  -0.611  6.567   1.00 20.54 ? 252 HOH A O   1 
HETATM 1401 O O   . HOH B 2 .   ? -13.044 1.220   -14.506 1.00 34.83 ? 253 HOH A O   1 
HETATM 1402 O O   . HOH B 2 .   ? -5.392  -16.528 -1.980  1.00 23.81 ? 254 HOH A O   1 
HETATM 1403 O O   . HOH B 2 .   ? 14.350  5.566   2.279   1.00 12.47 ? 255 HOH A O   1 
HETATM 1404 O O   . HOH B 2 .   ? 15.770  5.109   8.968   1.00 16.69 ? 256 HOH A O   1 
HETATM 1405 O O   . HOH B 2 .   ? 1.533   -17.516 5.375   1.00 32.26 ? 257 HOH A O   1 
HETATM 1406 O O   . HOH B 2 .   ? -10.072 -8.782  -9.391  1.00 25.73 ? 258 HOH A O   1 
HETATM 1407 O O   . HOH B 2 .   ? 0.284   6.929   -14.891 1.00 20.58 ? 259 HOH A O   1 
HETATM 1408 O O   . HOH B 2 .   ? 3.921   -16.197 2.405   1.00 23.79 ? 260 HOH A O   1 
HETATM 1409 O O   . HOH B 2 .   ? -16.763 4.247   4.041   1.00 16.81 ? 261 HOH A O   1 
HETATM 1410 O O   . HOH B 2 .   ? -4.466  -1.235  -7.116  1.00 12.63 ? 262 HOH A O   1 
HETATM 1411 O O   . HOH B 2 .   ? -8.346  -1.968  14.714  1.00 22.13 ? 263 HOH A O   1 
HETATM 1412 O O   . HOH B 2 .   ? -0.033  1.318   16.031  1.00 18.75 ? 264 HOH A O   1 
HETATM 1413 O O   . HOH B 2 .   ? 6.534   -6.764  -7.626  1.00 11.14 ? 265 HOH A O   1 
HETATM 1414 O O   . HOH B 2 .   ? -17.356 7.192   6.153   1.00 23.75 ? 266 HOH A O   1 
HETATM 1415 O O   . HOH B 2 .   ? 4.308   9.851   -2.635  1.00 17.80 ? 267 HOH A O   1 
HETATM 1416 O O   . HOH B 2 .   ? 18.745  -0.498  3.486   1.00 23.27 ? 268 HOH A O   1 
HETATM 1417 O O   . HOH B 2 .   ? 7.090   1.150   16.221  1.00 27.15 ? 269 HOH A O   1 
HETATM 1418 O O   . HOH B 2 .   ? -16.232 13.501  -7.811  1.00 21.19 ? 270 HOH A O   1 
HETATM 1419 O O   . HOH B 2 .   ? -12.594 4.282   2.036   1.00 10.43 ? 271 HOH A O   1 
HETATM 1420 O O   . HOH B 2 .   ? 16.234  6.219   -1.083  1.00 18.21 ? 272 HOH A O   1 
HETATM 1421 O O   . HOH B 2 .   ? -7.519  -21.911 0.928   1.00 15.03 ? 273 HOH A O   1 
HETATM 1422 O O   . HOH B 2 .   ? -16.280 -3.165  6.637   1.00 40.82 ? 274 HOH A O   1 
HETATM 1423 O O   . HOH B 2 .   ? -8.586  -17.411 -0.318  1.00 31.17 ? 275 HOH A O   1 
HETATM 1424 O O   . HOH B 2 .   ? -18.931 2.479   1.471   1.00 15.33 ? 276 HOH A O   1 
HETATM 1425 O O   . HOH B 2 .   ? 14.810  14.355  10.167  1.00 24.99 ? 277 HOH A O   1 
HETATM 1426 O O   . HOH B 2 .   ? -15.676 2.492   2.549   1.00 12.32 ? 278 HOH A O   1 
HETATM 1427 O O   . HOH B 2 .   ? 12.667  3.430   2.675   1.00 11.34 ? 279 HOH A O   1 
HETATM 1428 O O   . HOH B 2 .   ? -5.443  -18.203 -12.506 1.00 21.40 ? 280 HOH A O   1 
HETATM 1429 O O   . HOH B 2 .   ? 5.033   -13.154 -12.384 1.00 21.30 ? 281 HOH A O   1 
HETATM 1430 O O   . HOH B 2 .   ? -13.748 9.742   6.505   1.00 29.83 ? 282 HOH A O   1 
HETATM 1431 O O   . HOH B 2 .   ? -8.353  5.947   -7.962  1.00 11.45 ? 283 HOH A O   1 
HETATM 1432 O O   . HOH B 2 .   ? -9.111  6.485   -13.926 1.00 27.85 ? 284 HOH A O   1 
HETATM 1433 O O   . HOH B 2 .   ? 7.838   -4.360  -14.128 1.00 32.97 ? 285 HOH A O   1 
HETATM 1434 O O   . HOH B 2 .   ? -2.755  9.531   -11.761 1.00 15.35 ? 286 HOH A O   1 
HETATM 1435 O O   . HOH B 2 .   ? 6.032   -15.567 4.933   1.00 28.66 ? 287 HOH A O   1 
HETATM 1436 O O   . HOH B 2 .   ? -7.842  5.479   -3.022  1.00 9.63  ? 288 HOH A O   1 
HETATM 1437 O O   . HOH B 2 .   ? -9.484  7.116   13.216  1.00 22.74 ? 289 HOH A O   1 
HETATM 1438 O O   . HOH B 2 .   ? -21.911 11.764  -2.560  1.00 13.76 ? 290 HOH A O   1 
HETATM 1439 O O   . HOH B 2 .   ? -5.428  13.975  -9.607  1.00 15.92 ? 291 HOH A O   1 
HETATM 1440 O O   . HOH B 2 .   ? 1.493   -8.466  -14.566 1.00 18.53 ? 292 HOH A O   1 
HETATM 1441 O O   . HOH B 2 .   ? 4.769   13.056  4.043   1.00 15.15 ? 293 HOH A O   1 
HETATM 1442 O O   . HOH B 2 .   ? -6.914  14.167  1.227   1.00 21.94 ? 294 HOH A O   1 
HETATM 1443 O O   . HOH B 2 .   ? -4.462  -12.764 -3.737  1.00 18.37 ? 295 HOH A O   1 
HETATM 1444 O O   . HOH B 2 .   ? 4.100   10.660  13.911  1.00 31.52 ? 296 HOH A O   1 
HETATM 1445 O O   . HOH B 2 .   ? 2.012   -15.117 -1.063  1.00 20.61 ? 297 HOH A O   1 
HETATM 1446 O O   . HOH B 2 .   ? -18.814 -4.037  2.325   1.00 23.51 ? 298 HOH A O   1 
HETATM 1447 O O   . HOH B 2 .   ? 15.637  10.313  4.293   1.00 19.02 ? 299 HOH A O   1 
HETATM 1448 O O   . HOH B 2 .   ? 4.384   -0.240  -15.321 1.00 34.49 ? 300 HOH A O   1 
HETATM 1449 O O   . HOH B 2 .   ? -4.290  -6.681  10.034  1.00 24.93 ? 301 HOH A O   1 
HETATM 1450 O O   . HOH B 2 .   ? 5.940   13.877  1.386   1.00 32.31 ? 302 HOH A O   1 
HETATM 1451 O O   . HOH B 2 .   ? 5.629   15.506  7.815   1.00 26.43 ? 303 HOH A O   1 
HETATM 1452 O O   . HOH B 2 .   ? -9.291  11.722  3.651   1.00 15.99 ? 304 HOH A O   1 
HETATM 1453 O O   . HOH B 2 .   ? -18.727 13.656  2.633   1.00 17.86 ? 305 HOH A O   1 
HETATM 1454 O O   . HOH B 2 .   ? 11.780  19.842  -3.289  1.00 32.46 ? 306 HOH A O   1 
HETATM 1455 O O   . HOH B 2 .   ? 3.905   6.701   -8.426  1.00 20.65 ? 307 HOH A O   1 
HETATM 1456 O O   . HOH B 2 .   ? -8.038  -3.370  -12.922 1.00 21.64 ? 308 HOH A O   1 
HETATM 1457 O O   . HOH B 2 .   ? 15.848  4.509   12.741  1.00 20.91 ? 309 HOH A O   1 
HETATM 1458 O O   . HOH B 2 .   ? -16.461 3.585   -5.244  1.00 15.09 ? 310 HOH A O   1 
HETATM 1459 O O   . HOH B 2 .   ? 11.163  14.615  -5.155  1.00 26.92 ? 311 HOH A O   1 
HETATM 1460 O O   . HOH B 2 .   ? -12.647 1.485   1.117   1.00 10.77 ? 312 HOH A O   1 
HETATM 1461 O O   . HOH B 2 .   ? 0.748   -23.868 -9.565  1.00 28.82 ? 313 HOH A O   1 
HETATM 1462 O O   . HOH B 2 .   ? 12.014  10.506  -9.628  1.00 25.02 ? 314 HOH A O   1 
HETATM 1463 O O   . HOH B 2 .   ? 2.150   14.356  5.381   1.00 23.73 ? 315 HOH A O   1 
HETATM 1464 O O   . HOH B 2 .   ? 9.339   -12.512 8.237   1.00 27.11 ? 316 HOH A O   1 
HETATM 1465 O O   . HOH B 2 .   ? -13.634 -2.856  6.845   1.00 22.48 ? 317 HOH A O   1 
HETATM 1466 O O   . HOH B 2 .   ? 0.731   10.394  13.489  1.00 27.87 ? 318 HOH A O   1 
HETATM 1467 O O   . HOH B 2 .   ? -13.320 11.010  3.523   1.00 22.81 ? 319 HOH A O   1 
HETATM 1468 O O   . HOH B 2 .   ? -5.946  -19.045 -2.723  1.00 21.42 ? 320 HOH A O   1 
HETATM 1469 O O   . HOH B 2 .   ? -11.028 11.399  -11.267 1.00 20.13 ? 321 HOH A O   1 
HETATM 1470 O O   . HOH B 2 .   ? 7.288   8.821   12.048  1.00 15.69 ? 322 HOH A O   1 
HETATM 1471 O O   . HOH B 2 .   ? 1.963   7.554   -10.400 1.00 28.71 ? 323 HOH A O   1 
HETATM 1472 O O   . HOH B 2 .   ? 3.112   0.936   18.513  1.00 27.48 ? 324 HOH A O   1 
HETATM 1473 O O   . HOH B 2 .   ? -6.580  2.405   16.113  1.00 19.56 ? 325 HOH A O   1 
HETATM 1474 O O   . HOH B 2 .   ? -14.975 18.614  -1.794  1.00 26.21 ? 326 HOH A O   1 
HETATM 1475 O O   . HOH B 2 .   ? 0.400   -10.024 11.868  1.00 16.18 ? 327 HOH A O   1 
HETATM 1476 O O   . HOH B 2 .   ? 8.721   -11.136 -7.718  1.00 28.60 ? 328 HOH A O   1 
HETATM 1477 O O   . HOH B 2 .   ? -10.858 12.547  -0.419  1.00 19.24 ? 329 HOH A O   1 
HETATM 1478 O O   . HOH B 2 .   ? 16.646  9.060   -0.270  1.00 18.06 ? 330 HOH A O   1 
HETATM 1479 O O   . HOH B 2 .   ? -6.980  -18.568 -5.344  1.00 24.06 ? 331 HOH A O   1 
HETATM 1480 O O   . HOH B 2 .   ? -6.283  6.798   -17.981 1.00 36.70 ? 332 HOH A O   1 
HETATM 1481 O O   . HOH B 2 .   ? 1.837   3.576   15.778  1.00 17.75 ? 333 HOH A O   1 
HETATM 1482 O O   . HOH B 2 .   ? 10.322  -7.884  -13.608 1.00 25.86 ? 334 HOH A O   1 
HETATM 1483 O O   . HOH B 2 .   ? 18.462  -4.903  -1.157  1.00 24.97 ? 335 HOH A O   1 
HETATM 1484 O O   . HOH B 2 .   ? 16.644  12.736  5.199   1.00 16.44 ? 336 HOH A O   1 
HETATM 1485 O O   . HOH B 2 .   ? -5.801  -13.197 -1.027  1.00 17.92 ? 337 HOH A O   1 
HETATM 1486 O O   . HOH B 2 .   ? 0.194   -19.848 -7.326  1.00 27.27 ? 338 HOH A O   1 
HETATM 1487 O O   . HOH B 2 .   ? -15.424 6.468   9.047   1.00 28.92 ? 339 HOH A O   1 
HETATM 1488 O O   . HOH B 2 .   ? 5.875   11.471  0.058   1.00 18.84 ? 340 HOH A O   1 
HETATM 1489 O O   . HOH B 2 .   ? -0.314  -10.230 -14.320 1.00 23.03 ? 341 HOH A O   1 
HETATM 1490 O O   . HOH B 2 .   ? -11.490 -21.402 9.232   1.00 28.58 ? 342 HOH A O   1 
HETATM 1491 O O   . HOH B 2 .   ? -12.578 -2.929  9.053   1.00 37.11 ? 343 HOH A O   1 
HETATM 1492 O O   . HOH B 2 .   ? 12.531  -8.099  -10.396 1.00 25.28 ? 344 HOH A O   1 
HETATM 1493 O O   . HOH B 2 .   ? -1.704  -6.360  15.182  1.00 37.45 ? 345 HOH A O   1 
HETATM 1494 O O   . HOH B 2 .   ? 12.433  10.472  12.682  1.00 20.06 ? 346 HOH A O   1 
HETATM 1495 O O   . HOH B 2 .   ? 5.082   13.647  9.960   1.00 30.98 ? 347 HOH A O   1 
HETATM 1496 O O   . HOH B 2 .   ? 4.371   10.515  -5.316  1.00 23.19 ? 348 HOH A O   1 
HETATM 1497 O O   . HOH B 2 .   ? -10.137 13.615  2.242   1.00 31.07 ? 349 HOH A O   1 
HETATM 1498 O O   . HOH B 2 .   ? -9.296  18.454  -2.646  1.00 36.28 ? 350 HOH A O   1 
HETATM 1499 O O   . HOH B 2 .   ? 10.217  2.748   -14.528 1.00 41.22 ? 351 HOH A O   1 
HETATM 1500 O O   . HOH B 2 .   ? 5.051   -15.018 -7.395  1.00 27.43 ? 352 HOH A O   1 
HETATM 1501 O O   . HOH B 2 .   ? -13.849 -9.040  -0.763  1.00 23.18 ? 353 HOH A O   1 
HETATM 1502 O O   . HOH B 2 .   ? -0.935  -2.904  -13.155 1.00 25.09 ? 354 HOH A O   1 
HETATM 1503 O O   . HOH B 2 .   ? -16.935 0.348   -5.281  1.00 25.80 ? 355 HOH A O   1 
HETATM 1504 O O   . HOH B 2 .   ? 8.908   7.274   15.180  1.00 27.54 ? 356 HOH A O   1 
HETATM 1505 O O   . HOH B 2 .   ? 1.150   -0.978  17.213  1.00 31.73 ? 357 HOH A O   1 
HETATM 1506 O O   . HOH B 2 .   ? 17.040  9.057   2.575   1.00 19.18 ? 358 HOH A O   1 
HETATM 1507 O O   . HOH B 2 .   ? 3.594   -8.005  16.191  1.00 30.89 ? 359 HOH A O   1 
HETATM 1508 O O   . HOH B 2 .   ? 4.496   -4.540  -18.003 1.00 27.58 ? 360 HOH A O   1 
HETATM 1509 O O   . HOH B 2 .   ? 10.971  -10.886 10.938  1.00 36.83 ? 361 HOH A O   1 
HETATM 1510 O O   . HOH B 2 .   ? -3.500  -5.717  12.085  1.00 32.75 ? 362 HOH A O   1 
HETATM 1511 O O   . HOH B 2 .   ? 12.152  -12.846 5.455   1.00 23.96 ? 363 HOH A O   1 
HETATM 1512 O O   . HOH B 2 .   ? 18.013  -4.825  1.499   1.00 24.19 ? 364 HOH A O   1 
HETATM 1513 O O   . HOH B 2 .   ? -5.158  18.567  -2.403  1.00 38.52 ? 365 HOH A O   1 
HETATM 1514 O O   . HOH B 2 .   ? -7.795  -10.469 -9.339  1.00 36.89 ? 366 HOH A O   1 
HETATM 1515 O O   . HOH B 2 .   ? -13.708 1.794   11.090  1.00 42.62 ? 367 HOH A O   1 
HETATM 1516 O O   . HOH B 2 .   ? 18.565  9.610   12.932  1.00 28.79 ? 368 HOH A O   1 
HETATM 1517 O O   . HOH B 2 .   ? -8.260  4.240   -5.529  1.00 12.00 ? 369 HOH A O   1 
HETATM 1518 O O   . HOH B 2 .   ? -9.185  -4.887  12.267  1.00 37.74 ? 370 HOH A O   1 
HETATM 1519 O O   . HOH B 2 .   ? 18.012  5.007   10.467  1.00 22.81 ? 371 HOH A O   1 
HETATM 1520 O O   . HOH B 2 .   ? 14.160  18.166  -4.779  1.00 30.12 ? 372 HOH A O   1 
HETATM 1521 O O   . HOH B 2 .   ? -0.992  -1.662  18.444  1.00 32.62 ? 373 HOH A O   1 
HETATM 1522 O O   . HOH B 2 .   ? -5.464  -13.610 -5.995  1.00 26.41 ? 374 HOH A O   1 
HETATM 1523 O O   . HOH B 2 .   ? 3.507   11.237  -0.620  1.00 25.82 ? 375 HOH A O   1 
HETATM 1524 O O   . HOH B 2 .   ? -1.148  -26.708 -9.230  1.00 26.53 ? 376 HOH A O   1 
HETATM 1525 O O   . HOH B 2 .   ? 14.355  -9.173  -7.822  1.00 26.18 ? 377 HOH A O   1 
HETATM 1526 O O   . HOH B 2 .   ? 19.728  9.946   3.057   1.00 23.35 ? 378 HOH A O   1 
HETATM 1527 O O   . HOH B 2 .   ? -14.110 -6.375  -12.280 1.00 25.39 ? 379 HOH A O   1 
HETATM 1528 O O   . HOH B 2 .   ? -10.282 -2.787  16.343  1.00 36.83 ? 380 HOH A O   1 
HETATM 1529 O O   . HOH B 2 .   ? -18.467 -4.962  -7.863  1.00 32.05 ? 381 HOH A O   1 
HETATM 1530 O O   . HOH B 2 .   ? 9.777   6.694   18.508  1.00 42.03 ? 382 HOH A O   1 
HETATM 1531 O O   . HOH B 2 .   ? 0.569   10.361  -9.859  1.00 38.53 ? 383 HOH A O   1 
HETATM 1532 O O   . HOH B 2 .   ? -5.440  13.322  -12.397 1.00 28.81 ? 384 HOH A O   1 
HETATM 1533 O O   . HOH B 2 .   ? 4.897   14.593  -7.389  1.00 30.90 ? 385 HOH A O   1 
HETATM 1534 O O   . HOH B 2 .   ? 7.247   10.470  14.377  1.00 32.26 ? 386 HOH A O   1 
HETATM 1535 O O   . HOH B 2 .   ? 15.981  0.151   11.732  1.00 39.68 ? 387 HOH A O   1 
HETATM 1536 O O   . HOH B 2 .   ? -7.977  14.464  -12.897 1.00 36.12 ? 388 HOH A O   1 
HETATM 1537 O O   . HOH B 2 .   ? 2.526   13.786  -8.588  1.00 39.46 ? 389 HOH A O   1 
# 
